data_6Y7B
#
_entry.id   6Y7B
#
_cell.length_a   161.270
_cell.length_b   161.270
_cell.length_c   124.660
_cell.angle_alpha   90.000
_cell.angle_beta   90.000
_cell.angle_gamma   120.000
#
_symmetry.space_group_name_H-M   'P 3 2 1'
#
loop_
_entity.id
_entity.type
_entity.pdbx_description
1 polymer 'Haloalkane dehalogenase'
2 non-polymer '4-[2-[2-(6-chloranylhexoxy)ethoxy]ethylcarbamoyl]-2-[3-(dimethylamino)-6-(dimethyl-$l^{4}-azanylidene)-10,10-dimethyl-anthracen-9-yl]benzoic acid'
3 non-polymer 'CHLORIDE ION'
#
_entity_poly.entity_id   1
_entity_poly.type   'polypeptide(L)'
_entity_poly.pdbx_seq_one_letter_code
;GIGTGFPFDPHYVEVLGERMHYVDVGPRDGTPVLFLHGNPTSSYVWRNIIPHVAPTHRCIAPDLIGMGKSDKPDLGYFFD
DHVRFMDAFIEALGLEEVVLVIHDWGSALGFHWAKRNPERVKGIAFMEFIRPIPTWDEWPEFARETFQAFRTTDVGRKLI
IDQNVFIEGTLPMGVVRPLTEVEMDHYREPFLNPVDREPLWRFPNELPIAGEPANIVALVEEYMDWLHQSPVPKLLFWGT
PGVLIPPAEAARLAKSLPNCKAVDIGPGLNLLQEDNPDLIGSEIARWLSTLEI
;
_entity_poly.pdbx_strand_id   A,B,C,D,E
#
loop_
_chem_comp.id
_chem_comp.type
_chem_comp.name
_chem_comp.formula
CL non-polymer 'CHLORIDE ION' 'Cl -1'
OEK non-polymer '4-[2-[2-(6-chloranylhexoxy)ethoxy]ethylcarbamoyl]-2-[3-(dimethylamino)-6-(dimethyl-$l^{4}-azanylidene)-10,10-dimethyl-anthracen-9-yl]benzoic acid' 'C38 H49 Cl N3 O5 1'
#
# COMPACT_ATOMS: atom_id res chain seq x y z
N GLY A 1 -29.35 47.26 -3.11
CA GLY A 1 -29.51 46.11 -3.97
C GLY A 1 -29.66 44.78 -3.26
N ILE A 2 -28.65 43.92 -3.42
CA ILE A 2 -28.63 42.59 -2.83
C ILE A 2 -28.11 42.70 -1.39
N GLY A 3 -29.01 42.53 -0.41
CA GLY A 3 -28.68 42.66 0.99
C GLY A 3 -27.49 41.86 1.49
N THR A 4 -26.62 42.53 2.24
CA THR A 4 -25.38 41.97 2.76
C THR A 4 -25.48 41.44 4.20
N GLY A 5 -26.54 41.77 4.93
CA GLY A 5 -26.67 41.30 6.30
C GLY A 5 -26.98 39.82 6.40
N PHE A 6 -26.83 39.29 7.63
CA PHE A 6 -27.07 37.88 7.93
C PHE A 6 -27.99 37.80 9.14
N PRO A 7 -29.29 38.05 8.95
CA PRO A 7 -30.24 38.09 10.07
C PRO A 7 -30.80 36.74 10.50
N PHE A 8 -29.90 35.80 10.82
CA PHE A 8 -30.30 34.45 11.20
C PHE A 8 -29.77 34.10 12.59
N ASP A 9 -30.65 33.60 13.45
CA ASP A 9 -30.22 33.17 14.78
C ASP A 9 -29.25 32.01 14.63
N PRO A 10 -28.09 32.05 15.31
CA PRO A 10 -27.14 30.94 15.19
C PRO A 10 -27.64 29.71 15.93
N HIS A 11 -27.60 28.56 15.26
CA HIS A 11 -27.95 27.29 15.86
C HIS A 11 -26.71 26.42 15.88
N TYR A 12 -26.53 25.64 16.95
CA TYR A 12 -25.36 24.77 17.03
C TYR A 12 -25.79 23.35 17.34
N VAL A 13 -25.18 22.39 16.64
CA VAL A 13 -25.42 20.99 16.92
C VAL A 13 -24.07 20.29 16.99
N GLU A 14 -23.92 19.41 17.98
CA GLU A 14 -22.68 18.66 18.14
C GLU A 14 -22.72 17.41 17.28
N VAL A 15 -21.67 17.25 16.46
CA VAL A 15 -21.52 16.23 15.46
C VAL A 15 -20.12 15.67 15.60
N LEU A 16 -20.03 14.38 15.96
CA LEU A 16 -18.76 13.69 16.15
C LEU A 16 -17.79 14.51 17.03
N GLY A 17 -18.33 15.08 18.10
CA GLY A 17 -17.52 15.81 19.06
C GLY A 17 -17.19 17.24 18.70
N GLU A 18 -17.62 17.74 17.55
CA GLU A 18 -17.37 19.12 17.16
C GLU A 18 -18.72 19.82 17.05
N ARG A 19 -18.75 21.15 17.18
CA ARG A 19 -20.00 21.87 16.94
C ARG A 19 -20.06 22.41 15.53
N MET A 20 -21.23 22.23 14.91
CA MET A 20 -21.51 22.75 13.59
C MET A 20 -22.59 23.80 13.73
N HIS A 21 -22.28 25.03 13.30
CA HIS A 21 -23.26 26.09 13.23
C HIS A 21 -24.17 25.87 12.04
N TYR A 22 -25.44 26.23 12.21
CA TYR A 22 -26.42 26.08 11.15
C TYR A 22 -27.55 27.09 11.36
N VAL A 23 -28.12 27.52 10.23
CA VAL A 23 -29.34 28.30 10.18
C VAL A 23 -30.53 27.34 10.19
N ASP A 24 -31.56 27.67 10.97
CA ASP A 24 -32.80 26.90 11.04
C ASP A 24 -33.94 27.90 11.12
N VAL A 25 -34.71 28.01 10.04
CA VAL A 25 -35.87 28.89 10.02
C VAL A 25 -37.03 28.18 9.33
N GLY A 26 -38.23 28.76 9.47
CA GLY A 26 -39.39 28.25 8.79
C GLY A 26 -40.26 27.32 9.62
N PRO A 27 -41.37 26.87 9.05
CA PRO A 27 -42.28 25.98 9.77
C PRO A 27 -41.67 24.62 10.05
N ARG A 28 -42.06 24.04 11.19
CA ARG A 28 -41.49 22.80 11.68
C ARG A 28 -42.32 21.57 11.31
N ASP A 29 -43.47 21.75 10.66
CA ASP A 29 -44.42 20.67 10.51
C ASP A 29 -44.23 19.82 9.26
N GLY A 30 -43.63 20.38 8.20
CA GLY A 30 -43.51 19.70 6.93
C GLY A 30 -42.15 19.08 6.69
N THR A 31 -41.81 18.92 5.42
CA THR A 31 -40.51 18.45 4.97
C THR A 31 -39.52 19.62 4.90
N PRO A 32 -38.32 19.50 5.45
CA PRO A 32 -37.37 20.61 5.43
C PRO A 32 -36.46 20.62 4.20
N VAL A 33 -35.98 21.81 3.88
CA VAL A 33 -35.07 22.03 2.77
C VAL A 33 -33.68 22.27 3.36
N LEU A 34 -32.72 21.45 2.94
CA LEU A 34 -31.35 21.45 3.44
C LEU A 34 -30.46 22.17 2.44
N PHE A 35 -29.80 23.24 2.87
CA PHE A 35 -28.95 24.06 2.01
C PHE A 35 -27.47 23.77 2.28
N LEU A 36 -26.78 23.24 1.26
CA LEU A 36 -25.35 22.90 1.36
C LEU A 36 -24.49 23.82 0.49
N HIS A 37 -23.66 24.64 1.14
CA HIS A 37 -22.69 25.50 0.48
C HIS A 37 -21.42 24.72 0.14
N GLY A 38 -20.50 25.39 -0.56
CA GLY A 38 -19.23 24.83 -0.99
C GLY A 38 -18.06 25.69 -0.56
N ASN A 39 -17.02 25.69 -1.43
CA ASN A 39 -15.74 26.39 -1.27
C ASN A 39 -15.75 27.69 -2.05
N PRO A 40 -15.33 28.83 -1.46
CA PRO A 40 -14.92 29.05 -0.07
C PRO A 40 -16.00 29.71 0.78
N THR A 41 -17.25 29.38 0.50
CA THR A 41 -18.40 30.04 1.11
C THR A 41 -18.79 29.39 2.44
N SER A 42 -19.88 29.90 3.01
CA SER A 42 -20.53 29.33 4.18
C SER A 42 -22.04 29.37 3.93
N SER A 43 -22.83 29.18 4.98
CA SER A 43 -24.27 29.38 4.83
C SER A 43 -24.61 30.82 4.46
N TYR A 44 -23.66 31.74 4.63
CA TYR A 44 -23.87 33.14 4.24
C TYR A 44 -24.26 33.28 2.78
N VAL A 45 -23.85 32.32 1.94
CA VAL A 45 -24.15 32.41 0.51
C VAL A 45 -25.64 32.23 0.27
N TRP A 46 -26.34 31.53 1.16
CA TRP A 46 -27.78 31.33 1.03
C TRP A 46 -28.61 32.44 1.66
N ARG A 47 -27.96 33.53 2.09
CA ARG A 47 -28.66 34.49 2.95
C ARG A 47 -29.81 35.19 2.24
N ASN A 48 -29.73 35.35 0.91
CA ASN A 48 -30.73 36.06 0.14
C ASN A 48 -31.64 35.14 -0.66
N ILE A 49 -31.47 33.82 -0.53
CA ILE A 49 -32.34 32.86 -1.17
C ILE A 49 -33.30 32.30 -0.15
N ILE A 50 -32.81 32.16 1.09
CA ILE A 50 -33.64 31.59 2.15
C ILE A 50 -34.90 32.39 2.42
N PRO A 51 -34.88 33.73 2.51
CA PRO A 51 -36.13 34.46 2.82
C PRO A 51 -37.26 34.21 1.83
N HIS A 52 -36.99 33.74 0.62
CA HIS A 52 -38.06 33.38 -0.32
C HIS A 52 -38.72 32.06 0.05
N VAL A 53 -38.01 31.19 0.77
CA VAL A 53 -38.45 29.82 1.02
C VAL A 53 -38.95 29.67 2.45
N ALA A 54 -38.38 30.46 3.37
CA ALA A 54 -38.77 30.39 4.77
C ALA A 54 -40.25 30.55 5.02
N PRO A 55 -41.00 31.43 4.33
CA PRO A 55 -42.44 31.53 4.60
C PRO A 55 -43.19 30.21 4.53
N THR A 56 -42.79 29.27 3.66
CA THR A 56 -43.53 28.03 3.49
C THR A 56 -42.79 26.77 3.92
N HIS A 57 -41.47 26.75 3.93
CA HIS A 57 -40.75 25.52 4.24
C HIS A 57 -39.57 25.78 5.17
N ARG A 58 -39.18 24.73 5.89
CA ARG A 58 -38.06 24.82 6.82
C ARG A 58 -36.75 24.86 6.05
N CYS A 59 -35.93 25.86 6.36
CA CYS A 59 -34.61 26.01 5.79
C CYS A 59 -33.56 25.66 6.84
N ILE A 60 -32.68 24.70 6.48
CA ILE A 60 -31.54 24.28 7.31
C ILE A 60 -30.27 24.50 6.48
N ALA A 61 -29.38 25.35 6.98
CA ALA A 61 -28.16 25.73 6.26
C ALA A 61 -26.95 25.59 7.18
N PRO A 62 -26.27 24.44 7.15
CA PRO A 62 -25.09 24.27 8.00
C PRO A 62 -23.85 24.90 7.42
N ASP A 63 -22.94 25.27 8.31
CA ASP A 63 -21.57 25.58 7.92
C ASP A 63 -20.77 24.29 7.99
N LEU A 64 -20.08 23.96 6.89
CA LEU A 64 -19.28 22.75 6.84
C LEU A 64 -18.22 22.75 7.93
N ILE A 65 -17.80 21.55 8.33
CA ILE A 65 -16.79 21.44 9.37
C ILE A 65 -15.53 22.19 8.93
N GLY A 66 -14.96 22.96 9.85
CA GLY A 66 -13.79 23.77 9.55
C GLY A 66 -14.06 25.08 8.87
N MET A 67 -15.31 25.38 8.52
CA MET A 67 -15.64 26.60 7.79
C MET A 67 -16.78 27.34 8.47
N GLY A 68 -16.91 28.62 8.13
CA GLY A 68 -17.96 29.44 8.72
C GLY A 68 -17.82 29.52 10.22
N LYS A 69 -18.94 29.39 10.92
CA LYS A 69 -18.97 29.43 12.37
C LYS A 69 -18.93 28.03 13.00
N SER A 70 -18.63 27.00 12.22
CA SER A 70 -18.45 25.67 12.80
C SER A 70 -17.06 25.52 13.40
N ASP A 71 -16.91 24.53 14.27
CA ASP A 71 -15.60 24.27 14.84
C ASP A 71 -14.61 23.89 13.75
N LYS A 72 -13.34 24.10 14.03
CA LYS A 72 -12.28 23.91 13.04
C LYS A 72 -11.20 23.00 13.60
N PRO A 73 -11.47 21.71 13.70
CA PRO A 73 -10.43 20.77 14.14
C PRO A 73 -9.31 20.65 13.10
N ASP A 74 -8.21 20.06 13.54
CA ASP A 74 -7.02 19.87 12.71
C ASP A 74 -7.19 18.62 11.84
N LEU A 75 -8.02 18.76 10.81
CA LEU A 75 -8.29 17.66 9.88
C LEU A 75 -7.66 17.92 8.52
N GLY A 76 -7.56 16.84 7.74
CA GLY A 76 -7.11 16.99 6.37
C GLY A 76 -8.15 17.64 5.47
N TYR A 77 -9.41 17.62 5.88
CA TYR A 77 -10.52 18.25 5.16
C TYR A 77 -10.64 17.74 3.73
N PHE A 78 -10.36 16.45 3.55
CA PHE A 78 -10.70 15.81 2.29
C PHE A 78 -12.23 15.77 2.13
N PHE A 79 -12.66 15.41 0.92
CA PHE A 79 -14.10 15.29 0.69
C PHE A 79 -14.72 14.26 1.63
N ASP A 80 -14.04 13.14 1.86
CA ASP A 80 -14.59 12.12 2.75
C ASP A 80 -14.79 12.62 4.17
N ASP A 81 -13.91 13.51 4.63
CA ASP A 81 -14.07 14.08 5.96
C ASP A 81 -15.40 14.81 6.06
N HIS A 82 -15.70 15.64 5.04
CA HIS A 82 -16.98 16.32 5.01
C HIS A 82 -18.14 15.35 4.85
N VAL A 83 -17.92 14.24 4.15
CA VAL A 83 -18.99 13.25 4.01
C VAL A 83 -19.38 12.69 5.37
N ARG A 84 -18.38 12.28 6.15
CA ARG A 84 -18.63 11.75 7.49
C ARG A 84 -19.36 12.79 8.34
N PHE A 85 -18.86 14.02 8.35
CA PHE A 85 -19.46 15.03 9.23
C PHE A 85 -20.86 15.43 8.76
N MET A 86 -21.14 15.36 7.47
CA MET A 86 -22.46 15.74 7.01
C MET A 86 -23.49 14.63 7.23
N ASP A 87 -23.11 13.36 7.03
CA ASP A 87 -23.98 12.25 7.41
C ASP A 87 -24.36 12.35 8.89
N ALA A 88 -23.35 12.59 9.73
CA ALA A 88 -23.64 12.68 11.16
C ALA A 88 -24.44 13.93 11.50
N PHE A 89 -24.25 15.02 10.75
CA PHE A 89 -25.08 16.22 10.96
C PHE A 89 -26.53 15.97 10.60
N ILE A 90 -26.77 15.23 9.52
CA ILE A 90 -28.14 14.98 9.10
C ILE A 90 -28.84 14.08 10.09
N GLU A 91 -28.10 13.11 10.66
CA GLU A 91 -28.71 12.27 11.68
C GLU A 91 -28.87 12.98 13.03
N ALA A 92 -27.99 13.94 13.35
CA ALA A 92 -28.10 14.63 14.63
C ALA A 92 -29.35 15.48 14.75
N LEU A 93 -29.83 16.03 13.64
CA LEU A 93 -31.07 16.81 13.63
C LEU A 93 -32.29 15.93 13.40
N GLY A 94 -32.09 14.62 13.34
CA GLY A 94 -33.17 13.66 13.16
C GLY A 94 -33.97 13.92 11.92
N LEU A 95 -33.31 14.32 10.84
CA LEU A 95 -34.00 14.59 9.60
C LEU A 95 -34.25 13.28 8.87
N GLU A 96 -35.50 13.02 8.50
CA GLU A 96 -35.82 11.82 7.75
C GLU A 96 -35.85 12.13 6.27
N GLU A 97 -36.87 12.88 5.83
CA GLU A 97 -36.96 13.27 4.44
C GLU A 97 -36.65 14.76 4.34
N VAL A 98 -35.96 15.13 3.26
CA VAL A 98 -35.52 16.49 3.02
C VAL A 98 -35.61 16.77 1.53
N VAL A 99 -35.60 18.06 1.19
CA VAL A 99 -35.37 18.53 -0.17
C VAL A 99 -34.01 19.20 -0.16
N LEU A 100 -33.16 18.87 -1.14
CA LEU A 100 -31.79 19.35 -1.18
C LEU A 100 -31.68 20.59 -2.06
N VAL A 101 -30.96 21.60 -1.57
CA VAL A 101 -30.52 22.74 -2.36
C VAL A 101 -29.00 22.84 -2.16
N ILE A 102 -28.25 22.47 -3.19
CA ILE A 102 -26.83 22.17 -3.05
C ILE A 102 -26.03 22.94 -4.09
N HIS A 103 -24.82 23.34 -3.70
CA HIS A 103 -23.98 24.12 -4.61
C HIS A 103 -22.50 23.79 -4.39
N ASP A 104 -21.74 23.78 -5.48
CA ASP A 104 -20.27 23.58 -5.44
C ASP A 104 -20.00 22.30 -4.67
N TRP A 105 -19.14 22.30 -3.65
CA TRP A 105 -18.84 21.05 -2.97
C TRP A 105 -20.04 20.53 -2.19
N GLY A 106 -20.92 21.42 -1.72
CA GLY A 106 -22.16 20.97 -1.13
C GLY A 106 -22.93 20.05 -2.06
N SER A 107 -22.88 20.33 -3.36
CA SER A 107 -23.57 19.47 -4.32
C SER A 107 -22.98 18.08 -4.30
N ALA A 108 -21.63 17.98 -4.33
CA ALA A 108 -20.99 16.68 -4.23
C ALA A 108 -21.39 15.97 -2.95
N LEU A 109 -21.51 16.72 -1.84
CA LEU A 109 -22.05 16.12 -0.64
C LEU A 109 -23.47 15.67 -0.88
N GLY A 110 -24.34 16.60 -1.25
CA GLY A 110 -25.76 16.33 -1.35
C GLY A 110 -26.05 15.13 -2.22
N PHE A 111 -25.60 15.21 -3.48
CA PHE A 111 -25.78 14.11 -4.42
C PHE A 111 -25.31 12.80 -3.81
N HIS A 112 -24.10 12.79 -3.23
CA HIS A 112 -23.57 11.55 -2.67
C HIS A 112 -24.52 11.00 -1.60
N TRP A 113 -24.91 11.86 -0.65
CA TRP A 113 -25.88 11.44 0.36
C TRP A 113 -27.16 10.93 -0.29
N ALA A 114 -27.64 11.64 -1.32
CA ALA A 114 -28.88 11.24 -1.96
C ALA A 114 -28.77 9.86 -2.57
N LYS A 115 -27.59 9.53 -3.13
CA LYS A 115 -27.43 8.20 -3.72
C LYS A 115 -27.60 7.12 -2.66
N ARG A 116 -27.09 7.38 -1.46
CA ARG A 116 -27.12 6.43 -0.36
C ARG A 116 -28.43 6.45 0.41
N ASN A 117 -29.29 7.45 0.18
CA ASN A 117 -30.59 7.56 0.85
C ASN A 117 -31.68 7.93 -0.15
N PRO A 118 -31.96 7.07 -1.14
CA PRO A 118 -32.91 7.50 -2.19
C PRO A 118 -34.31 7.75 -1.70
N GLU A 119 -34.82 6.95 -0.76
CA GLU A 119 -36.17 7.13 -0.28
C GLU A 119 -36.35 8.40 0.55
N ARG A 120 -35.26 9.03 0.98
CA ARG A 120 -35.33 10.17 1.87
C ARG A 120 -35.17 11.52 1.18
N VAL A 121 -35.00 11.56 -0.13
CA VAL A 121 -34.79 12.81 -0.86
C VAL A 121 -36.03 13.09 -1.69
N LYS A 122 -36.80 14.10 -1.30
CA LYS A 122 -38.02 14.44 -2.03
C LYS A 122 -37.73 15.36 -3.22
N GLY A 123 -36.57 16.00 -3.26
CA GLY A 123 -36.23 16.86 -4.38
C GLY A 123 -34.82 17.41 -4.26
N ILE A 124 -34.20 17.72 -5.40
CA ILE A 124 -32.83 18.25 -5.46
C ILE A 124 -32.84 19.46 -6.38
N ALA A 125 -32.66 20.64 -5.82
CA ALA A 125 -32.30 21.84 -6.58
C ALA A 125 -30.78 21.99 -6.52
N PHE A 126 -30.15 22.16 -7.68
CA PHE A 126 -28.69 22.22 -7.72
C PHE A 126 -28.24 23.27 -8.75
N MET A 127 -27.00 23.73 -8.56
CA MET A 127 -26.43 24.81 -9.35
C MET A 127 -24.91 24.74 -9.22
N GLU A 128 -24.21 24.97 -10.33
CA GLU A 128 -22.74 24.97 -10.36
C GLU A 128 -22.18 23.82 -9.52
N PHE A 129 -22.65 22.63 -9.83
CA PHE A 129 -22.36 21.44 -9.05
C PHE A 129 -21.04 20.81 -9.50
N ILE A 130 -20.60 19.81 -8.73
CA ILE A 130 -19.35 19.12 -9.02
C ILE A 130 -19.66 17.98 -9.99
N ARG A 131 -19.08 18.05 -11.19
CA ARG A 131 -19.17 16.99 -12.18
C ARG A 131 -17.75 16.55 -12.55
N PRO A 132 -17.60 15.39 -13.18
CA PRO A 132 -16.26 15.00 -13.67
C PRO A 132 -15.83 15.89 -14.84
N ILE A 133 -14.71 16.57 -14.66
CA ILE A 133 -14.08 17.35 -15.72
C ILE A 133 -13.03 16.49 -16.41
N PRO A 134 -13.30 15.96 -17.61
CA PRO A 134 -12.40 14.94 -18.18
C PRO A 134 -11.00 15.45 -18.50
N THR A 135 -10.86 16.64 -19.07
CA THR A 135 -9.55 17.23 -19.32
C THR A 135 -9.56 18.66 -18.81
N TRP A 136 -8.37 19.27 -18.75
CA TRP A 136 -8.30 20.66 -18.34
C TRP A 136 -8.92 21.60 -19.36
N ASP A 137 -9.11 21.15 -20.61
CA ASP A 137 -9.75 22.00 -21.61
C ASP A 137 -11.22 22.27 -21.28
N GLU A 138 -11.87 21.37 -20.53
CA GLU A 138 -13.25 21.56 -20.12
C GLU A 138 -13.40 22.49 -18.93
N TRP A 139 -12.30 22.93 -18.34
CA TRP A 139 -12.20 23.96 -17.31
C TRP A 139 -12.10 25.34 -17.98
N PRO A 140 -12.76 26.36 -17.43
CA PRO A 140 -12.70 27.69 -18.05
C PRO A 140 -11.27 28.19 -18.20
N GLU A 141 -10.98 28.77 -19.38
CA GLU A 141 -9.60 29.13 -19.70
C GLU A 141 -9.07 30.20 -18.77
N PHE A 142 -9.89 31.20 -18.43
CA PHE A 142 -9.40 32.31 -17.62
C PHE A 142 -8.95 31.88 -16.24
N ALA A 143 -9.44 30.73 -15.75
CA ALA A 143 -8.99 30.20 -14.46
C ALA A 143 -8.07 29.00 -14.60
N ARG A 144 -7.77 28.57 -15.83
CA ARG A 144 -7.10 27.28 -16.02
C ARG A 144 -5.72 27.26 -15.38
N GLU A 145 -4.91 28.30 -15.60
CA GLU A 145 -3.61 28.32 -14.95
C GLU A 145 -3.77 28.31 -13.43
N THR A 146 -4.67 29.14 -12.91
CA THR A 146 -4.67 29.38 -11.47
C THR A 146 -5.02 28.11 -10.71
N PHE A 147 -6.05 27.39 -11.14
CA PHE A 147 -6.37 26.16 -10.42
C PHE A 147 -5.29 25.11 -10.59
N GLN A 148 -4.60 25.11 -11.75
CA GLN A 148 -3.44 24.24 -11.90
C GLN A 148 -2.36 24.59 -10.87
N ALA A 149 -2.21 25.89 -10.57
CA ALA A 149 -1.29 26.28 -9.52
C ALA A 149 -1.80 25.83 -8.15
N PHE A 150 -3.12 25.93 -7.94
CA PHE A 150 -3.70 25.55 -6.65
C PHE A 150 -3.47 24.08 -6.34
N ARG A 151 -3.41 23.23 -7.36
CA ARG A 151 -3.29 21.78 -7.21
C ARG A 151 -1.82 21.33 -7.18
N THR A 152 -1.03 22.01 -6.35
CA THR A 152 0.36 21.65 -6.12
C THR A 152 0.65 21.83 -4.65
N THR A 153 1.43 20.91 -4.08
CA THR A 153 1.68 20.93 -2.64
C THR A 153 2.59 22.07 -2.23
N ASP A 154 3.33 22.68 -3.16
CA ASP A 154 4.26 23.76 -2.83
C ASP A 154 3.69 25.14 -3.13
N VAL A 155 3.48 25.45 -4.42
CA VAL A 155 2.99 26.76 -4.83
C VAL A 155 1.56 26.99 -4.35
N GLY A 156 0.71 25.96 -4.47
CA GLY A 156 -0.69 26.09 -4.11
C GLY A 156 -0.89 26.47 -2.65
N ARG A 157 -0.13 25.83 -1.76
CA ARG A 157 -0.28 26.17 -0.35
C ARG A 157 0.19 27.59 -0.07
N LYS A 158 1.22 28.06 -0.79
CA LYS A 158 1.64 29.45 -0.60
C LYS A 158 0.54 30.42 -1.05
N LEU A 159 -0.14 30.10 -2.16
CA LEU A 159 -1.21 30.96 -2.64
C LEU A 159 -2.43 30.95 -1.73
N ILE A 160 -2.93 29.76 -1.41
CA ILE A 160 -4.21 29.65 -0.72
C ILE A 160 -4.06 29.82 0.79
N ILE A 161 -2.99 29.29 1.37
CA ILE A 161 -2.85 29.30 2.82
C ILE A 161 -2.05 30.51 3.32
N ASP A 162 -0.92 30.82 2.65
CA ASP A 162 -0.09 31.93 3.10
C ASP A 162 -0.65 33.29 2.66
N GLN A 163 -1.09 33.39 1.41
CA GLN A 163 -1.57 34.64 0.86
C GLN A 163 -3.10 34.73 0.74
N ASN A 164 -3.81 33.62 0.96
CA ASN A 164 -5.29 33.61 1.03
C ASN A 164 -5.93 34.05 -0.29
N VAL A 165 -5.41 33.53 -1.41
CA VAL A 165 -5.87 33.97 -2.73
C VAL A 165 -7.28 33.49 -3.00
N PHE A 166 -7.65 32.29 -2.51
CA PHE A 166 -8.98 31.77 -2.79
C PHE A 166 -10.06 32.64 -2.20
N ILE A 167 -9.77 33.36 -1.12
CA ILE A 167 -10.72 34.30 -0.53
C ILE A 167 -10.59 35.68 -1.14
N GLU A 168 -9.36 36.19 -1.24
CA GLU A 168 -9.16 37.57 -1.71
C GLU A 168 -9.31 37.68 -3.23
N GLY A 169 -8.80 36.72 -3.97
CA GLY A 169 -8.85 36.78 -5.42
C GLY A 169 -9.90 35.91 -6.09
N THR A 170 -9.83 34.60 -5.85
CA THR A 170 -10.67 33.65 -6.57
C THR A 170 -12.15 33.90 -6.29
N LEU A 171 -12.49 34.17 -5.02
CA LEU A 171 -13.90 34.34 -4.66
C LEU A 171 -14.56 35.49 -5.42
N PRO A 172 -14.04 36.73 -5.42
CA PRO A 172 -14.67 37.75 -6.27
C PRO A 172 -14.63 37.40 -7.75
N MET A 173 -13.60 36.70 -8.22
CA MET A 173 -13.60 36.29 -9.62
C MET A 173 -14.64 35.21 -9.91
N GLY A 174 -15.30 34.67 -8.88
CA GLY A 174 -16.41 33.77 -9.09
C GLY A 174 -17.79 34.41 -9.07
N VAL A 175 -17.86 35.75 -9.04
CA VAL A 175 -19.12 36.48 -9.06
C VAL A 175 -19.02 37.56 -10.14
N VAL A 176 -20.08 37.71 -10.94
CA VAL A 176 -20.05 38.71 -12.01
C VAL A 176 -20.04 40.12 -11.42
N ARG A 177 -21.00 40.42 -10.53
CA ARG A 177 -21.06 41.71 -9.87
C ARG A 177 -20.02 41.81 -8.76
N PRO A 178 -19.58 43.02 -8.43
CA PRO A 178 -18.54 43.17 -7.40
C PRO A 178 -19.06 42.91 -6.00
N LEU A 179 -18.28 42.18 -5.21
CA LEU A 179 -18.64 41.96 -3.81
C LEU A 179 -18.26 43.17 -2.98
N THR A 180 -19.19 43.64 -2.15
CA THR A 180 -18.94 44.77 -1.28
C THR A 180 -18.00 44.40 -0.13
N GLU A 181 -17.51 45.42 0.58
CA GLU A 181 -16.58 45.20 1.68
C GLU A 181 -17.23 44.44 2.83
N VAL A 182 -18.51 44.70 3.09
CA VAL A 182 -19.20 43.94 4.13
C VAL A 182 -19.23 42.47 3.78
N GLU A 183 -19.55 42.17 2.53
CA GLU A 183 -19.63 40.78 2.06
C GLU A 183 -18.27 40.11 2.13
N MET A 184 -17.23 40.80 1.66
CA MET A 184 -15.88 40.25 1.78
C MET A 184 -15.52 39.98 3.24
N ASP A 185 -15.87 40.89 4.15
CA ASP A 185 -15.56 40.66 5.55
C ASP A 185 -16.29 39.44 6.08
N HIS A 186 -17.53 39.26 5.64
CA HIS A 186 -18.29 38.09 6.07
C HIS A 186 -17.64 36.81 5.58
N TYR A 187 -17.14 36.81 4.34
CA TYR A 187 -16.49 35.62 3.82
C TYR A 187 -15.10 35.40 4.40
N ARG A 188 -14.43 36.49 4.80
CA ARG A 188 -13.08 36.41 5.39
C ARG A 188 -13.09 35.92 6.82
N GLU A 189 -14.14 36.28 7.58
CA GLU A 189 -14.20 36.00 9.02
C GLU A 189 -13.73 34.61 9.43
N PRO A 190 -14.16 33.51 8.81
CA PRO A 190 -13.76 32.19 9.31
C PRO A 190 -12.33 31.81 9.01
N PHE A 191 -11.62 32.60 8.21
CA PHE A 191 -10.26 32.23 7.80
C PHE A 191 -9.30 33.36 8.03
N LEU A 192 -9.47 34.09 9.14
CA LEU A 192 -8.52 35.14 9.47
C LEU A 192 -7.20 34.53 9.92
N ASN A 193 -7.26 33.39 10.60
CA ASN A 193 -6.06 32.69 11.01
C ASN A 193 -5.60 31.77 9.88
N PRO A 194 -4.38 31.93 9.37
CA PRO A 194 -3.94 31.09 8.23
C PRO A 194 -4.04 29.59 8.47
N VAL A 195 -3.78 29.10 9.68
CA VAL A 195 -3.82 27.65 9.91
C VAL A 195 -5.22 27.10 9.67
N ASP A 196 -6.25 27.93 9.75
CA ASP A 196 -7.63 27.53 9.52
C ASP A 196 -7.98 27.44 8.05
N ARG A 197 -7.00 27.63 7.16
CA ARG A 197 -7.25 27.68 5.73
C ARG A 197 -6.95 26.35 5.05
N GLU A 198 -6.79 25.26 5.81
CA GLU A 198 -6.62 23.96 5.19
C GLU A 198 -7.78 23.58 4.27
N PRO A 199 -9.05 23.79 4.61
CA PRO A 199 -10.11 23.40 3.67
C PRO A 199 -10.08 24.18 2.37
N LEU A 200 -9.69 25.46 2.40
CA LEU A 200 -9.64 26.25 1.17
C LEU A 200 -8.67 25.68 0.16
N TRP A 201 -7.68 24.90 0.59
CA TRP A 201 -6.70 24.31 -0.32
C TRP A 201 -7.01 22.87 -0.69
N ARG A 202 -7.57 22.07 0.23
CA ARG A 202 -7.84 20.67 -0.09
C ARG A 202 -8.97 20.53 -1.09
N PHE A 203 -10.01 21.39 -1.03
CA PHE A 203 -11.12 21.26 -1.99
C PHE A 203 -10.64 21.35 -3.43
N PRO A 204 -9.89 22.37 -3.86
CA PRO A 204 -9.42 22.36 -5.25
C PRO A 204 -8.50 21.19 -5.57
N ASN A 205 -7.84 20.61 -4.56
CA ASN A 205 -7.11 19.37 -4.77
C ASN A 205 -7.99 18.13 -4.72
N GLU A 206 -9.28 18.29 -4.42
CA GLU A 206 -10.24 17.20 -4.53
C GLU A 206 -11.09 17.28 -5.80
N LEU A 207 -11.01 18.39 -6.54
CA LEU A 207 -11.83 18.56 -7.73
C LEU A 207 -11.54 17.45 -8.74
N PRO A 208 -12.57 16.79 -9.27
CA PRO A 208 -12.37 15.72 -10.27
C PRO A 208 -12.04 16.29 -11.64
N ILE A 209 -10.77 16.62 -11.83
CA ILE A 209 -10.26 17.23 -13.06
C ILE A 209 -9.22 16.29 -13.62
N ALA A 210 -9.43 15.86 -14.87
CA ALA A 210 -8.45 15.06 -15.60
C ALA A 210 -8.22 13.70 -14.91
N GLY A 211 -9.25 13.18 -14.25
CA GLY A 211 -9.18 11.86 -13.66
C GLY A 211 -8.52 11.80 -12.30
N GLU A 212 -8.19 12.94 -11.69
CA GLU A 212 -7.52 12.99 -10.40
C GLU A 212 -8.27 13.94 -9.46
N PRO A 213 -8.53 13.53 -8.20
CA PRO A 213 -8.21 12.22 -7.63
C PRO A 213 -9.11 11.11 -8.16
N ALA A 214 -8.52 9.93 -8.41
CA ALA A 214 -9.28 8.84 -9.02
C ALA A 214 -10.48 8.44 -8.16
N ASN A 215 -10.32 8.44 -6.83
CA ASN A 215 -11.43 8.07 -5.96
C ASN A 215 -12.55 9.11 -6.03
N ILE A 216 -12.19 10.40 -6.08
CA ILE A 216 -13.21 11.42 -6.21
C ILE A 216 -13.89 11.32 -7.57
N VAL A 217 -13.12 11.04 -8.62
CA VAL A 217 -13.72 10.87 -9.94
C VAL A 217 -14.75 9.73 -9.93
N ALA A 218 -14.36 8.57 -9.38
CA ALA A 218 -15.29 7.45 -9.30
C ALA A 218 -16.53 7.81 -8.47
N LEU A 219 -16.33 8.42 -7.31
CA LEU A 219 -17.45 8.79 -6.45
C LEU A 219 -18.41 9.72 -7.16
N VAL A 220 -17.88 10.68 -7.92
CA VAL A 220 -18.72 11.67 -8.59
C VAL A 220 -19.43 11.05 -9.80
N GLU A 221 -18.69 10.29 -10.60
CA GLU A 221 -19.30 9.57 -11.72
C GLU A 221 -20.45 8.68 -11.25
N GLU A 222 -20.30 8.07 -10.07
CA GLU A 222 -21.35 7.17 -9.60
C GLU A 222 -22.64 7.92 -9.31
N TYR A 223 -22.57 9.04 -8.58
CA TYR A 223 -23.84 9.72 -8.35
C TYR A 223 -24.32 10.48 -9.57
N MET A 224 -23.45 10.81 -10.53
CA MET A 224 -23.98 11.37 -11.77
C MET A 224 -24.78 10.32 -12.53
N ASP A 225 -24.32 9.07 -12.51
CA ASP A 225 -25.09 7.98 -13.11
C ASP A 225 -26.38 7.75 -12.34
N TRP A 226 -26.31 7.77 -11.01
CA TRP A 226 -27.50 7.60 -10.20
C TRP A 226 -28.51 8.71 -10.48
N LEU A 227 -28.03 9.94 -10.69
CA LEU A 227 -28.90 11.05 -11.03
C LEU A 227 -29.56 10.84 -12.39
N HIS A 228 -28.79 10.36 -13.38
CA HIS A 228 -29.38 10.04 -14.67
C HIS A 228 -30.40 8.91 -14.58
N GLN A 229 -30.40 8.14 -13.49
CA GLN A 229 -31.34 7.03 -13.35
C GLN A 229 -32.39 7.25 -12.28
N SER A 230 -32.40 8.41 -11.62
CA SER A 230 -33.38 8.64 -10.55
C SER A 230 -34.56 9.46 -11.05
N PRO A 231 -35.77 9.13 -10.58
CA PRO A 231 -36.94 9.96 -10.88
C PRO A 231 -37.15 11.15 -9.95
N VAL A 232 -36.21 11.44 -9.05
CA VAL A 232 -36.34 12.54 -8.09
C VAL A 232 -36.60 13.85 -8.82
N PRO A 233 -37.51 14.70 -8.35
CA PRO A 233 -37.69 16.02 -8.98
C PRO A 233 -36.40 16.82 -8.91
N LYS A 234 -36.01 17.39 -10.05
CA LYS A 234 -34.73 18.10 -10.16
C LYS A 234 -34.94 19.50 -10.69
N LEU A 235 -34.26 20.46 -10.05
CA LEU A 235 -34.30 21.86 -10.46
C LEU A 235 -32.86 22.33 -10.60
N LEU A 236 -32.47 22.67 -11.83
CA LEU A 236 -31.10 23.03 -12.18
C LEU A 236 -31.04 24.50 -12.58
N PHE A 237 -30.21 25.27 -11.88
CA PHE A 237 -29.95 26.67 -12.22
C PHE A 237 -28.62 26.79 -12.95
N TRP A 238 -28.57 27.68 -13.95
CA TRP A 238 -27.33 27.84 -14.71
C TRP A 238 -27.17 29.28 -15.16
N GLY A 239 -25.91 29.68 -15.36
CA GLY A 239 -25.59 31.01 -15.82
C GLY A 239 -24.55 30.98 -16.94
N THR A 240 -24.29 32.17 -17.50
CA THR A 240 -23.32 32.36 -18.58
C THR A 240 -22.20 33.27 -18.11
N PRO A 241 -20.93 32.89 -18.25
CA PRO A 241 -20.46 31.65 -18.89
C PRO A 241 -20.42 30.47 -17.95
N GLY A 242 -20.69 30.72 -16.67
CA GLY A 242 -20.50 29.70 -15.66
C GLY A 242 -19.03 29.37 -15.45
N VAL A 243 -18.80 28.45 -14.52
CA VAL A 243 -17.45 27.97 -14.21
C VAL A 243 -17.45 26.45 -14.31
N LEU A 244 -18.13 25.79 -13.37
CA LEU A 244 -18.19 24.33 -13.39
C LEU A 244 -19.15 23.83 -14.45
N ILE A 245 -20.23 24.55 -14.72
CA ILE A 245 -21.24 24.13 -15.68
C ILE A 245 -21.38 25.16 -16.79
N PRO A 246 -20.69 25.01 -17.92
CA PRO A 246 -20.92 25.91 -19.05
C PRO A 246 -22.32 25.70 -19.58
N PRO A 247 -22.88 26.71 -20.25
CA PRO A 247 -24.27 26.60 -20.71
C PRO A 247 -24.53 25.37 -21.57
N ALA A 248 -23.57 24.97 -22.40
CA ALA A 248 -23.74 23.78 -23.23
C ALA A 248 -24.04 22.56 -22.37
N GLU A 249 -23.24 22.36 -21.31
CA GLU A 249 -23.44 21.22 -20.40
C GLU A 249 -24.78 21.30 -19.68
N ALA A 250 -25.17 22.50 -19.24
CA ALA A 250 -26.46 22.66 -18.59
C ALA A 250 -27.60 22.29 -19.53
N ALA A 251 -27.51 22.74 -20.78
CA ALA A 251 -28.53 22.40 -21.77
C ALA A 251 -28.62 20.90 -21.97
N ARG A 252 -27.47 20.25 -22.13
CA ARG A 252 -27.43 18.79 -22.27
C ARG A 252 -28.14 18.11 -21.11
N LEU A 253 -27.74 18.45 -19.87
CA LEU A 253 -28.30 17.82 -18.68
C LEU A 253 -29.79 18.13 -18.53
N ALA A 254 -30.23 19.30 -19.00
CA ALA A 254 -31.63 19.66 -18.88
C ALA A 254 -32.54 18.62 -19.56
N LYS A 255 -32.08 18.04 -20.66
CA LYS A 255 -32.86 16.99 -21.32
C LYS A 255 -32.49 15.61 -20.85
N SER A 256 -31.20 15.34 -20.57
CA SER A 256 -30.82 13.98 -20.26
C SER A 256 -31.29 13.53 -18.87
N LEU A 257 -31.55 14.46 -17.95
CA LEU A 257 -31.93 14.13 -16.58
C LEU A 257 -33.45 14.00 -16.46
N PRO A 258 -33.95 12.98 -15.78
CA PRO A 258 -35.39 12.83 -15.60
C PRO A 258 -35.95 13.91 -14.67
N ASN A 259 -37.20 14.29 -14.93
CA ASN A 259 -37.94 15.27 -14.12
C ASN A 259 -37.10 16.51 -13.84
N CYS A 260 -36.52 17.07 -14.88
CA CYS A 260 -35.57 18.16 -14.71
C CYS A 260 -36.12 19.44 -15.30
N LYS A 261 -36.25 20.45 -14.46
CA LYS A 261 -36.58 21.81 -14.88
C LYS A 261 -35.30 22.63 -14.80
N ALA A 262 -34.98 23.35 -15.88
CA ALA A 262 -33.81 24.20 -15.90
C ALA A 262 -34.25 25.65 -15.83
N VAL A 263 -33.41 26.48 -15.19
CA VAL A 263 -33.69 27.90 -15.03
C VAL A 263 -32.41 28.66 -15.36
N ASP A 264 -32.53 29.58 -16.31
CA ASP A 264 -31.45 30.50 -16.68
C ASP A 264 -31.54 31.71 -15.75
N ILE A 265 -30.49 31.91 -14.93
CA ILE A 265 -30.45 33.05 -14.02
C ILE A 265 -29.74 34.27 -14.60
N GLY A 266 -29.25 34.18 -15.84
CA GLY A 266 -28.57 35.29 -16.46
C GLY A 266 -27.07 35.18 -16.37
N PRO A 267 -26.38 36.32 -16.29
CA PRO A 267 -24.92 36.29 -16.13
C PRO A 267 -24.53 35.67 -14.79
N GLY A 268 -23.55 34.77 -14.85
CA GLY A 268 -23.09 34.10 -13.64
C GLY A 268 -21.77 33.43 -13.87
N LEU A 269 -21.10 33.11 -12.76
CA LEU A 269 -19.85 32.38 -12.88
C LEU A 269 -19.92 31.11 -12.04
N ASN A 270 -19.56 31.19 -10.77
CA ASN A 270 -19.68 30.02 -9.90
C ASN A 270 -20.66 30.24 -8.76
N LEU A 271 -20.56 31.36 -8.06
CA LEU A 271 -21.50 31.72 -7.01
C LEU A 271 -22.71 32.37 -7.67
N LEU A 272 -23.56 31.53 -8.25
CA LEU A 272 -24.79 32.05 -8.85
C LEU A 272 -25.66 32.69 -7.79
N GLN A 273 -25.56 32.23 -6.54
CA GLN A 273 -26.36 32.81 -5.46
C GLN A 273 -26.08 34.29 -5.28
N GLU A 274 -24.88 34.75 -5.64
CA GLU A 274 -24.53 36.15 -5.48
C GLU A 274 -24.88 37.01 -6.69
N ASP A 275 -25.12 36.42 -7.86
CA ASP A 275 -25.45 37.23 -9.03
C ASP A 275 -26.94 37.42 -9.22
N ASN A 276 -27.77 36.44 -8.84
CA ASN A 276 -29.22 36.57 -8.96
C ASN A 276 -29.91 35.74 -7.88
N PRO A 277 -29.83 36.18 -6.63
CA PRO A 277 -30.51 35.44 -5.56
C PRO A 277 -32.02 35.51 -5.65
N ASP A 278 -32.57 36.61 -6.19
CA ASP A 278 -34.01 36.76 -6.28
C ASP A 278 -34.64 35.64 -7.11
N LEU A 279 -34.14 35.44 -8.33
CA LEU A 279 -34.69 34.42 -9.21
C LEU A 279 -34.55 33.04 -8.60
N ILE A 280 -33.36 32.73 -8.07
CA ILE A 280 -33.15 31.40 -7.49
C ILE A 280 -34.12 31.15 -6.35
N GLY A 281 -34.30 32.13 -5.45
CA GLY A 281 -35.21 31.93 -4.33
C GLY A 281 -36.66 31.81 -4.77
N SER A 282 -37.11 32.70 -5.66
CA SER A 282 -38.49 32.64 -6.12
C SER A 282 -38.77 31.32 -6.84
N GLU A 283 -37.83 30.87 -7.67
CA GLU A 283 -37.99 29.61 -8.38
C GLU A 283 -37.97 28.42 -7.44
N ILE A 284 -37.09 28.41 -6.45
CA ILE A 284 -37.07 27.31 -5.49
C ILE A 284 -38.38 27.23 -4.73
N ALA A 285 -38.92 28.38 -4.29
CA ALA A 285 -40.19 28.36 -3.56
C ALA A 285 -41.32 27.82 -4.44
N ARG A 286 -41.45 28.37 -5.66
CA ARG A 286 -42.50 27.91 -6.56
C ARG A 286 -42.34 26.44 -6.91
N TRP A 287 -41.10 25.99 -7.10
CA TRP A 287 -40.84 24.59 -7.38
C TRP A 287 -41.22 23.70 -6.20
N LEU A 288 -41.00 24.20 -4.98
CA LEU A 288 -41.33 23.44 -3.79
C LEU A 288 -42.83 23.28 -3.64
N SER A 289 -43.60 24.28 -4.07
CA SER A 289 -45.05 24.13 -3.95
C SER A 289 -45.62 23.07 -4.90
N THR A 290 -44.85 22.63 -5.89
CA THR A 290 -45.28 21.60 -6.83
C THR A 290 -44.87 20.18 -6.42
N LEU A 291 -44.12 20.03 -5.33
CA LEU A 291 -43.71 18.70 -4.89
C LEU A 291 -44.73 18.13 -3.92
N GLU A 292 -44.65 16.82 -3.71
CA GLU A 292 -45.52 16.14 -2.75
C GLU A 292 -44.80 16.04 -1.41
N ILE A 293 -44.66 17.19 -0.77
CA ILE A 293 -44.01 17.29 0.53
C ILE A 293 -44.93 17.95 1.55
N GLY B 1 27.65 -11.17 5.33
CA GLY B 1 26.32 -11.72 5.53
C GLY B 1 25.34 -11.38 4.42
N ILE B 2 24.33 -10.57 4.74
CA ILE B 2 23.33 -10.11 3.78
C ILE B 2 23.90 -8.88 3.08
N GLY B 3 24.36 -9.04 1.85
CA GLY B 3 24.94 -7.95 1.08
C GLY B 3 24.05 -6.72 0.97
N THR B 4 24.62 -5.54 1.22
CA THR B 4 23.88 -4.27 1.17
C THR B 4 24.00 -3.52 -0.15
N GLY B 5 24.95 -3.90 -1.02
CA GLY B 5 25.12 -3.18 -2.27
C GLY B 5 24.02 -3.46 -3.27
N PHE B 6 23.95 -2.61 -4.29
CA PHE B 6 22.96 -2.73 -5.35
C PHE B 6 23.70 -2.70 -6.69
N PRO B 7 24.36 -3.80 -7.06
CA PRO B 7 25.22 -3.84 -8.26
C PRO B 7 24.47 -4.13 -9.55
N PHE B 8 23.47 -3.31 -9.87
CA PHE B 8 22.67 -3.51 -11.06
C PHE B 8 22.70 -2.28 -11.95
N ASP B 9 22.99 -2.47 -13.23
CA ASP B 9 22.94 -1.35 -14.16
C ASP B 9 21.49 -0.85 -14.25
N PRO B 10 21.25 0.45 -14.06
CA PRO B 10 19.88 0.96 -14.15
C PRO B 10 19.40 0.98 -15.59
N HIS B 11 18.18 0.49 -15.80
CA HIS B 11 17.50 0.57 -17.09
C HIS B 11 16.31 1.49 -16.90
N TYR B 12 15.99 2.27 -17.93
CA TYR B 12 14.88 3.20 -17.84
C TYR B 12 13.98 2.96 -19.04
N VAL B 13 12.66 3.00 -18.79
CA VAL B 13 11.69 2.92 -19.88
C VAL B 13 10.65 4.01 -19.69
N GLU B 14 10.24 4.64 -20.80
CA GLU B 14 9.19 5.64 -20.72
C GLU B 14 7.84 4.94 -20.75
N VAL B 15 7.03 5.23 -19.74
CA VAL B 15 5.74 4.60 -19.48
C VAL B 15 4.78 5.73 -19.15
N LEU B 16 3.78 5.94 -20.01
CA LEU B 16 2.77 7.00 -19.85
C LEU B 16 3.44 8.35 -19.56
N GLY B 17 4.51 8.65 -20.29
CA GLY B 17 5.16 9.94 -20.15
C GLY B 17 6.11 10.06 -18.99
N GLU B 18 6.31 9.01 -18.19
CA GLU B 18 7.21 9.07 -17.05
C GLU B 18 8.33 8.05 -17.22
N ARG B 19 9.44 8.24 -16.50
CA ARG B 19 10.52 7.27 -16.53
C ARG B 19 10.37 6.27 -15.39
N MET B 20 10.48 4.99 -15.72
CA MET B 20 10.44 3.93 -14.73
C MET B 20 11.79 3.23 -14.76
N HIS B 21 12.46 3.23 -13.61
CA HIS B 21 13.70 2.50 -13.42
C HIS B 21 13.40 1.02 -13.22
N TYR B 22 14.27 0.18 -13.76
CA TYR B 22 14.12 -1.26 -13.58
C TYR B 22 15.48 -1.93 -13.68
N VAL B 23 15.61 -3.03 -12.94
CA VAL B 23 16.75 -3.93 -13.05
C VAL B 23 16.47 -4.92 -14.18
N ASP B 24 17.48 -5.18 -15.01
CA ASP B 24 17.37 -6.14 -16.10
C ASP B 24 18.69 -6.90 -16.17
N VAL B 25 18.67 -8.18 -15.79
CA VAL B 25 19.86 -9.03 -15.84
C VAL B 25 19.47 -10.39 -16.41
N GLY B 26 20.48 -11.16 -16.82
CA GLY B 26 20.25 -12.52 -17.27
C GLY B 26 20.12 -12.70 -18.78
N PRO B 27 19.96 -13.95 -19.21
CA PRO B 27 19.80 -14.25 -20.64
C PRO B 27 18.48 -13.75 -21.21
N ARG B 28 18.50 -13.37 -22.49
CA ARG B 28 17.38 -12.71 -23.12
C ARG B 28 16.45 -13.59 -23.95
N ASP B 29 16.73 -14.88 -24.15
CA ASP B 29 15.95 -15.62 -25.12
C ASP B 29 14.71 -16.29 -24.55
N GLY B 30 14.66 -16.54 -23.24
CA GLY B 30 13.60 -17.31 -22.63
C GLY B 30 12.47 -16.51 -22.04
N THR B 31 11.78 -17.11 -21.06
CA THR B 31 10.70 -16.46 -20.33
C THR B 31 11.27 -15.64 -19.19
N PRO B 32 10.86 -14.39 -19.03
CA PRO B 32 11.42 -13.55 -17.96
C PRO B 32 10.66 -13.68 -16.65
N VAL B 33 11.38 -13.36 -15.58
CA VAL B 33 10.87 -13.35 -14.20
C VAL B 33 10.73 -11.90 -13.77
N LEU B 34 9.51 -11.50 -13.43
CA LEU B 34 9.16 -10.13 -13.07
C LEU B 34 9.01 -10.01 -11.56
N PHE B 35 9.82 -9.17 -10.95
CA PHE B 35 9.86 -8.97 -9.50
C PHE B 35 9.13 -7.68 -9.16
N LEU B 36 8.05 -7.79 -8.43
CA LEU B 36 7.26 -6.64 -8.01
C LEU B 36 7.41 -6.46 -6.50
N HIS B 37 8.02 -5.34 -6.10
CA HIS B 37 8.15 -4.92 -4.73
C HIS B 37 6.88 -4.20 -4.27
N GLY B 38 6.83 -3.86 -2.98
CA GLY B 38 5.69 -3.19 -2.41
C GLY B 38 6.08 -1.93 -1.67
N ASN B 39 5.34 -1.65 -0.59
CA ASN B 39 5.48 -0.49 0.27
C ASN B 39 6.28 -0.85 1.51
N PRO B 40 7.29 -0.05 1.91
CA PRO B 40 7.83 1.13 1.23
C PRO B 40 9.12 0.81 0.50
N THR B 41 9.20 -0.39 -0.07
CA THR B 41 10.43 -0.91 -0.63
C THR B 41 10.65 -0.38 -2.04
N SER B 42 11.72 -0.87 -2.65
CA SER B 42 12.02 -0.64 -4.06
C SER B 42 12.52 -1.96 -4.64
N SER B 43 13.09 -1.92 -5.85
CA SER B 43 13.71 -3.13 -6.36
C SER B 43 14.89 -3.55 -5.50
N TYR B 44 15.36 -2.66 -4.64
CA TYR B 44 16.44 -2.97 -3.70
C TYR B 44 16.11 -4.18 -2.83
N VAL B 45 14.82 -4.42 -2.57
CA VAL B 45 14.45 -5.54 -1.71
C VAL B 45 14.76 -6.86 -2.39
N TRP B 46 14.80 -6.89 -3.72
CA TRP B 46 15.15 -8.12 -4.44
C TRP B 46 16.65 -8.26 -4.67
N ARG B 47 17.46 -7.38 -4.07
CA ARG B 47 18.87 -7.27 -4.45
C ARG B 47 19.64 -8.56 -4.16
N ASN B 48 19.23 -9.32 -3.15
CA ASN B 48 19.91 -10.54 -2.76
C ASN B 48 19.15 -11.79 -3.21
N ILE B 49 18.03 -11.62 -3.88
CA ILE B 49 17.30 -12.78 -4.40
C ILE B 49 17.59 -12.89 -5.89
N ILE B 50 17.77 -11.72 -6.53
CA ILE B 50 18.03 -11.74 -7.97
C ILE B 50 19.28 -12.50 -8.33
N PRO B 51 20.43 -12.36 -7.64
CA PRO B 51 21.63 -13.10 -8.04
C PRO B 51 21.46 -14.61 -8.12
N HIS B 52 20.46 -15.17 -7.43
CA HIS B 52 20.18 -16.60 -7.50
C HIS B 52 19.47 -16.99 -8.80
N VAL B 53 18.74 -16.06 -9.42
CA VAL B 53 17.87 -16.39 -10.53
C VAL B 53 18.47 -15.97 -11.86
N ALA B 54 19.23 -14.89 -11.85
CA ALA B 54 19.84 -14.36 -13.07
C ALA B 54 20.68 -15.36 -13.86
N PRO B 55 21.47 -16.25 -13.24
CA PRO B 55 22.25 -17.21 -14.05
C PRO B 55 21.43 -18.00 -15.04
N THR B 56 20.16 -18.28 -14.75
CA THR B 56 19.35 -19.14 -15.60
C THR B 56 18.19 -18.43 -16.29
N HIS B 57 17.69 -17.32 -15.75
CA HIS B 57 16.54 -16.65 -16.33
C HIS B 57 16.71 -15.13 -16.28
N ARG B 58 16.00 -14.44 -17.17
CA ARG B 58 16.03 -12.99 -17.20
C ARG B 58 15.28 -12.45 -16.00
N CYS B 59 15.91 -11.58 -15.24
CA CYS B 59 15.29 -10.92 -14.09
C CYS B 59 14.99 -9.48 -14.45
N ILE B 60 13.73 -9.08 -14.28
CA ILE B 60 13.24 -7.73 -14.46
C ILE B 60 12.65 -7.28 -13.14
N ALA B 61 13.17 -6.19 -12.57
CA ALA B 61 12.70 -5.70 -11.27
C ALA B 61 12.42 -4.21 -11.36
N PRO B 62 11.19 -3.82 -11.68
CA PRO B 62 10.86 -2.40 -11.78
C PRO B 62 10.61 -1.74 -10.44
N ASP B 63 10.88 -0.43 -10.40
CA ASP B 63 10.45 0.44 -9.32
C ASP B 63 9.08 0.99 -9.63
N LEU B 64 8.14 0.84 -8.70
CA LEU B 64 6.80 1.36 -8.91
C LEU B 64 6.85 2.87 -9.13
N ILE B 65 5.86 3.39 -9.87
CA ILE B 65 5.83 4.81 -10.14
C ILE B 65 5.75 5.58 -8.82
N GLY B 66 6.53 6.65 -8.73
CA GLY B 66 6.61 7.42 -7.50
C GLY B 66 7.52 6.86 -6.42
N MET B 67 8.12 5.69 -6.64
CA MET B 67 8.97 5.05 -5.65
C MET B 67 10.29 4.65 -6.30
N GLY B 68 11.30 4.42 -5.47
CA GLY B 68 12.60 4.04 -5.97
C GLY B 68 13.19 5.10 -6.87
N LYS B 69 13.79 4.66 -7.97
CA LYS B 69 14.43 5.55 -8.94
C LYS B 69 13.51 5.89 -10.11
N SER B 70 12.21 5.60 -10.00
CA SER B 70 11.28 6.03 -11.03
C SER B 70 10.83 7.47 -10.77
N ASP B 71 10.28 8.08 -11.83
CA ASP B 71 9.79 9.45 -11.76
C ASP B 71 8.65 9.56 -10.77
N LYS B 72 8.41 10.79 -10.29
CA LYS B 72 7.42 11.03 -9.23
C LYS B 72 6.45 12.13 -9.65
N PRO B 73 5.53 11.81 -10.57
CA PRO B 73 4.51 12.80 -10.95
C PRO B 73 3.55 13.06 -9.79
N ASP B 74 2.78 14.13 -9.94
CA ASP B 74 1.81 14.56 -8.93
C ASP B 74 0.51 13.76 -9.08
N LEU B 75 0.58 12.50 -8.68
CA LEU B 75 -0.56 11.60 -8.74
C LEU B 75 -1.07 11.30 -7.34
N GLY B 76 -2.29 10.78 -7.27
CA GLY B 76 -2.80 10.32 -6.00
C GLY B 76 -2.14 9.03 -5.52
N TYR B 77 -1.51 8.30 -6.44
CA TYR B 77 -0.82 7.04 -6.14
C TYR B 77 -1.77 6.03 -5.51
N PHE B 78 -3.01 6.02 -5.99
CA PHE B 78 -3.94 4.97 -5.65
C PHE B 78 -3.45 3.65 -6.24
N PHE B 79 -4.07 2.55 -5.81
CA PHE B 79 -3.70 1.26 -6.39
C PHE B 79 -3.91 1.26 -7.89
N ASP B 80 -5.00 1.87 -8.36
CA ASP B 80 -5.26 1.91 -9.79
C ASP B 80 -4.18 2.66 -10.56
N ASP B 81 -3.57 3.67 -9.93
CA ASP B 81 -2.48 4.38 -10.57
C ASP B 81 -1.32 3.42 -10.85
N HIS B 82 -0.97 2.62 -9.85
CA HIS B 82 0.09 1.63 -10.01
C HIS B 82 -0.33 0.52 -10.98
N VAL B 83 -1.63 0.21 -11.05
CA VAL B 83 -2.10 -0.78 -12.02
C VAL B 83 -1.86 -0.28 -13.43
N ARG B 84 -2.24 0.97 -13.71
CA ARG B 84 -2.03 1.55 -15.03
C ARG B 84 -0.55 1.55 -15.37
N PHE B 85 0.29 2.04 -14.45
CA PHE B 85 1.71 2.16 -14.77
C PHE B 85 2.39 0.80 -14.89
N MET B 86 1.92 -0.23 -14.16
CA MET B 86 2.56 -1.53 -14.28
C MET B 86 2.09 -2.27 -15.54
N ASP B 87 0.81 -2.17 -15.89
CA ASP B 87 0.33 -2.68 -17.17
C ASP B 87 1.12 -2.06 -18.33
N ALA B 88 1.28 -0.74 -18.30
CA ALA B 88 1.99 -0.07 -19.37
C ALA B 88 3.48 -0.37 -19.34
N PHE B 89 4.05 -0.61 -18.15
CA PHE B 89 5.45 -1.03 -18.07
C PHE B 89 5.64 -2.41 -18.67
N ILE B 90 4.69 -3.32 -18.44
CA ILE B 90 4.81 -4.68 -18.97
C ILE B 90 4.65 -4.67 -20.48
N GLU B 91 3.78 -3.81 -21.00
CA GLU B 91 3.64 -3.73 -22.46
C GLU B 91 4.80 -2.97 -23.10
N ALA B 92 5.39 -2.01 -22.38
CA ALA B 92 6.49 -1.22 -22.90
C ALA B 92 7.74 -2.06 -23.15
N LEU B 93 7.94 -3.12 -22.38
CA LEU B 93 9.05 -4.04 -22.61
C LEU B 93 8.67 -5.19 -23.54
N GLY B 94 7.46 -5.16 -24.09
CA GLY B 94 7.00 -6.17 -25.03
C GLY B 94 7.06 -7.57 -24.47
N LEU B 95 6.70 -7.73 -23.19
CA LEU B 95 6.80 -9.03 -22.53
C LEU B 95 5.65 -9.92 -22.97
N GLU B 96 5.98 -11.16 -23.33
CA GLU B 96 4.96 -12.10 -23.76
C GLU B 96 4.46 -12.89 -22.55
N GLU B 97 5.25 -13.86 -22.12
CA GLU B 97 4.94 -14.68 -20.97
C GLU B 97 5.93 -14.38 -19.86
N VAL B 98 5.46 -14.47 -18.61
CA VAL B 98 6.29 -14.12 -17.46
C VAL B 98 6.05 -15.11 -16.32
N VAL B 99 7.02 -15.13 -15.41
CA VAL B 99 6.86 -15.74 -14.09
C VAL B 99 6.89 -14.60 -13.08
N LEU B 100 5.91 -14.57 -12.20
CA LEU B 100 5.77 -13.46 -11.25
C LEU B 100 6.41 -13.82 -9.93
N VAL B 101 7.19 -12.89 -9.39
CA VAL B 101 7.71 -12.95 -8.03
C VAL B 101 7.26 -11.66 -7.37
N ILE B 102 6.28 -11.75 -6.49
CA ILE B 102 5.55 -10.57 -6.05
C ILE B 102 5.49 -10.54 -4.53
N HIS B 103 5.52 -9.33 -3.97
CA HIS B 103 5.51 -9.17 -2.53
C HIS B 103 4.72 -7.92 -2.17
N ASP B 104 4.03 -7.97 -1.03
CA ASP B 104 3.26 -6.84 -0.47
C ASP B 104 2.35 -6.31 -1.57
N TRP B 105 2.38 -5.01 -1.88
CA TRP B 105 1.48 -4.45 -2.88
C TRP B 105 1.84 -4.96 -4.28
N GLY B 106 3.11 -5.28 -4.50
CA GLY B 106 3.47 -5.93 -5.75
C GLY B 106 2.66 -7.18 -6.00
N SER B 107 2.36 -7.91 -4.92
CA SER B 107 1.51 -9.09 -5.06
C SER B 107 0.13 -8.69 -5.54
N ALA B 108 -0.43 -7.65 -4.93
CA ALA B 108 -1.71 -7.14 -5.40
C ALA B 108 -1.62 -6.78 -6.88
N LEU B 109 -0.50 -6.20 -7.30
CA LEU B 109 -0.32 -5.96 -8.72
C LEU B 109 -0.24 -7.27 -9.49
N GLY B 110 0.72 -8.13 -9.12
CA GLY B 110 0.98 -9.34 -9.88
C GLY B 110 -0.27 -10.16 -10.05
N PHE B 111 -0.86 -10.55 -8.91
CA PHE B 111 -2.09 -11.32 -8.91
C PHE B 111 -3.15 -10.68 -9.80
N HIS B 112 -3.35 -9.37 -9.65
CA HIS B 112 -4.38 -8.71 -10.46
C HIS B 112 -4.07 -8.88 -11.93
N TRP B 113 -2.84 -8.54 -12.33
CA TRP B 113 -2.44 -8.75 -13.71
C TRP B 113 -2.62 -10.21 -14.11
N ALA B 114 -2.25 -11.12 -13.20
CA ALA B 114 -2.36 -12.55 -13.51
C ALA B 114 -3.80 -12.95 -13.76
N LYS B 115 -4.75 -12.41 -12.97
CA LYS B 115 -6.15 -12.76 -13.22
C LYS B 115 -6.58 -12.31 -14.61
N ARG B 116 -6.12 -11.12 -15.02
CA ARG B 116 -6.54 -10.55 -16.30
C ARG B 116 -5.80 -11.15 -17.48
N ASN B 117 -4.66 -11.78 -17.25
CA ASN B 117 -3.87 -12.37 -18.34
C ASN B 117 -3.38 -13.75 -17.89
N PRO B 118 -4.30 -14.66 -17.61
CA PRO B 118 -3.88 -15.97 -17.06
C PRO B 118 -3.04 -16.74 -18.06
N GLU B 119 -3.28 -16.50 -19.34
CA GLU B 119 -2.59 -17.20 -20.40
C GLU B 119 -1.11 -16.83 -20.46
N ARG B 120 -0.72 -15.70 -19.85
CA ARG B 120 0.64 -15.19 -19.92
C ARG B 120 1.44 -15.41 -18.65
N VAL B 121 0.86 -16.03 -17.61
CA VAL B 121 1.53 -16.23 -16.34
C VAL B 121 1.85 -17.71 -16.20
N LYS B 122 3.14 -18.05 -16.32
CA LYS B 122 3.56 -19.44 -16.21
C LYS B 122 3.82 -19.90 -14.77
N GLY B 123 3.98 -18.96 -13.83
CA GLY B 123 4.17 -19.32 -12.44
C GLY B 123 4.23 -18.10 -11.55
N ILE B 124 3.81 -18.23 -10.29
CA ILE B 124 3.78 -17.11 -9.35
C ILE B 124 4.42 -17.53 -8.03
N ALA B 125 5.58 -16.96 -7.73
CA ALA B 125 6.14 -17.01 -6.39
C ALA B 125 5.69 -15.77 -5.62
N PHE B 126 5.16 -15.98 -4.42
CA PHE B 126 4.61 -14.87 -3.65
C PHE B 126 4.90 -15.06 -2.17
N MET B 127 4.89 -13.94 -1.45
CA MET B 127 5.24 -13.90 -0.04
C MET B 127 4.66 -12.65 0.58
N GLU B 128 4.11 -12.79 1.78
CA GLU B 128 3.51 -11.67 2.51
C GLU B 128 2.65 -10.80 1.60
N PHE B 129 1.71 -11.45 0.93
CA PHE B 129 0.89 -10.84 -0.10
C PHE B 129 -0.35 -10.17 0.51
N ILE B 130 -1.07 -9.45 -0.35
CA ILE B 130 -2.28 -8.75 0.04
C ILE B 130 -3.44 -9.73 -0.10
N ARG B 131 -4.09 -10.04 1.02
CA ARG B 131 -5.29 -10.84 1.09
C ARG B 131 -6.38 -10.03 1.78
N PRO B 132 -7.64 -10.43 1.68
CA PRO B 132 -8.70 -9.70 2.41
C PRO B 132 -8.58 -9.93 3.91
N ILE B 133 -8.41 -8.83 4.64
CA ILE B 133 -8.42 -8.83 6.11
C ILE B 133 -9.84 -8.48 6.56
N PRO B 134 -10.66 -9.45 6.96
CA PRO B 134 -12.09 -9.16 7.20
C PRO B 134 -12.36 -8.23 8.37
N THR B 135 -11.66 -8.40 9.49
CA THR B 135 -11.78 -7.50 10.63
C THR B 135 -10.39 -7.08 11.08
N TRP B 136 -10.35 -6.10 11.99
CA TRP B 136 -9.06 -5.69 12.55
C TRP B 136 -8.43 -6.76 13.43
N ASP B 137 -9.20 -7.77 13.88
CA ASP B 137 -8.61 -8.85 14.65
C ASP B 137 -7.65 -9.68 13.81
N GLU B 138 -7.89 -9.76 12.50
CA GLU B 138 -6.98 -10.51 11.65
C GLU B 138 -5.74 -9.71 11.26
N TRP B 139 -5.66 -8.44 11.64
CA TRP B 139 -4.42 -7.68 11.55
C TRP B 139 -3.62 -7.90 12.84
N PRO B 140 -2.29 -8.04 12.73
CA PRO B 140 -1.48 -8.30 13.93
C PRO B 140 -1.72 -7.25 14.99
N GLU B 141 -1.85 -7.68 16.24
CA GLU B 141 -2.23 -6.76 17.30
C GLU B 141 -1.18 -5.66 17.48
N PHE B 142 0.11 -6.01 17.39
CA PHE B 142 1.17 -5.04 17.65
C PHE B 142 1.16 -3.88 16.64
N ALA B 143 0.62 -4.10 15.44
CA ALA B 143 0.51 -3.05 14.43
C ALA B 143 -0.90 -2.52 14.31
N ARG B 144 -1.83 -3.01 15.15
CA ARG B 144 -3.25 -2.72 14.96
C ARG B 144 -3.54 -1.24 15.22
N GLU B 145 -3.07 -0.73 16.35
CA GLU B 145 -3.28 0.69 16.65
C GLU B 145 -2.61 1.56 15.60
N THR B 146 -1.35 1.25 15.28
CA THR B 146 -0.54 2.15 14.47
C THR B 146 -1.15 2.30 13.07
N PHE B 147 -1.52 1.18 12.44
CA PHE B 147 -2.10 1.27 11.11
C PHE B 147 -3.48 1.92 11.14
N GLN B 148 -4.22 1.76 12.25
CA GLN B 148 -5.47 2.51 12.36
C GLN B 148 -5.19 4.01 12.34
N ALA B 149 -4.06 4.42 12.93
CA ALA B 149 -3.66 5.82 12.81
C ALA B 149 -3.22 6.15 11.38
N PHE B 150 -2.53 5.22 10.72
CA PHE B 150 -2.07 5.47 9.36
C PHE B 150 -3.24 5.77 8.42
N ARG B 151 -4.39 5.17 8.68
CA ARG B 151 -5.57 5.32 7.82
C ARG B 151 -6.47 6.48 8.25
N THR B 152 -5.86 7.65 8.44
CA THR B 152 -6.58 8.88 8.77
C THR B 152 -5.93 10.05 8.03
N THR B 153 -6.76 11.00 7.58
CA THR B 153 -6.22 12.10 6.80
C THR B 153 -5.41 13.07 7.65
N ASP B 154 -5.57 13.04 8.98
CA ASP B 154 -4.86 13.96 9.85
C ASP B 154 -3.65 13.31 10.53
N VAL B 155 -3.88 12.35 11.43
CA VAL B 155 -2.78 11.72 12.14
C VAL B 155 -1.90 10.94 11.17
N GLY B 156 -2.52 10.21 10.25
CA GLY B 156 -1.78 9.39 9.30
C GLY B 156 -0.83 10.20 8.43
N ARG B 157 -1.30 11.32 7.89
CA ARG B 157 -0.43 12.14 7.04
C ARG B 157 0.68 12.81 7.85
N LYS B 158 0.41 13.18 9.11
CA LYS B 158 1.48 13.72 9.94
C LYS B 158 2.55 12.67 10.21
N LEU B 159 2.14 11.42 10.46
CA LEU B 159 3.12 10.38 10.74
C LEU B 159 3.89 9.98 9.47
N ILE B 160 3.18 9.65 8.39
CA ILE B 160 3.84 9.03 7.26
C ILE B 160 4.52 10.07 6.38
N ILE B 161 3.88 11.23 6.20
CA ILE B 161 4.42 12.23 5.28
C ILE B 161 5.30 13.25 5.98
N ASP B 162 4.86 13.76 7.14
CA ASP B 162 5.66 14.79 7.80
C ASP B 162 6.84 14.19 8.54
N GLN B 163 6.61 13.11 9.28
CA GLN B 163 7.61 12.51 10.14
C GLN B 163 8.25 11.26 9.54
N ASN B 164 7.70 10.77 8.42
CA ASN B 164 8.29 9.66 7.67
C ASN B 164 8.37 8.39 8.51
N VAL B 165 7.29 8.10 9.24
CA VAL B 165 7.30 6.98 10.17
C VAL B 165 7.32 5.65 9.42
N PHE B 166 6.67 5.58 8.24
CA PHE B 166 6.64 4.32 7.51
C PHE B 166 8.03 3.89 7.07
N ILE B 167 8.94 4.84 6.89
CA ILE B 167 10.32 4.54 6.56
C ILE B 167 11.16 4.35 7.81
N GLU B 168 11.04 5.28 8.76
CA GLU B 168 11.88 5.22 9.94
C GLU B 168 11.43 4.16 10.94
N GLY B 169 10.12 4.05 11.17
CA GLY B 169 9.60 3.12 12.15
C GLY B 169 9.04 1.81 11.61
N THR B 170 8.01 1.91 10.76
CA THR B 170 7.32 0.71 10.30
C THR B 170 8.25 -0.21 9.52
N LEU B 171 9.10 0.36 8.66
CA LEU B 171 9.99 -0.46 7.85
C LEU B 171 10.93 -1.34 8.69
N PRO B 172 11.69 -0.82 9.66
CA PRO B 172 12.51 -1.73 10.48
C PRO B 172 11.67 -2.70 11.31
N MET B 173 10.48 -2.29 11.75
CA MET B 173 9.61 -3.20 12.49
C MET B 173 8.99 -4.27 11.59
N GLY B 174 9.16 -4.16 10.28
CA GLY B 174 8.78 -5.19 9.35
C GLY B 174 9.88 -6.17 8.99
N VAL B 175 11.02 -6.10 9.69
CA VAL B 175 12.13 -7.04 9.52
C VAL B 175 12.56 -7.50 10.91
N VAL B 176 12.81 -8.81 11.04
CA VAL B 176 13.22 -9.35 12.33
C VAL B 176 14.63 -8.88 12.67
N ARG B 177 15.58 -9.11 11.76
CA ARG B 177 16.94 -8.67 12.03
C ARG B 177 17.06 -7.16 11.83
N PRO B 178 18.00 -6.52 12.53
CA PRO B 178 18.12 -5.06 12.40
C PRO B 178 18.74 -4.69 11.07
N LEU B 179 18.16 -3.67 10.43
CA LEU B 179 18.68 -3.16 9.17
C LEU B 179 19.88 -2.25 9.45
N THR B 180 20.95 -2.44 8.69
CA THR B 180 22.13 -1.59 8.88
C THR B 180 21.84 -0.18 8.38
N GLU B 181 22.72 0.75 8.75
CA GLU B 181 22.48 2.14 8.37
C GLU B 181 22.57 2.33 6.87
N VAL B 182 23.43 1.57 6.18
CA VAL B 182 23.53 1.63 4.72
C VAL B 182 22.20 1.23 4.08
N GLU B 183 21.60 0.15 4.57
CA GLU B 183 20.31 -0.32 4.04
C GLU B 183 19.21 0.72 4.26
N MET B 184 19.15 1.27 5.48
CA MET B 184 18.19 2.34 5.75
C MET B 184 18.39 3.54 4.82
N ASP B 185 19.65 3.91 4.55
CA ASP B 185 19.88 5.03 3.65
C ASP B 185 19.39 4.70 2.23
N HIS B 186 19.59 3.45 1.80
CA HIS B 186 19.07 3.05 0.50
C HIS B 186 17.55 3.13 0.45
N TYR B 187 16.87 2.76 1.54
CA TYR B 187 15.41 2.85 1.55
C TYR B 187 14.94 4.30 1.69
N ARG B 188 15.75 5.14 2.33
CA ARG B 188 15.41 6.55 2.50
C ARG B 188 15.56 7.35 1.21
N GLU B 189 16.54 6.98 0.37
CA GLU B 189 16.90 7.76 -0.82
C GLU B 189 15.72 8.31 -1.62
N PRO B 190 14.69 7.54 -1.97
CA PRO B 190 13.63 8.10 -2.84
C PRO B 190 12.66 9.04 -2.13
N PHE B 191 12.72 9.17 -0.80
CA PHE B 191 11.72 9.92 -0.05
C PHE B 191 12.37 10.95 0.85
N LEU B 192 13.41 11.60 0.34
CA LEU B 192 14.07 12.66 1.11
C LEU B 192 13.19 13.89 1.19
N ASN B 193 12.47 14.19 0.10
CA ASN B 193 11.52 15.29 0.07
C ASN B 193 10.18 14.81 0.59
N PRO B 194 9.65 15.40 1.66
CA PRO B 194 8.36 14.92 2.18
C PRO B 194 7.23 14.92 1.17
N VAL B 195 7.18 15.89 0.25
CA VAL B 195 6.10 15.93 -0.73
C VAL B 195 6.12 14.69 -1.64
N ASP B 196 7.27 14.02 -1.75
CA ASP B 196 7.38 12.80 -2.55
C ASP B 196 6.89 11.57 -1.79
N ARG B 197 6.33 11.74 -0.60
CA ARG B 197 5.93 10.63 0.28
C ARG B 197 4.44 10.32 0.21
N GLU B 198 3.73 10.86 -0.78
CA GLU B 198 2.31 10.54 -0.91
C GLU B 198 2.06 9.04 -1.03
N PRO B 199 2.81 8.27 -1.83
CA PRO B 199 2.51 6.83 -1.92
C PRO B 199 2.69 6.09 -0.61
N LEU B 200 3.66 6.46 0.23
CA LEU B 200 3.85 5.74 1.47
C LEU B 200 2.63 5.83 2.38
N TRP B 201 1.78 6.84 2.18
CA TRP B 201 0.57 7.03 2.96
C TRP B 201 -0.67 6.49 2.27
N ARG B 202 -0.74 6.55 0.93
CA ARG B 202 -1.92 6.07 0.23
C ARG B 202 -2.01 4.55 0.31
N PHE B 203 -0.88 3.83 0.24
CA PHE B 203 -0.95 2.37 0.29
C PHE B 203 -1.65 1.84 1.54
N PRO B 204 -1.27 2.22 2.76
CA PRO B 204 -2.01 1.71 3.91
C PRO B 204 -3.49 2.11 3.91
N ASN B 205 -3.85 3.19 3.22
CA ASN B 205 -5.25 3.57 3.05
C ASN B 205 -5.93 2.87 1.88
N GLU B 206 -5.18 2.07 1.12
CA GLU B 206 -5.76 1.20 0.12
C GLU B 206 -5.83 -0.25 0.58
N LEU B 207 -5.23 -0.57 1.72
CA LEU B 207 -5.24 -1.94 2.23
C LEU B 207 -6.67 -2.40 2.46
N PRO B 208 -7.05 -3.59 1.98
CA PRO B 208 -8.42 -4.10 2.17
C PRO B 208 -8.66 -4.62 3.59
N ILE B 209 -8.96 -3.69 4.49
CA ILE B 209 -9.15 -3.99 5.90
C ILE B 209 -10.57 -3.59 6.28
N ALA B 210 -11.35 -4.55 6.79
CA ALA B 210 -12.69 -4.29 7.30
C ALA B 210 -13.62 -3.75 6.21
N GLY B 211 -13.40 -4.18 4.97
CA GLY B 211 -14.28 -3.87 3.86
C GLY B 211 -14.11 -2.51 3.21
N GLU B 212 -13.11 -1.73 3.61
CA GLU B 212 -12.85 -0.42 3.02
C GLU B 212 -11.37 -0.33 2.68
N PRO B 213 -11.00 0.17 1.48
CA PRO B 213 -11.91 0.61 0.43
C PRO B 213 -12.65 -0.52 -0.27
N ALA B 214 -13.93 -0.28 -0.54
CA ALA B 214 -14.77 -1.33 -1.12
C ALA B 214 -14.20 -1.80 -2.45
N ASN B 215 -13.66 -0.88 -3.25
CA ASN B 215 -13.15 -1.26 -4.57
C ASN B 215 -11.94 -2.17 -4.45
N ILE B 216 -11.03 -1.87 -3.52
CA ILE B 216 -9.86 -2.73 -3.35
C ILE B 216 -10.28 -4.09 -2.78
N VAL B 217 -11.23 -4.11 -1.84
CA VAL B 217 -11.70 -5.38 -1.30
C VAL B 217 -12.28 -6.23 -2.41
N ALA B 218 -13.13 -5.64 -3.25
CA ALA B 218 -13.69 -6.39 -4.37
C ALA B 218 -12.59 -6.95 -5.27
N LEU B 219 -11.62 -6.10 -5.62
CA LEU B 219 -10.53 -6.53 -6.50
C LEU B 219 -9.72 -7.68 -5.89
N VAL B 220 -9.43 -7.58 -4.59
CA VAL B 220 -8.59 -8.59 -3.95
C VAL B 220 -9.35 -9.90 -3.82
N GLU B 221 -10.61 -9.84 -3.38
CA GLU B 221 -11.44 -11.03 -3.36
C GLU B 221 -11.49 -11.66 -4.74
N GLU B 222 -11.52 -10.83 -5.79
CA GLU B 222 -11.62 -11.34 -7.14
C GLU B 222 -10.38 -12.14 -7.52
N TYR B 223 -9.19 -11.57 -7.29
CA TYR B 223 -8.03 -12.37 -7.68
C TYR B 223 -7.74 -13.51 -6.70
N MET B 224 -8.21 -13.44 -5.46
CA MET B 224 -8.09 -14.59 -4.55
C MET B 224 -8.98 -15.74 -5.03
N ASP B 225 -10.18 -15.41 -5.52
CA ASP B 225 -11.05 -16.43 -6.09
C ASP B 225 -10.45 -17.02 -7.36
N TRP B 226 -9.84 -16.17 -8.20
CA TRP B 226 -9.16 -16.70 -9.37
C TRP B 226 -7.99 -17.61 -8.97
N LEU B 227 -7.27 -17.22 -7.91
CA LEU B 227 -6.12 -17.99 -7.46
C LEU B 227 -6.53 -19.37 -6.98
N HIS B 228 -7.63 -19.46 -6.24
CA HIS B 228 -8.09 -20.77 -5.80
C HIS B 228 -8.53 -21.67 -6.96
N GLN B 229 -8.70 -21.12 -8.16
CA GLN B 229 -9.12 -21.88 -9.33
C GLN B 229 -8.04 -22.02 -10.39
N SER B 230 -6.86 -21.47 -10.17
CA SER B 230 -5.94 -21.60 -11.29
C SER B 230 -4.97 -22.75 -11.08
N PRO B 231 -4.63 -23.48 -12.14
CA PRO B 231 -3.58 -24.50 -12.03
C PRO B 231 -2.17 -23.96 -12.15
N VAL B 232 -2.03 -22.64 -12.22
CA VAL B 232 -0.70 -22.02 -12.37
C VAL B 232 0.19 -22.50 -11.25
N PRO B 233 1.45 -22.84 -11.51
CA PRO B 233 2.36 -23.23 -10.43
C PRO B 233 2.55 -22.10 -9.43
N LYS B 234 2.46 -22.44 -8.14
CA LYS B 234 2.52 -21.47 -7.06
C LYS B 234 3.58 -21.85 -6.04
N LEU B 235 4.34 -20.85 -5.60
CA LEU B 235 5.35 -21.00 -4.56
C LEU B 235 5.10 -19.93 -3.50
N LEU B 236 4.77 -20.37 -2.28
CA LEU B 236 4.40 -19.48 -1.19
C LEU B 236 5.48 -19.51 -0.13
N PHE B 237 6.08 -18.35 0.14
CA PHE B 237 7.04 -18.22 1.23
C PHE B 237 6.35 -17.59 2.43
N TRP B 238 6.68 -18.06 3.62
CA TRP B 238 6.06 -17.49 4.81
C TRP B 238 7.04 -17.55 5.98
N GLY B 239 6.84 -16.65 6.94
CA GLY B 239 7.66 -16.61 8.13
C GLY B 239 6.82 -16.52 9.38
N THR B 240 7.51 -16.61 10.52
CA THR B 240 6.86 -16.54 11.80
C THR B 240 7.35 -15.32 12.56
N PRO B 241 6.46 -14.47 13.07
CA PRO B 241 4.99 -14.60 13.07
C PRO B 241 4.31 -14.09 11.80
N GLY B 242 5.07 -13.47 10.90
CA GLY B 242 4.52 -12.81 9.75
C GLY B 242 3.75 -11.54 10.11
N VAL B 243 3.24 -10.89 9.07
CA VAL B 243 2.44 -9.68 9.24
C VAL B 243 1.13 -9.88 8.50
N LEU B 244 1.20 -9.91 7.17
CA LEU B 244 0.00 -10.13 6.36
C LEU B 244 -0.41 -11.59 6.34
N ILE B 245 0.56 -12.52 6.38
CA ILE B 245 0.26 -13.95 6.29
C ILE B 245 0.79 -14.66 7.53
N PRO B 246 -0.03 -14.84 8.57
CA PRO B 246 0.39 -15.62 9.74
C PRO B 246 0.60 -17.08 9.38
N PRO B 247 1.38 -17.82 10.18
CA PRO B 247 1.69 -19.22 9.81
C PRO B 247 0.47 -20.09 9.58
N ALA B 248 -0.59 -19.89 10.39
CA ALA B 248 -1.83 -20.63 10.21
C ALA B 248 -2.41 -20.43 8.81
N GLU B 249 -2.48 -19.17 8.38
CA GLU B 249 -3.00 -18.85 7.05
C GLU B 249 -2.11 -19.45 5.96
N ALA B 250 -0.79 -19.39 6.16
CA ALA B 250 0.12 -19.98 5.18
C ALA B 250 -0.14 -21.47 5.04
N ALA B 251 -0.31 -22.17 6.16
CA ALA B 251 -0.62 -23.60 6.13
C ALA B 251 -1.93 -23.85 5.38
N ARG B 252 -2.96 -23.05 5.68
CA ARG B 252 -4.23 -23.16 4.97
C ARG B 252 -4.02 -23.07 3.47
N LEU B 253 -3.35 -22.00 3.03
CA LEU B 253 -3.18 -21.75 1.59
C LEU B 253 -2.33 -22.83 0.93
N ALA B 254 -1.35 -23.38 1.65
CA ALA B 254 -0.49 -24.40 1.05
C ALA B 254 -1.29 -25.59 0.55
N LYS B 255 -2.36 -25.95 1.25
CA LYS B 255 -3.19 -27.08 0.85
C LYS B 255 -4.37 -26.66 0.00
N SER B 256 -4.96 -25.49 0.26
CA SER B 256 -6.16 -25.09 -0.49
C SER B 256 -5.83 -24.64 -1.91
N LEU B 257 -4.60 -24.17 -2.15
CA LEU B 257 -4.22 -23.64 -3.47
C LEU B 257 -3.68 -24.76 -4.35
N PRO B 258 -4.11 -24.84 -5.61
CA PRO B 258 -3.56 -25.84 -6.52
C PRO B 258 -2.11 -25.54 -6.89
N ASN B 259 -1.34 -26.62 -7.09
CA ASN B 259 0.07 -26.53 -7.47
C ASN B 259 0.81 -25.53 -6.61
N CYS B 260 0.63 -25.63 -5.29
CA CYS B 260 1.24 -24.70 -4.35
C CYS B 260 2.22 -25.44 -3.47
N LYS B 261 3.48 -25.05 -3.53
CA LYS B 261 4.51 -25.51 -2.60
C LYS B 261 4.80 -24.36 -1.64
N ALA B 262 4.80 -24.64 -0.34
CA ALA B 262 5.08 -23.64 0.67
C ALA B 262 6.47 -23.86 1.26
N VAL B 263 7.10 -22.76 1.67
CA VAL B 263 8.44 -22.78 2.24
C VAL B 263 8.51 -21.90 3.48
N ASP B 264 8.99 -22.48 4.58
CA ASP B 264 9.26 -21.78 5.83
C ASP B 264 10.66 -21.17 5.76
N ILE B 265 10.73 -19.84 5.83
CA ILE B 265 12.01 -19.15 5.80
C ILE B 265 12.55 -18.87 7.20
N GLY B 266 11.82 -19.25 8.24
CA GLY B 266 12.23 -18.99 9.60
C GLY B 266 11.53 -17.78 10.18
N PRO B 267 12.22 -17.06 11.06
CA PRO B 267 11.64 -15.82 11.59
C PRO B 267 11.49 -14.79 10.47
N GLY B 268 10.33 -14.14 10.44
CA GLY B 268 10.06 -13.12 9.44
C GLY B 268 8.83 -12.33 9.82
N LEU B 269 8.71 -11.15 9.21
CA LEU B 269 7.54 -10.33 9.44
C LEU B 269 6.90 -9.96 8.10
N ASN B 270 7.35 -8.89 7.46
CA ASN B 270 6.83 -8.54 6.14
C ASN B 270 7.88 -8.64 5.06
N LEU B 271 9.05 -8.02 5.26
CA LEU B 271 10.14 -8.12 4.29
C LEU B 271 10.91 -9.40 4.56
N LEU B 272 10.32 -10.52 4.14
CA LEU B 272 10.99 -11.79 4.29
C LEU B 272 12.28 -11.81 3.47
N GLN B 273 12.34 -11.00 2.40
CA GLN B 273 13.55 -10.92 1.59
C GLN B 273 14.73 -10.42 2.40
N GLU B 274 14.48 -9.63 3.45
CA GLU B 274 15.56 -9.10 4.26
C GLU B 274 15.97 -10.04 5.38
N ASP B 275 15.11 -10.97 5.76
CA ASP B 275 15.43 -11.89 6.84
C ASP B 275 16.06 -13.18 6.35
N ASN B 276 15.67 -13.65 5.16
CA ASN B 276 16.23 -14.89 4.60
C ASN B 276 16.23 -14.79 3.08
N PRO B 277 17.08 -13.92 2.52
CA PRO B 277 17.13 -13.82 1.05
C PRO B 277 17.71 -15.04 0.40
N ASP B 278 18.65 -15.71 1.06
CA ASP B 278 19.31 -16.88 0.47
C ASP B 278 18.30 -17.99 0.17
N LEU B 279 17.49 -18.35 1.16
CA LEU B 279 16.49 -19.39 0.93
C LEU B 279 15.50 -19.00 -0.15
N ILE B 280 14.99 -17.76 -0.12
CA ILE B 280 14.02 -17.35 -1.13
C ILE B 280 14.63 -17.45 -2.53
N GLY B 281 15.87 -16.99 -2.69
CA GLY B 281 16.50 -17.06 -4.00
C GLY B 281 16.79 -18.48 -4.43
N SER B 282 17.34 -19.30 -3.53
CA SER B 282 17.65 -20.69 -3.89
C SER B 282 16.38 -21.45 -4.24
N GLU B 283 15.31 -21.25 -3.46
CA GLU B 283 14.07 -21.95 -3.75
C GLU B 283 13.49 -21.48 -5.08
N ILE B 284 13.49 -20.17 -5.35
CA ILE B 284 12.95 -19.69 -6.63
C ILE B 284 13.76 -20.26 -7.79
N ALA B 285 15.10 -20.26 -7.68
CA ALA B 285 15.95 -20.77 -8.74
C ALA B 285 15.69 -22.25 -9.01
N ARG B 286 15.68 -23.06 -7.96
CA ARG B 286 15.38 -24.48 -8.12
C ARG B 286 13.97 -24.70 -8.65
N TRP B 287 13.01 -23.89 -8.19
CA TRP B 287 11.61 -24.00 -8.60
C TRP B 287 11.42 -23.68 -10.07
N LEU B 288 12.20 -22.73 -10.60
CA LEU B 288 12.03 -22.35 -12.00
C LEU B 288 12.44 -23.48 -12.94
N SER B 289 13.43 -24.29 -12.54
CA SER B 289 13.85 -25.40 -13.39
C SER B 289 12.80 -26.51 -13.45
N THR B 290 11.81 -26.50 -12.57
CA THR B 290 10.73 -27.47 -12.63
C THR B 290 9.55 -26.98 -13.45
N LEU B 291 9.60 -25.75 -13.96
CA LEU B 291 8.52 -25.24 -14.78
C LEU B 291 8.79 -25.54 -16.25
N GLU B 292 7.74 -25.47 -17.05
CA GLU B 292 7.83 -25.68 -18.49
C GLU B 292 7.91 -24.32 -19.20
N ILE B 293 9.06 -23.66 -19.03
CA ILE B 293 9.28 -22.35 -19.61
C ILE B 293 10.51 -22.34 -20.50
N GLY C 1 45.75 19.09 -17.55
CA GLY C 1 45.61 18.01 -18.52
C GLY C 1 44.19 17.63 -18.89
N ILE C 2 44.07 16.85 -19.96
CA ILE C 2 42.79 16.38 -20.46
C ILE C 2 42.38 15.11 -19.71
N GLY C 3 41.38 15.26 -18.83
CA GLY C 3 40.91 14.17 -17.98
C GLY C 3 40.56 12.88 -18.69
N THR C 4 41.05 11.76 -18.13
CA THR C 4 40.86 10.43 -18.69
C THR C 4 39.69 9.67 -18.08
N GLY C 5 39.16 10.14 -16.94
CA GLY C 5 38.06 9.43 -16.30
C GLY C 5 36.74 9.60 -17.04
N PHE C 6 35.78 8.75 -16.66
CA PHE C 6 34.42 8.77 -17.22
C PHE C 6 33.43 8.73 -16.07
N PRO C 7 33.24 9.86 -15.35
CA PRO C 7 32.42 9.88 -14.13
C PRO C 7 30.92 10.03 -14.40
N PHE C 8 30.39 9.15 -15.25
CA PHE C 8 28.98 9.19 -15.65
C PHE C 8 28.31 7.87 -15.33
N ASP C 9 27.22 7.94 -14.59
CA ASP C 9 26.47 6.75 -14.23
C ASP C 9 25.86 6.12 -15.48
N PRO C 10 25.97 4.81 -15.64
CA PRO C 10 25.46 4.19 -16.88
C PRO C 10 23.94 4.22 -16.92
N HIS C 11 23.41 4.58 -18.09
CA HIS C 11 21.98 4.46 -18.34
C HIS C 11 21.82 3.45 -19.47
N TYR C 12 20.78 2.62 -19.38
CA TYR C 12 20.46 1.66 -20.43
C TYR C 12 19.00 1.80 -20.82
N VAL C 13 18.73 1.74 -22.12
CA VAL C 13 17.36 1.77 -22.62
C VAL C 13 17.18 0.64 -23.62
N GLU C 14 16.01 -0.01 -23.58
CA GLU C 14 15.72 -1.05 -24.54
C GLU C 14 15.17 -0.42 -25.82
N VAL C 15 15.81 -0.73 -26.93
CA VAL C 15 15.55 -0.13 -28.23
C VAL C 15 15.57 -1.26 -29.26
N LEU C 16 14.43 -1.54 -29.86
CA LEU C 16 14.32 -2.57 -30.90
C LEU C 16 14.97 -3.89 -30.47
N GLY C 17 14.72 -4.28 -29.22
CA GLY C 17 15.22 -5.55 -28.73
C GLY C 17 16.67 -5.56 -28.30
N GLU C 18 17.38 -4.45 -28.42
CA GLU C 18 18.77 -4.37 -28.00
C GLU C 18 18.86 -3.30 -26.91
N ARG C 19 19.88 -3.40 -26.07
CA ARG C 19 20.08 -2.37 -25.04
C ARG C 19 21.15 -1.38 -25.48
N MET C 20 20.84 -0.09 -25.32
CA MET C 20 21.74 1.00 -25.68
C MET C 20 22.14 1.76 -24.43
N HIS C 21 23.46 1.83 -24.20
CA HIS C 21 24.03 2.61 -23.12
C HIS C 21 24.04 4.09 -23.49
N TYR C 22 23.80 4.94 -22.49
CA TYR C 22 23.80 6.39 -22.69
C TYR C 22 24.11 7.10 -21.38
N VAL C 23 24.76 8.27 -21.52
CA VAL C 23 25.00 9.24 -20.45
C VAL C 23 23.79 10.14 -20.35
N ASP C 24 23.32 10.42 -19.12
CA ASP C 24 22.21 11.35 -18.91
C ASP C 24 22.50 12.14 -17.64
N VAL C 25 22.82 13.43 -17.78
CA VAL C 25 23.10 14.31 -16.65
C VAL C 25 22.46 15.67 -16.90
N GLY C 26 22.41 16.50 -15.86
CA GLY C 26 21.88 17.84 -15.98
C GLY C 26 20.43 17.94 -15.52
N PRO C 27 19.86 19.14 -15.63
CA PRO C 27 18.47 19.35 -15.22
C PRO C 27 17.46 18.58 -16.08
N ARG C 28 16.32 18.24 -15.47
CA ARG C 28 15.30 17.40 -16.08
C ARG C 28 14.26 18.17 -16.87
N ASP C 29 14.20 19.49 -16.69
CA ASP C 29 13.04 20.27 -17.10
C ASP C 29 13.14 21.00 -18.44
N GLY C 30 14.34 21.26 -18.94
CA GLY C 30 14.52 22.11 -20.11
C GLY C 30 14.64 21.37 -21.41
N THR C 31 15.31 22.01 -22.38
CA THR C 31 15.62 21.38 -23.66
C THR C 31 16.87 20.54 -23.51
N PRO C 32 16.88 19.30 -23.98
CA PRO C 32 18.08 18.48 -23.84
C PRO C 32 19.04 18.65 -25.01
N VAL C 33 20.31 18.41 -24.71
CA VAL C 33 21.40 18.46 -25.67
C VAL C 33 21.85 17.03 -25.91
N LEU C 34 21.76 16.59 -27.17
CA LEU C 34 22.07 15.23 -27.57
C LEU C 34 23.43 15.22 -28.26
N PHE C 35 24.37 14.45 -27.70
CA PHE C 35 25.74 14.36 -28.18
C PHE C 35 25.90 13.05 -28.93
N LEU C 36 26.19 13.14 -30.23
CA LEU C 36 26.35 11.95 -31.08
C LEU C 36 27.82 11.79 -31.47
N HIS C 37 28.43 10.71 -30.99
CA HIS C 37 29.80 10.37 -31.34
C HIS C 37 29.85 9.67 -32.69
N GLY C 38 31.07 9.39 -33.15
CA GLY C 38 31.28 8.73 -34.42
C GLY C 38 32.18 7.51 -34.28
N ASN C 39 32.93 7.23 -35.34
CA ASN C 39 33.81 6.10 -35.54
C ASN C 39 35.25 6.47 -35.22
N PRO C 40 35.98 5.67 -34.42
CA PRO C 40 35.50 4.49 -33.70
C PRO C 40 35.24 4.78 -32.23
N THR C 41 34.75 5.98 -31.93
CA THR C 41 34.64 6.45 -30.55
C THR C 41 33.32 5.98 -29.92
N SER C 42 33.09 6.41 -28.68
CA SER C 42 31.84 6.23 -27.97
C SER C 42 31.52 7.53 -27.26
N SER C 43 30.57 7.49 -26.32
CA SER C 43 30.29 8.69 -25.53
C SER C 43 31.50 9.13 -24.72
N TYR C 44 32.50 8.26 -24.58
CA TYR C 44 33.72 8.62 -23.87
C TYR C 44 34.36 9.88 -24.47
N VAL C 45 34.13 10.12 -25.76
CA VAL C 45 34.76 11.26 -26.43
C VAL C 45 34.20 12.58 -25.91
N TRP C 46 32.97 12.60 -25.42
CA TRP C 46 32.38 13.83 -24.90
C TRP C 46 32.69 14.05 -23.43
N ARG C 47 33.57 13.22 -22.85
CA ARG C 47 33.71 13.16 -21.40
C ARG C 47 34.22 14.48 -20.82
N ASN C 48 34.98 15.25 -21.59
CA ASN C 48 35.57 16.48 -21.08
C ASN C 48 34.84 17.71 -21.58
N ILE C 49 33.80 17.54 -22.39
CA ILE C 49 32.97 18.63 -22.88
C ILE C 49 31.65 18.72 -22.13
N ILE C 50 31.07 17.58 -21.75
CA ILE C 50 29.78 17.59 -21.05
C ILE C 50 29.83 18.36 -19.74
N PRO C 51 30.86 18.24 -18.89
CA PRO C 51 30.87 19.01 -17.64
C PRO C 51 30.74 20.52 -17.83
N HIS C 52 30.99 21.04 -19.02
CA HIS C 52 30.75 22.46 -19.28
C HIS C 52 29.27 22.76 -19.48
N VAL C 53 28.49 21.77 -19.92
CA VAL C 53 27.12 21.99 -20.36
C VAL C 53 26.12 21.49 -19.31
N ALA C 54 26.49 20.43 -18.59
CA ALA C 54 25.60 19.87 -17.57
C ALA C 54 25.12 20.86 -16.52
N PRO C 55 25.92 21.83 -16.04
CA PRO C 55 25.40 22.76 -15.02
C PRO C 55 24.11 23.48 -15.39
N THR C 56 23.88 23.79 -16.67
CA THR C 56 22.69 24.56 -17.05
C THR C 56 21.72 23.79 -17.94
N HIS C 57 22.18 22.78 -18.68
CA HIS C 57 21.33 22.05 -19.62
C HIS C 57 21.56 20.56 -19.49
N ARG C 58 20.54 19.80 -19.88
CA ARG C 58 20.61 18.34 -19.83
C ARG C 58 21.48 17.82 -20.96
N CYS C 59 22.42 16.94 -20.63
CA CYS C 59 23.26 16.27 -21.61
C CYS C 59 22.85 14.79 -21.72
N ILE C 60 22.57 14.35 -22.95
CA ILE C 60 22.28 12.95 -23.28
C ILE C 60 23.29 12.51 -24.33
N ALA C 61 24.08 11.48 -24.01
CA ALA C 61 25.15 11.02 -24.89
C ALA C 61 25.07 9.51 -25.08
N PRO C 62 24.39 9.04 -26.13
CA PRO C 62 24.28 7.61 -26.36
C PRO C 62 25.54 7.01 -26.99
N ASP C 63 25.75 5.73 -26.72
CA ASP C 63 26.70 4.92 -27.46
C ASP C 63 25.98 4.28 -28.63
N LEU C 64 26.51 4.46 -29.84
CA LEU C 64 25.87 3.90 -31.03
C LEU C 64 25.76 2.39 -30.93
N ILE C 65 24.78 1.84 -31.63
CA ILE C 65 24.56 0.39 -31.62
C ILE C 65 25.80 -0.32 -32.14
N GLY C 66 26.17 -1.40 -31.46
CA GLY C 66 27.37 -2.15 -31.80
C GLY C 66 28.66 -1.58 -31.25
N MET C 67 28.62 -0.44 -30.59
CA MET C 67 29.80 0.23 -30.07
C MET C 67 29.60 0.59 -28.61
N GLY C 68 30.71 0.91 -27.95
CA GLY C 68 30.66 1.31 -26.55
C GLY C 68 30.10 0.21 -25.68
N LYS C 69 29.24 0.61 -24.75
CA LYS C 69 28.62 -0.30 -23.80
C LYS C 69 27.21 -0.71 -24.24
N SER C 70 26.83 -0.40 -25.48
CA SER C 70 25.57 -0.87 -26.02
C SER C 70 25.73 -2.27 -26.62
N ASP C 71 24.60 -2.94 -26.81
CA ASP C 71 24.58 -4.30 -27.35
C ASP C 71 25.10 -4.30 -28.79
N LYS C 72 25.57 -5.47 -29.24
CA LYS C 72 26.21 -5.60 -30.55
C LYS C 72 25.60 -6.77 -31.34
N PRO C 73 24.41 -6.59 -31.90
CA PRO C 73 23.80 -7.64 -32.72
C PRO C 73 24.55 -7.87 -34.02
N ASP C 74 24.21 -9.00 -34.68
CA ASP C 74 24.83 -9.40 -35.94
C ASP C 74 24.15 -8.67 -37.11
N LEU C 75 24.46 -7.38 -37.21
CA LEU C 75 23.93 -6.54 -38.28
C LEU C 75 25.05 -6.17 -39.24
N GLY C 76 24.66 -5.70 -40.43
CA GLY C 76 25.66 -5.18 -41.34
C GLY C 76 26.25 -3.86 -40.88
N TYR C 77 25.56 -3.16 -39.98
CA TYR C 77 26.02 -1.89 -39.43
C TYR C 77 26.24 -0.85 -40.52
N PHE C 78 25.39 -0.88 -41.55
CA PHE C 78 25.36 0.21 -42.50
C PHE C 78 24.86 1.47 -41.82
N PHE C 79 24.98 2.60 -42.52
CA PHE C 79 24.48 3.86 -41.97
C PHE C 79 22.99 3.75 -41.66
N ASP C 80 22.23 3.06 -42.53
CA ASP C 80 20.80 2.92 -42.32
C ASP C 80 20.48 2.16 -41.03
N ASP C 81 21.33 1.20 -40.64
CA ASP C 81 21.13 0.51 -39.37
C ASP C 81 21.21 1.48 -38.20
N HIS C 82 22.24 2.34 -38.19
CA HIS C 82 22.37 3.34 -37.14
C HIS C 82 21.24 4.35 -37.20
N VAL C 83 20.71 4.61 -38.39
CA VAL C 83 19.55 5.51 -38.50
C VAL C 83 18.37 4.90 -37.78
N ARG C 84 18.07 3.62 -38.05
CA ARG C 84 16.95 2.96 -37.39
C ARG C 84 17.13 2.98 -35.88
N PHE C 85 18.31 2.57 -35.41
CA PHE C 85 18.51 2.48 -33.97
C PHE C 85 18.53 3.85 -33.31
N MET C 86 18.97 4.90 -34.00
CA MET C 86 19.03 6.21 -33.37
C MET C 86 17.66 6.90 -33.37
N ASP C 87 16.88 6.73 -34.43
CA ASP C 87 15.49 7.16 -34.41
C ASP C 87 14.76 6.51 -33.25
N ALA C 88 14.95 5.19 -33.08
CA ALA C 88 14.28 4.49 -32.01
C ALA C 88 14.82 4.89 -30.63
N PHE C 89 16.10 5.24 -30.53
CA PHE C 89 16.63 5.74 -29.27
C PHE C 89 16.03 7.09 -28.92
N ILE C 90 15.85 7.96 -29.93
CA ILE C 90 15.33 9.29 -29.65
C ILE C 90 13.88 9.18 -29.20
N GLU C 91 13.12 8.25 -29.78
CA GLU C 91 11.74 8.10 -29.31
C GLU C 91 11.65 7.34 -27.99
N ALA C 92 12.58 6.41 -27.73
CA ALA C 92 12.53 5.63 -26.50
C ALA C 92 12.74 6.49 -25.26
N LEU C 93 13.47 7.59 -25.40
CA LEU C 93 13.65 8.56 -24.31
C LEU C 93 12.61 9.67 -24.33
N GLY C 94 11.64 9.59 -25.24
CA GLY C 94 10.57 10.58 -25.31
C GLY C 94 11.00 12.02 -25.49
N LEU C 95 12.02 12.25 -26.32
CA LEU C 95 12.53 13.60 -26.54
C LEU C 95 11.66 14.38 -27.51
N GLU C 96 11.34 15.63 -27.15
CA GLU C 96 10.50 16.45 -28.03
C GLU C 96 11.39 17.29 -28.93
N GLU C 97 11.94 18.36 -28.35
CA GLU C 97 12.85 19.27 -29.02
C GLU C 97 14.24 19.10 -28.42
N VAL C 98 15.28 19.23 -29.25
CA VAL C 98 16.66 18.97 -28.81
C VAL C 98 17.61 19.99 -29.42
N VAL C 99 18.80 20.09 -28.83
CA VAL C 99 19.96 20.73 -29.42
C VAL C 99 20.98 19.64 -29.72
N LEU C 100 21.50 19.61 -30.94
CA LEU C 100 22.41 18.55 -31.34
C LEU C 100 23.87 19.01 -31.23
N VAL C 101 24.72 18.15 -30.68
CA VAL C 101 26.17 18.30 -30.70
C VAL C 101 26.72 17.01 -31.29
N ILE C 102 27.19 17.06 -32.53
CA ILE C 102 27.42 15.87 -33.32
C ILE C 102 28.82 15.90 -33.92
N HIS C 103 29.41 14.71 -34.06
CA HIS C 103 30.77 14.62 -34.60
C HIS C 103 30.93 13.35 -35.43
N ASP C 104 31.69 13.46 -36.51
CA ASP C 104 32.01 12.35 -37.42
C ASP C 104 30.71 11.70 -37.87
N TRP C 105 30.53 10.39 -37.73
CA TRP C 105 29.33 9.74 -38.23
C TRP C 105 28.09 10.13 -37.45
N GLY C 106 28.25 10.45 -36.15
CA GLY C 106 27.13 10.98 -35.41
C GLY C 106 26.54 12.19 -36.10
N SER C 107 27.38 13.02 -36.72
CA SER C 107 26.87 14.18 -37.44
C SER C 107 25.96 13.74 -38.58
N ALA C 108 26.40 12.75 -39.36
CA ALA C 108 25.54 12.22 -40.41
C ALA C 108 24.21 11.76 -39.85
N LEU C 109 24.22 11.15 -38.66
CA LEU C 109 22.96 10.82 -38.00
C LEU C 109 22.19 12.09 -37.68
N GLY C 110 22.79 12.98 -36.89
CA GLY C 110 22.10 14.17 -36.40
C GLY C 110 21.51 14.98 -37.53
N PHE C 111 22.37 15.43 -38.45
CA PHE C 111 21.92 16.19 -39.61
C PHE C 111 20.76 15.49 -40.31
N HIS C 112 20.89 14.18 -40.57
CA HIS C 112 19.81 13.47 -41.25
C HIS C 112 18.52 13.58 -40.46
N TRP C 113 18.58 13.26 -39.17
CA TRP C 113 17.42 13.40 -38.31
C TRP C 113 16.92 14.84 -38.35
N ALA C 114 17.86 15.79 -38.33
CA ALA C 114 17.48 17.20 -38.36
C ALA C 114 16.73 17.57 -39.63
N LYS C 115 17.14 17.02 -40.78
CA LYS C 115 16.40 17.32 -42.00
C LYS C 115 14.99 16.78 -41.91
N ARG C 116 14.83 15.60 -41.32
CA ARG C 116 13.52 14.96 -41.28
C ARG C 116 12.63 15.49 -40.16
N ASN C 117 13.20 16.16 -39.16
CA ASN C 117 12.42 16.71 -38.05
C ASN C 117 12.92 18.13 -37.75
N PRO C 118 12.78 19.05 -38.70
CA PRO C 118 13.32 20.40 -38.49
C PRO C 118 12.68 21.13 -37.34
N GLU C 119 11.39 20.92 -37.10
CA GLU C 119 10.70 21.66 -36.03
C GLU C 119 11.18 21.24 -34.65
N ARG C 120 11.88 20.11 -34.53
CA ARG C 120 12.32 19.59 -33.24
C ARG C 120 13.79 19.89 -32.96
N VAL C 121 14.50 20.57 -33.86
CA VAL C 121 15.92 20.85 -33.71
C VAL C 121 16.09 22.35 -33.46
N LYS C 122 16.42 22.71 -32.21
CA LYS C 122 16.61 24.09 -31.81
C LYS C 122 18.02 24.63 -32.09
N GLY C 123 19.00 23.76 -32.32
CA GLY C 123 20.35 24.20 -32.61
C GLY C 123 21.25 23.04 -32.93
N ILE C 124 22.29 23.26 -33.73
CA ILE C 124 23.22 22.21 -34.11
C ILE C 124 24.64 22.71 -33.91
N ALA C 125 25.34 22.14 -32.93
CA ALA C 125 26.79 22.28 -32.84
C ALA C 125 27.45 21.07 -33.50
N PHE C 126 28.39 21.32 -34.40
CA PHE C 126 29.01 20.23 -35.15
C PHE C 126 30.50 20.50 -35.35
N MET C 127 31.23 19.42 -35.62
CA MET C 127 32.68 19.44 -35.76
C MET C 127 33.08 18.20 -36.53
N GLU C 128 34.01 18.36 -37.46
CA GLU C 128 34.54 17.26 -38.28
C GLU C 128 33.41 16.34 -38.76
N PHE C 129 32.42 16.95 -39.41
CA PHE C 129 31.20 16.25 -39.81
C PHE C 129 31.34 15.56 -41.17
N ILE C 130 30.33 14.75 -41.50
CA ILE C 130 30.31 14.01 -42.76
C ILE C 130 29.71 14.89 -43.84
N ARG C 131 30.53 15.22 -44.85
CA ARG C 131 30.13 15.97 -46.03
C ARG C 131 30.45 15.13 -47.27
N PRO C 132 29.94 15.48 -48.45
CA PRO C 132 30.34 14.76 -49.67
C PRO C 132 31.81 15.05 -50.00
N ILE C 133 32.61 13.99 -50.08
CA ILE C 133 34.00 14.11 -50.52
C ILE C 133 34.07 13.87 -52.03
N PRO C 134 34.13 14.92 -52.84
CA PRO C 134 34.00 14.73 -54.29
C PRO C 134 35.15 13.94 -54.88
N THR C 135 36.37 14.25 -54.47
CA THR C 135 37.55 13.54 -54.91
C THR C 135 38.40 13.16 -53.69
N TRP C 136 39.34 12.25 -53.92
CA TRP C 136 40.31 11.91 -52.87
C TRP C 136 41.26 13.07 -52.59
N ASP C 137 41.28 14.10 -53.44
CA ASP C 137 42.15 15.25 -53.23
C ASP C 137 41.78 16.02 -51.97
N GLU C 138 40.49 16.04 -51.62
CA GLU C 138 40.05 16.78 -50.44
C GLU C 138 40.24 16.01 -49.15
N TRP C 139 40.67 14.77 -49.23
CA TRP C 139 41.06 14.00 -48.06
C TRP C 139 42.54 14.28 -47.76
N PRO C 140 42.92 14.43 -46.49
CA PRO C 140 44.33 14.70 -46.17
C PRO C 140 45.23 13.62 -46.76
N GLU C 141 46.36 14.05 -47.33
CA GLU C 141 47.18 13.14 -48.12
C GLU C 141 47.70 11.97 -47.30
N PHE C 142 48.10 12.21 -46.05
CA PHE C 142 48.72 11.16 -45.24
C PHE C 142 47.77 10.01 -44.96
N ALA C 143 46.46 10.21 -45.06
CA ALA C 143 45.51 9.16 -44.80
C ALA C 143 44.90 8.58 -46.08
N ARG C 144 45.35 9.04 -47.26
CA ARG C 144 44.68 8.65 -48.50
C ARG C 144 44.87 7.17 -48.81
N GLU C 145 46.11 6.67 -48.74
CA GLU C 145 46.37 5.27 -49.03
C GLU C 145 45.64 4.35 -48.08
N THR C 146 45.62 4.69 -46.78
CA THR C 146 45.07 3.78 -45.78
C THR C 146 43.58 3.58 -45.98
N PHE C 147 42.83 4.68 -46.11
CA PHE C 147 41.37 4.57 -46.24
C PHE C 147 40.97 3.94 -47.56
N GLN C 148 41.75 4.18 -48.62
CA GLN C 148 41.53 3.49 -49.88
C GLN C 148 41.69 1.98 -49.70
N ALA C 149 42.64 1.56 -48.85
CA ALA C 149 42.77 0.16 -48.49
C ALA C 149 41.59 -0.30 -47.63
N PHE C 150 41.11 0.57 -46.74
CA PHE C 150 39.96 0.22 -45.91
C PHE C 150 38.74 -0.12 -46.75
N ARG C 151 38.61 0.51 -47.91
CA ARG C 151 37.41 0.33 -48.75
C ARG C 151 37.56 -0.81 -49.75
N THR C 152 38.01 -1.97 -49.25
CA THR C 152 38.08 -3.21 -50.01
C THR C 152 37.68 -4.34 -49.06
N THR C 153 36.94 -5.32 -49.59
CA THR C 153 36.35 -6.34 -48.74
C THR C 153 37.37 -7.32 -48.15
N ASP C 154 38.57 -7.42 -48.72
CA ASP C 154 39.58 -8.34 -48.20
C ASP C 154 40.65 -7.62 -47.38
N VAL C 155 41.38 -6.68 -48.00
CA VAL C 155 42.45 -5.97 -47.31
C VAL C 155 41.89 -5.17 -46.13
N GLY C 156 40.77 -4.48 -46.37
CA GLY C 156 40.17 -3.66 -45.33
C GLY C 156 39.75 -4.47 -44.13
N ARG C 157 39.11 -5.62 -44.35
CA ARG C 157 38.67 -6.46 -43.24
C ARG C 157 39.85 -7.07 -42.49
N LYS C 158 40.95 -7.38 -43.19
CA LYS C 158 42.14 -7.85 -42.50
C LYS C 158 42.70 -6.76 -41.59
N LEU C 159 42.70 -5.51 -42.05
CA LEU C 159 43.23 -4.43 -41.25
C LEU C 159 42.35 -4.09 -40.06
N ILE C 160 41.06 -3.86 -40.30
CA ILE C 160 40.20 -3.27 -39.28
C ILE C 160 39.68 -4.32 -38.29
N ILE C 161 39.31 -5.51 -38.76
CA ILE C 161 38.67 -6.49 -37.88
C ILE C 161 39.68 -7.46 -37.29
N ASP C 162 40.60 -8.00 -38.11
CA ASP C 162 41.55 -8.99 -37.58
C ASP C 162 42.68 -8.32 -36.83
N GLN C 163 43.24 -7.25 -37.40
CA GLN C 163 44.40 -6.56 -36.84
C GLN C 163 44.03 -5.30 -36.08
N ASN C 164 42.76 -4.86 -36.18
CA ASN C 164 42.21 -3.78 -35.36
C ASN C 164 42.95 -2.46 -35.58
N VAL C 165 43.21 -2.15 -36.85
CA VAL C 165 44.03 -0.97 -37.16
C VAL C 165 43.28 0.31 -36.81
N PHE C 166 41.96 0.32 -37.00
CA PHE C 166 41.18 1.53 -36.77
C PHE C 166 41.19 1.95 -35.29
N ILE C 167 41.35 0.99 -34.38
CA ILE C 167 41.44 1.29 -32.95
C ILE C 167 42.86 1.60 -32.54
N GLU C 168 43.81 0.78 -32.97
CA GLU C 168 45.21 0.93 -32.57
C GLU C 168 45.89 2.06 -33.34
N GLY C 169 45.65 2.16 -34.64
CA GLY C 169 46.32 3.14 -35.46
C GLY C 169 45.56 4.40 -35.84
N THR C 170 44.43 4.25 -36.54
CA THR C 170 43.74 5.41 -37.08
C THR C 170 43.28 6.35 -35.96
N LEU C 171 42.82 5.78 -34.85
CA LEU C 171 42.32 6.61 -33.75
C LEU C 171 43.37 7.57 -33.19
N PRO C 172 44.56 7.12 -32.76
CA PRO C 172 45.56 8.11 -32.31
C PRO C 172 46.00 9.06 -33.40
N MET C 173 46.02 8.59 -34.65
CA MET C 173 46.38 9.44 -35.77
C MET C 173 45.29 10.47 -36.08
N GLY C 174 44.12 10.34 -35.47
CA GLY C 174 43.10 11.37 -35.57
C GLY C 174 43.17 12.40 -34.47
N VAL C 175 44.23 12.36 -33.66
CA VAL C 175 44.44 13.31 -32.57
C VAL C 175 45.86 13.85 -32.69
N VAL C 176 46.00 15.17 -32.51
CA VAL C 176 47.33 15.76 -32.58
C VAL C 176 48.17 15.34 -31.38
N ARG C 177 47.66 15.57 -30.16
CA ARG C 177 48.41 15.17 -28.98
C ARG C 177 48.30 13.65 -28.76
N PRO C 178 49.30 13.04 -28.12
CA PRO C 178 49.28 11.59 -27.95
C PRO C 178 48.26 11.15 -26.92
N LEU C 179 47.52 10.09 -27.24
CA LEU C 179 46.54 9.55 -26.33
C LEU C 179 47.23 8.68 -25.28
N THR C 180 46.89 8.90 -24.01
CA THR C 180 47.47 8.12 -22.93
C THR C 180 46.96 6.68 -22.97
N GLU C 181 47.62 5.82 -22.20
CA GLU C 181 47.27 4.41 -22.22
C GLU C 181 45.89 4.17 -21.62
N VAL C 182 45.50 4.96 -20.62
CA VAL C 182 44.15 4.83 -20.04
C VAL C 182 43.10 5.14 -21.10
N GLU C 183 43.32 6.22 -21.86
CA GLU C 183 42.38 6.60 -22.91
C GLU C 183 42.28 5.52 -23.97
N MET C 184 43.43 5.02 -24.41
CA MET C 184 43.44 3.91 -25.36
C MET C 184 42.70 2.69 -24.82
N ASP C 185 42.84 2.39 -23.53
CA ASP C 185 42.11 1.27 -22.97
C ASP C 185 40.61 1.51 -23.02
N HIS C 186 40.19 2.74 -22.74
CA HIS C 186 38.76 3.05 -22.81
C HIS C 186 38.23 2.87 -24.22
N TYR C 187 39.03 3.27 -25.22
CA TYR C 187 38.60 3.11 -26.61
C TYR C 187 38.68 1.67 -27.09
N ARG C 188 39.60 0.87 -26.52
CA ARG C 188 39.70 -0.53 -26.90
C ARG C 188 38.58 -1.36 -26.31
N GLU C 189 38.10 -0.97 -25.13
CA GLU C 189 37.14 -1.75 -24.34
C GLU C 189 36.03 -2.42 -25.16
N PRO C 190 35.29 -1.71 -26.02
CA PRO C 190 34.17 -2.37 -26.71
C PRO C 190 34.56 -3.27 -27.87
N PHE C 191 35.84 -3.31 -28.24
CA PHE C 191 36.25 -4.00 -29.46
C PHE C 191 37.35 -5.00 -29.17
N LEU C 192 37.24 -5.69 -28.02
CA LEU C 192 38.18 -6.74 -27.67
C LEU C 192 37.93 -7.99 -28.50
N ASN C 193 36.67 -8.29 -28.79
CA ASN C 193 36.32 -9.43 -29.62
C ASN C 193 36.37 -9.01 -31.09
N PRO C 194 37.18 -9.67 -31.93
CA PRO C 194 37.29 -9.24 -33.33
C PRO C 194 35.96 -9.16 -34.07
N VAL C 195 35.06 -10.13 -33.85
CA VAL C 195 33.80 -10.15 -34.58
C VAL C 195 32.94 -8.92 -34.29
N ASP C 196 33.16 -8.27 -33.15
CA ASP C 196 32.42 -7.06 -32.77
C ASP C 196 32.94 -5.80 -33.44
N ARG C 197 33.90 -5.94 -34.36
CA ARG C 197 34.55 -4.80 -34.99
C ARG C 197 33.95 -4.51 -36.37
N GLU C 198 32.80 -5.11 -36.67
CA GLU C 198 32.13 -4.86 -37.95
C GLU C 198 31.83 -3.39 -38.20
N PRO C 199 31.27 -2.62 -37.25
CA PRO C 199 30.98 -1.21 -37.57
C PRO C 199 32.23 -0.40 -37.90
N LEU C 200 33.38 -0.73 -37.31
CA LEU C 200 34.60 0.01 -37.59
C LEU C 200 35.02 -0.09 -39.06
N TRP C 201 34.59 -1.14 -39.76
CA TRP C 201 34.94 -1.37 -41.15
C TRP C 201 33.87 -0.91 -42.13
N ARG C 202 32.60 -1.03 -41.76
CA ARG C 202 31.53 -0.63 -42.68
C ARG C 202 31.50 0.88 -42.84
N PHE C 203 31.79 1.62 -41.77
CA PHE C 203 31.73 3.08 -41.85
C PHE C 203 32.63 3.66 -42.93
N PRO C 204 33.93 3.35 -42.99
CA PRO C 204 34.75 3.92 -44.08
C PRO C 204 34.27 3.50 -45.45
N ASN C 205 33.57 2.36 -45.56
CA ASN C 205 32.94 1.96 -46.79
C ASN C 205 31.56 2.61 -46.97
N GLU C 206 31.12 3.36 -45.98
CA GLU C 206 29.95 4.21 -46.10
C GLU C 206 30.30 5.68 -46.31
N LEU C 207 31.58 6.04 -46.18
CA LEU C 207 31.99 7.42 -46.39
C LEU C 207 31.67 7.84 -47.81
N PRO C 208 31.02 8.99 -48.01
CA PRO C 208 30.66 9.45 -49.36
C PRO C 208 31.86 10.04 -50.11
N ILE C 209 32.66 9.17 -50.72
CA ILE C 209 33.86 9.59 -51.44
C ILE C 209 33.72 9.19 -52.89
N ALA C 210 33.76 10.20 -53.78
CA ALA C 210 33.74 10.00 -55.23
C ALA C 210 32.45 9.31 -55.70
N GLY C 211 31.34 9.62 -55.05
CA GLY C 211 30.03 9.13 -55.47
C GLY C 211 29.68 7.73 -55.02
N GLU C 212 30.49 7.11 -54.18
CA GLU C 212 30.22 5.78 -53.67
C GLU C 212 30.37 5.81 -52.15
N PRO C 213 29.41 5.24 -51.41
CA PRO C 213 28.18 4.65 -51.95
C PRO C 213 27.19 5.73 -52.38
N ALA C 214 26.51 5.49 -53.51
CA ALA C 214 25.63 6.51 -54.09
C ALA C 214 24.52 6.92 -53.13
N ASN C 215 23.97 5.95 -52.38
CA ASN C 215 22.87 6.27 -51.47
C ASN C 215 23.32 7.18 -50.33
N ILE C 216 24.51 6.92 -49.77
CA ILE C 216 25.03 7.79 -48.71
C ILE C 216 25.37 9.16 -49.27
N VAL C 217 25.91 9.20 -50.49
CA VAL C 217 26.18 10.48 -51.13
C VAL C 217 24.90 11.28 -51.27
N ALA C 218 23.84 10.63 -51.75
CA ALA C 218 22.55 11.31 -51.90
C ALA C 218 22.05 11.86 -50.58
N LEU C 219 22.04 11.02 -49.54
CA LEU C 219 21.53 11.44 -48.24
C LEU C 219 22.33 12.63 -47.69
N VAL C 220 23.65 12.59 -47.84
CA VAL C 220 24.48 13.64 -47.26
C VAL C 220 24.31 14.95 -48.02
N GLU C 221 24.33 14.88 -49.36
CA GLU C 221 24.04 16.07 -50.16
C GLU C 221 22.70 16.67 -49.78
N GLU C 222 21.72 15.81 -49.49
CA GLU C 222 20.38 16.28 -49.16
C GLU C 222 20.37 17.08 -47.87
N TYR C 223 20.98 16.53 -46.81
CA TYR C 223 20.93 17.34 -45.59
C TYR C 223 21.89 18.53 -45.65
N MET C 224 22.92 18.50 -46.51
CA MET C 224 23.73 19.70 -46.68
C MET C 224 22.92 20.82 -47.36
N ASP C 225 22.09 20.46 -48.34
CA ASP C 225 21.22 21.45 -48.97
C ASP C 225 20.21 21.99 -47.97
N TRP C 226 19.63 21.11 -47.14
CA TRP C 226 18.71 21.58 -46.12
C TRP C 226 19.41 22.51 -45.13
N LEU C 227 20.67 22.22 -44.81
CA LEU C 227 21.43 23.06 -43.88
C LEU C 227 21.62 24.44 -44.45
N HIS C 228 21.94 24.54 -45.74
CA HIS C 228 22.11 25.86 -46.35
C HIS C 228 20.82 26.66 -46.40
N GLN C 229 19.66 26.03 -46.21
CA GLN C 229 18.37 26.70 -46.27
C GLN C 229 17.69 26.82 -44.92
N SER C 230 18.31 26.32 -43.87
CA SER C 230 17.66 26.36 -42.57
C SER C 230 18.15 27.55 -41.77
N PRO C 231 17.27 28.23 -41.02
CA PRO C 231 17.71 29.29 -40.12
C PRO C 231 18.18 28.81 -38.77
N VAL C 232 18.26 27.49 -38.57
CA VAL C 232 18.65 26.92 -37.27
C VAL C 232 20.02 27.45 -36.87
N PRO C 233 20.24 27.81 -35.61
CA PRO C 233 21.57 28.26 -35.19
C PRO C 233 22.60 27.17 -35.41
N LYS C 234 23.76 27.56 -35.96
CA LYS C 234 24.81 26.61 -36.27
C LYS C 234 26.11 27.07 -35.62
N LEU C 235 26.80 26.11 -35.01
CA LEU C 235 28.09 26.33 -34.37
C LEU C 235 29.05 25.31 -34.94
N LEU C 236 30.08 25.77 -35.63
CA LEU C 236 31.05 24.91 -36.31
C LEU C 236 32.40 25.05 -35.64
N PHE C 237 32.95 23.93 -35.16
CA PHE C 237 34.30 23.91 -34.63
C PHE C 237 35.21 23.30 -35.68
N TRP C 238 36.41 23.85 -35.82
CA TRP C 238 37.31 23.33 -36.83
C TRP C 238 38.75 23.47 -36.35
N GLY C 239 39.61 22.58 -36.86
CA GLY C 239 41.01 22.60 -36.50
C GLY C 239 41.88 22.47 -37.74
N THR C 240 43.19 22.65 -37.53
CA THR C 240 44.17 22.59 -38.60
C THR C 240 45.11 21.41 -38.37
N PRO C 241 45.30 20.53 -39.36
CA PRO C 241 44.74 20.63 -40.70
C PRO C 241 43.32 20.08 -40.82
N GLY C 242 42.83 19.48 -39.75
CA GLY C 242 41.58 18.75 -39.81
C GLY C 242 41.74 17.49 -40.63
N VAL C 243 40.66 16.74 -40.72
CA VAL C 243 40.64 15.53 -41.54
C VAL C 243 39.45 15.61 -42.50
N LEU C 244 38.24 15.53 -41.96
CA LEU C 244 37.06 15.64 -42.82
C LEU C 244 36.81 17.06 -43.26
N ILE C 245 37.10 18.05 -42.41
CA ILE C 245 36.79 19.45 -42.71
C ILE C 245 38.08 20.25 -42.69
N PRO C 246 38.76 20.42 -43.83
CA PRO C 246 39.95 21.27 -43.87
C PRO C 246 39.60 22.72 -43.59
N PRO C 247 40.56 23.52 -43.12
CA PRO C 247 40.24 24.92 -42.75
C PRO C 247 39.59 25.72 -43.87
N ALA C 248 40.00 25.50 -45.12
CA ALA C 248 39.37 26.20 -46.25
C ALA C 248 37.86 25.93 -46.31
N GLU C 249 37.48 24.65 -46.19
CA GLU C 249 36.07 24.30 -46.23
C GLU C 249 35.31 24.91 -45.05
N ALA C 250 35.91 24.91 -43.87
CA ALA C 250 35.27 25.51 -42.72
C ALA C 250 35.05 27.01 -42.95
N ALA C 251 36.06 27.71 -43.49
CA ALA C 251 35.91 29.13 -43.77
C ALA C 251 34.79 29.38 -44.76
N ARG C 252 34.75 28.60 -45.85
CA ARG C 252 33.66 28.71 -46.82
C ARG C 252 32.29 28.57 -46.15
N LEU C 253 32.11 27.49 -45.37
CA LEU C 253 30.83 27.24 -44.74
C LEU C 253 30.46 28.33 -43.76
N ALA C 254 31.46 28.92 -43.09
CA ALA C 254 31.19 29.97 -42.12
C ALA C 254 30.46 31.15 -42.75
N LYS C 255 30.71 31.43 -44.03
CA LYS C 255 30.03 32.50 -44.73
C LYS C 255 28.77 32.02 -45.46
N SER C 256 28.79 30.81 -46.03
CA SER C 256 27.63 30.38 -46.82
C SER C 256 26.44 29.93 -45.99
N LEU C 257 26.65 29.47 -44.73
CA LEU C 257 25.58 28.90 -43.90
C LEU C 257 24.87 29.99 -43.10
N PRO C 258 23.55 29.99 -43.05
CA PRO C 258 22.84 30.99 -42.23
C PRO C 258 23.05 30.72 -40.75
N ASN C 259 23.13 31.81 -39.97
CA ASN C 259 23.32 31.76 -38.52
C ASN C 259 24.40 30.78 -38.11
N CYS C 260 25.57 30.91 -38.74
CA CYS C 260 26.68 30.00 -38.49
C CYS C 260 27.81 30.79 -37.87
N LYS C 261 28.21 30.40 -36.67
CA LYS C 261 29.39 30.91 -36.00
C LYS C 261 30.48 29.84 -36.05
N ALA C 262 31.67 30.20 -36.50
CA ALA C 262 32.79 29.28 -36.55
C ALA C 262 33.78 29.58 -35.44
N VAL C 263 34.41 28.53 -34.95
CA VAL C 263 35.39 28.62 -33.86
C VAL C 263 36.60 27.79 -34.24
N ASP C 264 37.77 28.43 -34.19
CA ASP C 264 39.04 27.77 -34.41
C ASP C 264 39.51 27.14 -33.11
N ILE C 265 39.60 25.81 -33.09
CA ILE C 265 40.03 25.10 -31.89
C ILE C 265 41.54 24.90 -31.86
N GLY C 266 42.27 25.38 -32.86
CA GLY C 266 43.70 25.26 -32.92
C GLY C 266 44.11 24.09 -33.78
N PRO C 267 45.25 23.48 -33.44
CA PRO C 267 45.67 22.26 -34.16
C PRO C 267 44.68 21.15 -33.88
N GLY C 268 44.27 20.45 -34.93
CA GLY C 268 43.35 19.35 -34.77
C GLY C 268 43.31 18.49 -36.01
N LEU C 269 42.79 17.28 -35.84
CA LEU C 269 42.67 16.37 -36.96
C LEU C 269 41.22 15.91 -37.11
N ASN C 270 40.83 14.83 -36.43
CA ASN C 270 39.45 14.38 -36.48
C ASN C 270 38.77 14.45 -35.12
N LEU C 271 39.40 13.91 -34.08
CA LEU C 271 38.85 13.99 -32.73
C LEU C 271 39.24 15.35 -32.17
N LEU C 272 38.52 16.38 -32.63
CA LEU C 272 38.77 17.71 -32.12
C LEU C 272 38.48 17.79 -30.63
N GLN C 273 37.56 16.96 -30.13
CA GLN C 273 37.25 16.94 -28.71
C GLN C 273 38.46 16.56 -27.87
N GLU C 274 39.38 15.78 -28.43
CA GLU C 274 40.54 15.31 -27.70
C GLU C 274 41.71 16.29 -27.71
N ASP C 275 41.74 17.23 -28.65
CA ASP C 275 42.83 18.20 -28.71
C ASP C 275 42.52 19.48 -27.95
N ASN C 276 41.25 19.90 -27.92
CA ASN C 276 40.85 21.10 -27.18
C ASN C 276 39.42 20.93 -26.70
N PRO C 277 39.19 20.07 -25.70
CA PRO C 277 37.84 19.94 -25.16
C PRO C 277 37.37 21.18 -24.41
N ASP C 278 38.30 21.91 -23.79
CA ASP C 278 37.92 23.09 -23.01
C ASP C 278 37.21 24.12 -23.88
N LEU C 279 37.82 24.49 -25.01
CA LEU C 279 37.22 25.49 -25.88
C LEU C 279 35.87 25.05 -26.40
N ILE C 280 35.77 23.80 -26.86
CA ILE C 280 34.51 23.29 -27.39
C ILE C 280 33.41 23.36 -26.34
N GLY C 281 33.72 22.94 -25.10
CA GLY C 281 32.71 22.97 -24.06
C GLY C 281 32.30 24.39 -23.69
N SER C 282 33.28 25.29 -23.52
CA SER C 282 32.96 26.67 -23.16
C SER C 282 32.16 27.36 -24.27
N GLU C 283 32.54 27.15 -25.52
CA GLU C 283 31.83 27.77 -26.61
C GLU C 283 30.41 27.21 -26.73
N ILE C 284 30.25 25.89 -26.56
CA ILE C 284 28.90 25.31 -26.60
C ILE C 284 28.03 25.89 -25.50
N ALA C 285 28.58 26.03 -24.28
CA ALA C 285 27.78 26.59 -23.18
C ALA C 285 27.38 28.04 -23.48
N ARG C 286 28.34 28.86 -23.89
CA ARG C 286 28.06 30.25 -24.19
C ARG C 286 27.02 30.35 -25.31
N TRP C 287 27.15 29.50 -26.33
CA TRP C 287 26.21 29.48 -27.45
C TRP C 287 24.83 29.01 -27.03
N LEU C 288 24.74 28.07 -26.09
CA LEU C 288 23.43 27.62 -25.65
C LEU C 288 22.72 28.71 -24.89
N SER C 289 23.47 29.54 -24.16
CA SER C 289 22.77 30.58 -23.43
C SER C 289 22.17 31.64 -24.34
N THR C 290 22.57 31.69 -25.61
CA THR C 290 22.00 32.63 -26.58
C THR C 290 20.84 32.06 -27.36
N LEU C 291 20.49 30.80 -27.16
CA LEU C 291 19.37 30.22 -27.88
C LEU C 291 18.08 30.48 -27.10
N GLU C 292 16.96 30.36 -27.81
CA GLU C 292 15.65 30.49 -27.17
C GLU C 292 15.11 29.11 -26.85
N ILE C 293 15.72 28.49 -25.84
CA ILE C 293 15.33 27.17 -25.38
C ILE C 293 15.03 27.24 -23.89
N GLY D 1 -54.97 -14.67 6.17
CA GLY D 1 -53.91 -15.01 7.11
C GLY D 1 -52.57 -14.48 6.65
N ILE D 2 -52.38 -14.49 5.33
CA ILE D 2 -51.14 -13.99 4.73
C ILE D 2 -51.32 -12.48 4.54
N GLY D 3 -51.12 -11.75 5.63
CA GLY D 3 -51.19 -10.29 5.63
C GLY D 3 -50.18 -9.60 4.74
N THR D 4 -50.58 -8.60 3.94
CA THR D 4 -49.62 -7.91 3.11
C THR D 4 -49.06 -6.65 3.76
N GLY D 5 -49.70 -6.16 4.82
CA GLY D 5 -49.24 -4.97 5.50
C GLY D 5 -47.99 -5.20 6.34
N PHE D 6 -47.38 -4.08 6.74
CA PHE D 6 -46.19 -4.07 7.58
C PHE D 6 -46.46 -3.11 8.73
N PRO D 7 -47.26 -3.52 9.72
CA PRO D 7 -47.71 -2.63 10.80
C PRO D 7 -46.72 -2.55 11.96
N PHE D 8 -45.46 -2.27 11.64
CA PHE D 8 -44.40 -2.22 12.64
C PHE D 8 -43.73 -0.85 12.61
N ASP D 9 -43.63 -0.23 13.78
CA ASP D 9 -43.01 1.08 13.90
C ASP D 9 -41.51 1.00 13.60
N PRO D 10 -40.97 1.90 12.78
CA PRO D 10 -39.54 1.82 12.44
C PRO D 10 -38.65 2.22 13.61
N HIS D 11 -37.61 1.41 13.85
CA HIS D 11 -36.54 1.71 14.79
C HIS D 11 -35.21 1.75 14.04
N TYR D 12 -34.32 2.65 14.47
CA TYR D 12 -33.00 2.79 13.88
C TYR D 12 -31.95 2.77 14.98
N VAL D 13 -30.82 2.10 14.71
CA VAL D 13 -29.68 2.07 15.61
C VAL D 13 -28.43 2.41 14.82
N GLU D 14 -27.54 3.19 15.43
CA GLU D 14 -26.28 3.53 14.78
C GLU D 14 -25.31 2.37 14.96
N VAL D 15 -24.81 1.87 13.84
CA VAL D 15 -23.95 0.69 13.74
C VAL D 15 -22.85 1.02 12.74
N LEU D 16 -21.61 1.11 13.22
CA LEU D 16 -20.44 1.38 12.39
C LEU D 16 -20.66 2.59 11.48
N GLY D 17 -21.26 3.65 12.03
CA GLY D 17 -21.46 4.86 11.28
C GLY D 17 -22.65 4.89 10.35
N GLU D 18 -23.42 3.80 10.27
CA GLU D 18 -24.61 3.69 9.43
C GLU D 18 -25.82 3.43 10.31
N ARG D 19 -27.02 3.67 9.76
CA ARG D 19 -28.23 3.34 10.48
C ARG D 19 -28.72 1.97 10.04
N MET D 20 -29.10 1.14 10.99
CA MET D 20 -29.75 -0.13 10.71
C MET D 20 -31.16 -0.07 11.26
N HIS D 21 -32.13 -0.27 10.37
CA HIS D 21 -33.54 -0.39 10.75
C HIS D 21 -33.84 -1.77 11.32
N TYR D 22 -34.74 -1.80 12.31
CA TYR D 22 -35.13 -3.07 12.91
C TYR D 22 -36.53 -2.97 13.49
N VAL D 23 -37.25 -4.09 13.43
CA VAL D 23 -38.53 -4.25 14.10
C VAL D 23 -38.30 -4.64 15.55
N ASP D 24 -39.04 -3.99 16.45
CA ASP D 24 -38.94 -4.28 17.88
C ASP D 24 -40.34 -4.25 18.47
N VAL D 25 -40.86 -5.43 18.83
CA VAL D 25 -42.18 -5.55 19.45
C VAL D 25 -42.11 -6.60 20.56
N GLY D 26 -43.14 -6.64 21.40
CA GLY D 26 -43.20 -7.64 22.44
C GLY D 26 -42.73 -7.16 23.80
N PRO D 27 -42.74 -8.06 24.79
CA PRO D 27 -42.28 -7.68 26.13
C PRO D 27 -40.79 -7.39 26.15
N ARG D 28 -40.39 -6.43 26.97
CA ARG D 28 -39.00 -6.00 27.03
C ARG D 28 -38.19 -6.67 28.13
N ASP D 29 -38.83 -7.49 28.99
CA ASP D 29 -38.20 -8.04 30.19
C ASP D 29 -37.61 -9.43 30.00
N GLY D 30 -38.02 -10.18 28.97
CA GLY D 30 -37.62 -11.57 28.81
C GLY D 30 -36.41 -11.77 27.92
N THR D 31 -36.32 -12.98 27.34
CA THR D 31 -35.34 -13.37 26.33
C THR D 31 -35.85 -13.00 24.93
N PRO D 32 -35.03 -12.37 24.09
CA PRO D 32 -35.51 -11.94 22.77
C PRO D 32 -35.29 -12.98 21.68
N VAL D 33 -36.13 -12.87 20.65
CA VAL D 33 -36.07 -13.68 19.44
C VAL D 33 -35.57 -12.80 18.30
N LEU D 34 -34.46 -13.20 17.69
CA LEU D 34 -33.78 -12.44 16.64
C LEU D 34 -34.09 -13.06 15.29
N PHE D 35 -34.72 -12.29 14.40
CA PHE D 35 -35.15 -12.76 13.09
C PHE D 35 -34.18 -12.26 12.03
N LEU D 36 -33.48 -13.18 11.38
CA LEU D 36 -32.49 -12.83 10.36
C LEU D 36 -32.99 -13.28 9.00
N HIS D 37 -33.34 -12.31 8.16
CA HIS D 37 -33.78 -12.58 6.79
C HIS D 37 -32.57 -12.77 5.89
N GLY D 38 -32.84 -13.13 4.63
CA GLY D 38 -31.81 -13.39 3.64
C GLY D 38 -32.03 -12.56 2.39
N ASN D 39 -31.65 -13.16 1.24
CA ASN D 39 -31.70 -12.55 -0.09
C ASN D 39 -32.96 -12.99 -0.83
N PRO D 40 -33.73 -12.07 -1.45
CA PRO D 40 -33.57 -10.62 -1.43
C PRO D 40 -34.56 -9.95 -0.48
N THR D 41 -34.85 -10.61 0.63
CA THR D 41 -35.92 -10.18 1.51
C THR D 41 -35.43 -9.11 2.49
N SER D 42 -36.33 -8.71 3.36
CA SER D 42 -36.03 -7.86 4.51
C SER D 42 -36.83 -8.43 5.67
N SER D 43 -36.95 -7.65 6.75
CA SER D 43 -37.83 -8.07 7.84
C SER D 43 -39.28 -8.21 7.42
N TYR D 44 -39.66 -7.68 6.26
CA TYR D 44 -41.01 -7.84 5.72
C TYR D 44 -41.39 -9.31 5.59
N VAL D 45 -40.40 -10.19 5.41
CA VAL D 45 -40.72 -11.61 5.26
C VAL D 45 -41.27 -12.18 6.57
N TRP D 46 -40.91 -11.61 7.71
CA TRP D 46 -41.39 -12.09 9.00
C TRP D 46 -42.70 -11.44 9.43
N ARG D 47 -43.34 -10.65 8.56
CA ARG D 47 -44.45 -9.80 9.00
C ARG D 47 -45.64 -10.62 9.49
N ASN D 48 -45.79 -11.85 9.01
CA ASN D 48 -46.89 -12.72 9.39
C ASN D 48 -46.48 -13.81 10.38
N ILE D 49 -45.21 -13.85 10.78
CA ILE D 49 -44.74 -14.81 11.76
C ILE D 49 -44.58 -14.13 13.10
N ILE D 50 -44.16 -12.86 13.08
CA ILE D 50 -43.97 -12.13 14.34
C ILE D 50 -45.24 -12.04 15.17
N PRO D 51 -46.42 -11.74 14.59
CA PRO D 51 -47.63 -11.66 15.43
C PRO D 51 -47.97 -12.94 16.20
N HIS D 52 -47.46 -14.10 15.77
CA HIS D 52 -47.66 -15.33 16.51
C HIS D 52 -46.72 -15.41 17.70
N VAL D 53 -45.58 -14.73 17.63
CA VAL D 53 -44.54 -14.86 18.65
C VAL D 53 -44.49 -13.64 19.58
N ALA D 54 -44.80 -12.44 19.08
CA ALA D 54 -44.75 -11.22 19.90
C ALA D 54 -45.57 -11.28 21.19
N PRO D 55 -46.78 -11.88 21.23
CA PRO D 55 -47.54 -11.89 22.50
C PRO D 55 -46.76 -12.40 23.70
N THR D 56 -45.82 -13.32 23.50
CA THR D 56 -45.12 -13.94 24.61
C THR D 56 -43.66 -13.56 24.71
N HIS D 57 -43.01 -13.17 23.62
CA HIS D 57 -41.58 -12.87 23.63
C HIS D 57 -41.30 -11.63 22.79
N ARG D 58 -40.16 -11.01 23.08
CA ARG D 58 -39.71 -9.85 22.32
C ARG D 58 -39.21 -10.29 20.95
N CYS D 59 -39.69 -9.65 19.89
CA CYS D 59 -39.24 -9.88 18.54
C CYS D 59 -38.37 -8.72 18.07
N ILE D 60 -37.16 -9.06 17.64
CA ILE D 60 -36.21 -8.12 17.05
C ILE D 60 -35.88 -8.64 15.65
N ALA D 61 -36.21 -7.85 14.63
CA ALA D 61 -36.05 -8.26 13.23
C ALA D 61 -35.32 -7.16 12.47
N PRO D 62 -33.99 -7.22 12.38
CA PRO D 62 -33.23 -6.18 11.67
C PRO D 62 -33.26 -6.37 10.16
N ASP D 63 -33.12 -5.25 9.46
CA ASP D 63 -32.83 -5.26 8.03
C ASP D 63 -31.32 -5.28 7.85
N LEU D 64 -30.83 -6.25 7.09
CA LEU D 64 -29.40 -6.34 6.83
C LEU D 64 -28.90 -5.07 6.17
N ILE D 65 -27.61 -4.77 6.37
CA ILE D 65 -27.03 -3.56 5.80
C ILE D 65 -27.19 -3.58 4.30
N GLY D 66 -27.57 -2.43 3.75
CA GLY D 66 -27.83 -2.32 2.32
C GLY D 66 -29.18 -2.82 1.88
N MET D 67 -29.97 -3.37 2.80
CA MET D 67 -31.26 -3.96 2.46
C MET D 67 -32.34 -3.39 3.35
N GLY D 68 -33.58 -3.50 2.90
CA GLY D 68 -34.70 -3.00 3.66
C GLY D 68 -34.57 -1.51 3.88
N LYS D 69 -34.88 -1.07 5.10
CA LYS D 69 -34.85 0.34 5.47
C LYS D 69 -33.54 0.74 6.14
N SER D 70 -32.51 -0.10 6.06
CA SER D 70 -31.19 0.25 6.56
C SER D 70 -30.40 1.08 5.54
N ASP D 71 -29.36 1.75 6.05
CA ASP D 71 -28.50 2.58 5.21
C ASP D 71 -27.80 1.76 4.14
N LYS D 72 -27.32 2.46 3.12
CA LYS D 72 -26.70 1.84 1.95
C LYS D 72 -25.31 2.47 1.77
N PRO D 73 -24.35 2.07 2.59
CA PRO D 73 -22.98 2.54 2.37
C PRO D 73 -22.44 1.94 1.08
N ASP D 74 -21.37 2.55 0.57
CA ASP D 74 -20.78 2.11 -0.69
C ASP D 74 -19.81 0.96 -0.44
N LEU D 75 -20.37 -0.19 -0.11
CA LEU D 75 -19.63 -1.41 0.16
C LEU D 75 -19.88 -2.45 -0.92
N GLY D 76 -19.00 -3.45 -0.96
CA GLY D 76 -19.19 -4.62 -1.81
C GLY D 76 -20.26 -5.57 -1.32
N TYR D 77 -20.64 -5.45 -0.04
CA TYR D 77 -21.68 -6.28 0.57
C TYR D 77 -21.33 -7.77 0.48
N PHE D 78 -20.05 -8.08 0.68
CA PHE D 78 -19.65 -9.47 0.87
C PHE D 78 -20.25 -10.02 2.16
N PHE D 79 -20.17 -11.34 2.33
CA PHE D 79 -20.66 -11.94 3.55
C PHE D 79 -19.96 -11.35 4.76
N ASP D 80 -18.65 -11.08 4.64
CA ASP D 80 -17.90 -10.51 5.76
C ASP D 80 -18.45 -9.15 6.17
N ASP D 81 -18.94 -8.37 5.20
CA ASP D 81 -19.54 -7.08 5.53
C ASP D 81 -20.78 -7.27 6.39
N HIS D 82 -21.64 -8.21 6.01
CA HIS D 82 -22.84 -8.49 6.81
C HIS D 82 -22.47 -9.05 8.18
N VAL D 83 -21.37 -9.80 8.27
CA VAL D 83 -20.94 -10.29 9.57
C VAL D 83 -20.55 -9.13 10.46
N ARG D 84 -19.74 -8.19 9.94
CA ARG D 84 -19.33 -7.04 10.72
C ARG D 84 -20.54 -6.25 11.21
N PHE D 85 -21.46 -5.93 10.29
CA PHE D 85 -22.60 -5.10 10.66
C PHE D 85 -23.58 -5.84 11.58
N MET D 86 -23.69 -7.17 11.47
CA MET D 86 -24.63 -7.88 12.33
C MET D 86 -24.05 -8.09 13.72
N ASP D 87 -22.75 -8.40 13.82
CA ASP D 87 -22.09 -8.43 15.13
C ASP D 87 -22.28 -7.09 15.83
N ALA D 88 -22.04 -5.99 15.09
CA ALA D 88 -22.15 -4.67 15.70
C ALA D 88 -23.60 -4.31 16.01
N PHE D 89 -24.56 -4.81 15.23
CA PHE D 89 -25.97 -4.61 15.57
C PHE D 89 -26.35 -5.35 16.85
N ILE D 90 -25.82 -6.56 17.04
CA ILE D 90 -26.16 -7.31 18.24
C ILE D 90 -25.54 -6.65 19.46
N GLU D 91 -24.34 -6.11 19.32
CA GLU D 91 -23.74 -5.43 20.47
C GLU D 91 -24.37 -4.06 20.71
N ALA D 92 -24.83 -3.39 19.66
CA ALA D 92 -25.44 -2.07 19.80
C ALA D 92 -26.75 -2.11 20.58
N LEU D 93 -27.49 -3.22 20.49
CA LEU D 93 -28.72 -3.39 21.26
C LEU D 93 -28.47 -4.03 22.62
N GLY D 94 -27.22 -4.27 22.98
CA GLY D 94 -26.88 -4.85 24.26
C GLY D 94 -27.56 -6.17 24.53
N LEU D 95 -27.66 -7.02 23.51
CA LEU D 95 -28.33 -8.30 23.66
C LEU D 95 -27.41 -9.27 24.39
N GLU D 96 -27.96 -9.96 25.40
CA GLU D 96 -27.18 -10.91 26.17
C GLU D 96 -27.35 -12.30 25.59
N GLU D 97 -28.49 -12.92 25.86
CA GLU D 97 -28.84 -14.22 25.32
C GLU D 97 -30.06 -14.07 24.41
N VAL D 98 -30.10 -14.85 23.33
CA VAL D 98 -31.16 -14.74 22.32
C VAL D 98 -31.55 -16.12 21.83
N VAL D 99 -32.73 -16.18 21.21
CA VAL D 99 -33.16 -17.32 20.40
C VAL D 99 -33.24 -16.87 18.95
N LEU D 100 -32.67 -17.65 18.04
CA LEU D 100 -32.55 -17.28 16.64
C LEU D 100 -33.68 -17.88 15.81
N VAL D 101 -34.25 -17.06 14.93
CA VAL D 101 -35.15 -17.49 13.86
C VAL D 101 -34.55 -16.96 12.56
N ILE D 102 -33.98 -17.85 11.76
CA ILE D 102 -33.09 -17.44 10.68
C ILE D 102 -33.50 -18.12 9.38
N HIS D 103 -33.27 -17.42 8.27
CA HIS D 103 -33.66 -17.94 6.96
C HIS D 103 -32.64 -17.49 5.92
N ASP D 104 -32.37 -18.38 4.95
CA ASP D 104 -31.50 -18.11 3.79
C ASP D 104 -30.17 -17.55 4.30
N TRP D 105 -29.69 -16.41 3.79
CA TRP D 105 -28.39 -15.90 4.20
C TRP D 105 -28.39 -15.45 5.65
N GLY D 106 -29.53 -15.02 6.19
CA GLY D 106 -29.60 -14.75 7.60
C GLY D 106 -29.16 -15.94 8.43
N SER D 107 -29.48 -17.15 7.97
CA SER D 107 -29.05 -18.34 8.69
C SER D 107 -27.53 -18.42 8.70
N ALA D 108 -26.90 -18.18 7.54
CA ALA D 108 -25.44 -18.18 7.49
C ALA D 108 -24.87 -17.19 8.49
N LEU D 109 -25.51 -16.03 8.66
CA LEU D 109 -25.08 -15.12 9.71
C LEU D 109 -25.29 -15.75 11.09
N GLY D 110 -26.52 -16.13 11.39
CA GLY D 110 -26.88 -16.60 12.72
C GLY D 110 -26.01 -17.74 13.19
N PHE D 111 -26.02 -18.82 12.42
CA PHE D 111 -25.18 -19.97 12.73
C PHE D 111 -23.74 -19.54 12.97
N HIS D 112 -23.20 -18.71 12.07
CA HIS D 112 -21.81 -18.27 12.23
C HIS D 112 -21.66 -17.56 13.57
N TRP D 113 -22.53 -16.59 13.84
CA TRP D 113 -22.51 -15.92 15.14
C TRP D 113 -22.67 -16.94 16.26
N ALA D 114 -23.57 -17.91 16.06
CA ALA D 114 -23.80 -18.94 17.08
C ALA D 114 -22.54 -19.75 17.32
N LYS D 115 -21.78 -20.04 16.26
CA LYS D 115 -20.53 -20.78 16.46
C LYS D 115 -19.58 -19.99 17.34
N ARG D 116 -19.50 -18.68 17.15
CA ARG D 116 -18.55 -17.85 17.87
C ARG D 116 -19.05 -17.46 19.26
N ASN D 117 -20.36 -17.58 19.51
CA ASN D 117 -20.95 -17.24 20.81
C ASN D 117 -21.98 -18.30 21.19
N PRO D 118 -21.53 -19.55 21.38
CA PRO D 118 -22.49 -20.63 21.68
C PRO D 118 -23.20 -20.44 23.00
N GLU D 119 -22.55 -19.78 23.97
CA GLU D 119 -23.13 -19.59 25.29
C GLU D 119 -24.36 -18.69 25.27
N ARG D 120 -24.53 -17.90 24.22
CA ARG D 120 -25.56 -16.87 24.14
C ARG D 120 -26.76 -17.29 23.30
N VAL D 121 -26.76 -18.51 22.75
CA VAL D 121 -27.81 -18.98 21.86
C VAL D 121 -28.61 -20.03 22.60
N LYS D 122 -29.85 -19.69 22.97
CA LYS D 122 -30.71 -20.62 23.68
C LYS D 122 -31.46 -21.56 22.74
N GLY D 123 -31.59 -21.21 21.47
CA GLY D 123 -32.31 -22.03 20.51
C GLY D 123 -32.27 -21.45 19.11
N ILE D 124 -32.39 -22.29 18.08
CA ILE D 124 -32.32 -21.86 16.69
C ILE D 124 -33.49 -22.48 15.91
N ALA D 125 -34.43 -21.64 15.48
CA ALA D 125 -35.39 -22.03 14.45
C ALA D 125 -34.86 -21.61 13.09
N PHE D 126 -34.83 -22.53 12.13
CA PHE D 126 -34.23 -22.25 10.83
C PHE D 126 -35.01 -22.94 9.73
N MET D 127 -34.86 -22.41 8.52
CA MET D 127 -35.59 -22.91 7.35
C MET D 127 -34.87 -22.47 6.09
N GLU D 128 -34.78 -23.38 5.12
CA GLU D 128 -34.13 -23.12 3.83
C GLU D 128 -32.80 -22.41 4.02
N PHE D 129 -31.93 -23.00 4.83
CA PHE D 129 -30.70 -22.38 5.27
C PHE D 129 -29.56 -22.63 4.28
N ILE D 130 -28.44 -21.95 4.51
CA ILE D 130 -27.25 -22.06 3.68
C ILE D 130 -26.40 -23.23 4.16
N ARG D 131 -26.26 -24.25 3.32
CA ARG D 131 -25.40 -25.39 3.57
C ARG D 131 -24.41 -25.51 2.41
N PRO D 132 -23.33 -26.28 2.56
CA PRO D 132 -22.41 -26.47 1.43
C PRO D 132 -23.06 -27.31 0.35
N ILE D 133 -23.19 -26.73 -0.84
CA ILE D 133 -23.67 -27.42 -2.03
C ILE D 133 -22.45 -27.96 -2.79
N PRO D 134 -22.15 -29.25 -2.69
CA PRO D 134 -20.85 -29.75 -3.21
C PRO D 134 -20.68 -29.62 -4.72
N THR D 135 -21.71 -29.94 -5.51
CA THR D 135 -21.67 -29.79 -6.96
C THR D 135 -22.93 -29.07 -7.42
N TRP D 136 -22.96 -28.68 -8.70
CA TRP D 136 -24.16 -28.05 -9.22
C TRP D 136 -25.34 -29.02 -9.29
N ASP D 137 -25.09 -30.33 -9.25
CA ASP D 137 -26.19 -31.30 -9.26
C ASP D 137 -26.99 -31.29 -7.97
N GLU D 138 -26.40 -30.87 -6.86
CA GLU D 138 -27.13 -30.79 -5.60
C GLU D 138 -27.98 -29.53 -5.50
N TRP D 139 -27.89 -28.64 -6.49
CA TRP D 139 -28.74 -27.46 -6.70
C TRP D 139 -29.95 -27.86 -7.54
N PRO D 140 -31.14 -27.31 -7.20
CA PRO D 140 -32.36 -27.66 -7.95
C PRO D 140 -32.20 -27.41 -9.45
N GLU D 141 -32.72 -28.33 -10.26
CA GLU D 141 -32.49 -28.26 -11.69
C GLU D 141 -33.08 -27.00 -12.30
N PHE D 142 -34.30 -26.64 -11.89
CA PHE D 142 -35.00 -25.51 -12.51
C PHE D 142 -34.31 -24.18 -12.28
N ALA D 143 -33.48 -24.09 -11.23
CA ALA D 143 -32.72 -22.88 -10.96
C ALA D 143 -31.24 -23.02 -11.29
N ARG D 144 -30.81 -24.17 -11.85
CA ARG D 144 -29.38 -24.42 -11.97
C ARG D 144 -28.71 -23.46 -12.96
N GLU D 145 -29.26 -23.33 -14.16
CA GLU D 145 -28.64 -22.43 -15.14
C GLU D 145 -28.64 -20.99 -14.64
N THR D 146 -29.78 -20.54 -14.10
CA THR D 146 -29.92 -19.12 -13.79
C THR D 146 -28.90 -18.69 -12.75
N PHE D 147 -28.73 -19.48 -11.70
CA PHE D 147 -27.74 -19.12 -10.68
C PHE D 147 -26.33 -19.21 -11.24
N GLN D 148 -26.08 -20.14 -12.17
CA GLN D 148 -24.80 -20.16 -12.87
C GLN D 148 -24.58 -18.86 -13.64
N ALA D 149 -25.66 -18.31 -14.22
CA ALA D 149 -25.55 -17.00 -14.87
C ALA D 149 -25.33 -15.90 -13.83
N PHE D 150 -25.96 -16.03 -12.67
CA PHE D 150 -25.79 -15.02 -11.63
C PHE D 150 -24.33 -14.91 -11.20
N ARG D 151 -23.60 -16.01 -11.26
CA ARG D 151 -22.21 -16.06 -10.81
C ARG D 151 -21.22 -15.74 -11.93
N THR D 152 -21.48 -14.64 -12.63
CA THR D 152 -20.57 -14.09 -13.63
C THR D 152 -20.65 -12.57 -13.50
N THR D 153 -19.51 -11.89 -13.61
CA THR D 153 -19.51 -10.46 -13.39
C THR D 153 -20.18 -9.68 -14.52
N ASP D 154 -20.34 -10.28 -15.69
CA ASP D 154 -20.94 -9.58 -16.82
C ASP D 154 -22.42 -9.92 -16.98
N VAL D 155 -22.72 -11.19 -17.28
CA VAL D 155 -24.12 -11.60 -17.44
C VAL D 155 -24.87 -11.45 -16.12
N GLY D 156 -24.24 -11.86 -15.02
CA GLY D 156 -24.91 -11.81 -13.72
C GLY D 156 -25.30 -10.40 -13.32
N ARG D 157 -24.39 -9.43 -13.48
CA ARG D 157 -24.72 -8.06 -13.11
C ARG D 157 -25.76 -7.45 -14.04
N LYS D 158 -25.75 -7.84 -15.30
CA LYS D 158 -26.80 -7.38 -16.21
C LYS D 158 -28.17 -7.89 -15.77
N LEU D 159 -28.24 -9.14 -15.29
CA LEU D 159 -29.52 -9.67 -14.81
C LEU D 159 -29.94 -9.04 -13.48
N ILE D 160 -29.07 -9.10 -12.47
CA ILE D 160 -29.46 -8.74 -11.10
C ILE D 160 -29.40 -7.23 -10.87
N ILE D 161 -28.43 -6.55 -11.47
CA ILE D 161 -28.23 -5.13 -11.20
C ILE D 161 -29.04 -4.27 -12.18
N ASP D 162 -28.98 -4.59 -13.47
CA ASP D 162 -29.65 -3.77 -14.47
C ASP D 162 -31.13 -4.11 -14.58
N GLN D 163 -31.45 -5.39 -14.61
CA GLN D 163 -32.82 -5.85 -14.86
C GLN D 163 -33.53 -6.31 -13.59
N ASN D 164 -32.85 -6.36 -12.45
CA ASN D 164 -33.49 -6.59 -11.15
C ASN D 164 -34.19 -7.94 -11.11
N VAL D 165 -33.55 -8.96 -11.69
CA VAL D 165 -34.20 -10.26 -11.84
C VAL D 165 -34.37 -10.96 -10.51
N PHE D 166 -33.44 -10.76 -9.56
CA PHE D 166 -33.58 -11.46 -8.28
C PHE D 166 -34.82 -10.99 -7.51
N ILE D 167 -35.27 -9.76 -7.75
CA ILE D 167 -36.47 -9.24 -7.11
C ILE D 167 -37.72 -9.56 -7.94
N GLU D 168 -37.67 -9.30 -9.24
CA GLU D 168 -38.83 -9.52 -10.10
C GLU D 168 -39.04 -11.00 -10.40
N GLY D 169 -37.97 -11.74 -10.65
CA GLY D 169 -38.10 -13.14 -11.01
C GLY D 169 -37.83 -14.17 -9.93
N THR D 170 -36.63 -14.15 -9.36
CA THR D 170 -36.22 -15.20 -8.42
C THR D 170 -37.12 -15.24 -7.19
N LEU D 171 -37.49 -14.07 -6.68
CA LEU D 171 -38.34 -13.99 -5.50
C LEU D 171 -39.70 -14.65 -5.70
N PRO D 172 -40.47 -14.32 -6.76
CA PRO D 172 -41.72 -15.07 -6.98
C PRO D 172 -41.51 -16.54 -7.29
N MET D 173 -40.40 -16.90 -7.94
CA MET D 173 -40.13 -18.31 -8.19
C MET D 173 -39.71 -19.04 -6.91
N GLY D 174 -39.49 -18.32 -5.82
CA GLY D 174 -39.27 -18.92 -4.52
C GLY D 174 -40.50 -19.04 -3.64
N VAL D 175 -41.69 -18.79 -4.18
CA VAL D 175 -42.94 -18.92 -3.45
C VAL D 175 -43.92 -19.73 -4.31
N VAL D 176 -44.62 -20.66 -3.67
CA VAL D 176 -45.58 -21.51 -4.39
C VAL D 176 -46.79 -20.69 -4.82
N ARG D 177 -47.44 -20.00 -3.87
CA ARG D 177 -48.62 -19.20 -4.21
C ARG D 177 -48.21 -17.89 -4.89
N PRO D 178 -49.09 -17.33 -5.71
CA PRO D 178 -48.73 -16.08 -6.41
C PRO D 178 -48.69 -14.91 -5.44
N LEU D 179 -47.65 -14.10 -5.58
CA LEU D 179 -47.49 -12.89 -4.78
C LEU D 179 -48.31 -11.75 -5.35
N THR D 180 -49.00 -11.03 -4.47
CA THR D 180 -49.76 -9.86 -4.89
C THR D 180 -48.83 -8.70 -5.26
N GLU D 181 -49.38 -7.71 -5.96
CA GLU D 181 -48.57 -6.56 -6.39
C GLU D 181 -48.13 -5.72 -5.19
N VAL D 182 -48.95 -5.64 -4.14
CA VAL D 182 -48.57 -4.90 -2.94
C VAL D 182 -47.34 -5.52 -2.29
N GLU D 183 -47.32 -6.85 -2.18
CA GLU D 183 -46.18 -7.54 -1.62
C GLU D 183 -44.93 -7.31 -2.48
N MET D 184 -45.07 -7.42 -3.81
CA MET D 184 -43.97 -7.13 -4.71
C MET D 184 -43.44 -5.72 -4.50
N ASP D 185 -44.32 -4.74 -4.33
CA ASP D 185 -43.88 -3.37 -4.11
C ASP D 185 -43.11 -3.24 -2.80
N HIS D 186 -43.54 -3.97 -1.76
CA HIS D 186 -42.80 -3.94 -0.50
C HIS D 186 -41.39 -4.52 -0.67
N TYR D 187 -41.27 -5.58 -1.47
CA TYR D 187 -39.95 -6.15 -1.71
C TYR D 187 -39.10 -5.29 -2.64
N ARG D 188 -39.75 -4.52 -3.52
CA ARG D 188 -39.08 -3.64 -4.47
C ARG D 188 -38.52 -2.39 -3.80
N GLU D 189 -39.18 -1.91 -2.74
CA GLU D 189 -38.85 -0.64 -2.10
C GLU D 189 -37.35 -0.36 -1.92
N PRO D 190 -36.53 -1.26 -1.37
CA PRO D 190 -35.11 -0.91 -1.15
C PRO D 190 -34.23 -0.94 -2.40
N PHE D 191 -34.76 -1.38 -3.54
CA PHE D 191 -33.95 -1.60 -4.73
C PHE D 191 -34.58 -0.94 -5.94
N LEU D 192 -35.15 0.26 -5.75
CA LEU D 192 -35.77 0.97 -6.86
C LEU D 192 -34.74 1.53 -7.82
N ASN D 193 -33.61 2.04 -7.28
CA ASN D 193 -32.45 2.55 -8.00
C ASN D 193 -31.47 1.42 -8.26
N PRO D 194 -31.04 1.20 -9.50
CA PRO D 194 -30.18 0.05 -9.80
C PRO D 194 -28.93 -0.08 -8.93
N VAL D 195 -28.29 1.05 -8.60
CA VAL D 195 -27.06 1.00 -7.81
C VAL D 195 -27.31 0.41 -6.42
N ASP D 196 -28.56 0.43 -5.96
CA ASP D 196 -28.89 -0.11 -4.65
C ASP D 196 -29.02 -1.63 -4.66
N ARG D 197 -28.80 -2.27 -5.81
CA ARG D 197 -29.02 -3.69 -5.95
C ARG D 197 -27.75 -4.50 -5.80
N GLU D 198 -26.67 -3.88 -5.34
CA GLU D 198 -25.39 -4.57 -5.19
C GLU D 198 -25.48 -5.80 -4.28
N PRO D 199 -26.12 -5.74 -3.11
CA PRO D 199 -26.18 -6.94 -2.26
C PRO D 199 -26.90 -8.11 -2.90
N LEU D 200 -27.90 -7.83 -3.74
CA LEU D 200 -28.64 -8.88 -4.42
C LEU D 200 -27.75 -9.70 -5.35
N TRP D 201 -26.66 -9.11 -5.83
CA TRP D 201 -25.77 -9.78 -6.78
C TRP D 201 -24.57 -10.44 -6.09
N ARG D 202 -24.09 -9.87 -4.98
CA ARG D 202 -22.95 -10.46 -4.30
C ARG D 202 -23.33 -11.76 -3.61
N PHE D 203 -24.55 -11.83 -3.07
CA PHE D 203 -24.96 -13.04 -2.37
C PHE D 203 -24.89 -14.30 -3.21
N PRO D 204 -25.50 -14.38 -4.40
CA PRO D 204 -25.37 -15.64 -5.17
C PRO D 204 -23.93 -15.95 -5.50
N ASN D 205 -23.07 -14.94 -5.55
CA ASN D 205 -21.64 -15.11 -5.72
C ASN D 205 -20.93 -15.41 -4.41
N GLU D 206 -21.65 -15.40 -3.29
CA GLU D 206 -21.09 -15.89 -2.04
C GLU D 206 -21.58 -17.29 -1.70
N LEU D 207 -22.59 -17.80 -2.42
CA LEU D 207 -23.15 -19.11 -2.13
C LEU D 207 -22.07 -20.18 -2.27
N PRO D 208 -21.93 -21.07 -1.28
CA PRO D 208 -20.90 -22.15 -1.31
C PRO D 208 -21.28 -23.30 -2.25
N ILE D 209 -21.00 -23.10 -3.54
CA ILE D 209 -21.34 -24.06 -4.58
C ILE D 209 -20.04 -24.48 -5.25
N ALA D 210 -19.74 -25.79 -5.19
CA ALA D 210 -18.60 -26.37 -5.89
C ALA D 210 -17.27 -25.77 -5.42
N GLY D 211 -17.18 -25.38 -4.14
CA GLY D 211 -15.92 -24.90 -3.60
C GLY D 211 -15.62 -23.44 -3.85
N GLU D 212 -16.58 -22.66 -4.36
CA GLU D 212 -16.36 -21.25 -4.64
C GLU D 212 -17.46 -20.41 -4.00
N PRO D 213 -17.12 -19.37 -3.23
CA PRO D 213 -15.78 -18.93 -2.81
C PRO D 213 -15.22 -19.85 -1.73
N ALA D 214 -13.92 -20.13 -1.78
CA ALA D 214 -13.35 -21.12 -0.86
C ALA D 214 -13.55 -20.73 0.61
N ASN D 215 -13.37 -19.44 0.93
CA ASN D 215 -13.47 -19.02 2.33
C ASN D 215 -14.88 -19.22 2.87
N ILE D 216 -15.90 -18.91 2.06
CA ILE D 216 -17.27 -19.11 2.52
C ILE D 216 -17.57 -20.59 2.70
N VAL D 217 -17.05 -21.43 1.80
CA VAL D 217 -17.24 -22.87 1.96
C VAL D 217 -16.65 -23.34 3.28
N ALA D 218 -15.44 -22.89 3.59
CA ALA D 218 -14.82 -23.24 4.87
C ALA D 218 -15.67 -22.79 6.05
N LEU D 219 -16.11 -21.53 6.03
CA LEU D 219 -16.91 -20.99 7.13
C LEU D 219 -18.22 -21.76 7.32
N VAL D 220 -18.85 -22.13 6.21
CA VAL D 220 -20.15 -22.80 6.27
C VAL D 220 -19.97 -24.24 6.77
N GLU D 221 -19.00 -24.97 6.22
CA GLU D 221 -18.68 -26.28 6.75
C GLU D 221 -18.41 -26.20 8.25
N GLU D 222 -17.75 -25.12 8.69
CA GLU D 222 -17.41 -24.98 10.10
C GLU D 222 -18.66 -24.88 10.96
N TYR D 223 -19.59 -23.99 10.60
CA TYR D 223 -20.76 -23.92 11.48
C TYR D 223 -21.69 -25.11 11.30
N MET D 224 -21.66 -25.80 10.15
CA MET D 224 -22.41 -27.06 10.04
C MET D 224 -21.85 -28.12 10.97
N ASP D 225 -20.51 -28.16 11.09
CA ASP D 225 -19.87 -29.08 12.01
C ASP D 225 -20.24 -28.74 13.45
N TRP D 226 -20.28 -27.45 13.77
CA TRP D 226 -20.73 -27.05 15.10
C TRP D 226 -22.19 -27.43 15.35
N LEU D 227 -23.02 -27.32 14.31
CA LEU D 227 -24.44 -27.64 14.47
C LEU D 227 -24.64 -29.13 14.75
N HIS D 228 -23.93 -29.99 14.03
CA HIS D 228 -24.05 -31.42 14.30
C HIS D 228 -23.55 -31.83 15.68
N GLN D 229 -22.79 -30.96 16.37
CA GLN D 229 -22.21 -31.28 17.68
C GLN D 229 -22.80 -30.48 18.84
N SER D 230 -23.78 -29.61 18.59
CA SER D 230 -24.28 -28.78 19.68
C SER D 230 -25.58 -29.34 20.27
N PRO D 231 -25.77 -29.18 21.58
CA PRO D 231 -27.05 -29.55 22.20
C PRO D 231 -28.13 -28.48 22.13
N VAL D 232 -27.88 -27.36 21.47
CA VAL D 232 -28.85 -26.25 21.40
C VAL D 232 -30.17 -26.75 20.81
N PRO D 233 -31.32 -26.34 21.37
CA PRO D 233 -32.60 -26.72 20.76
C PRO D 233 -32.73 -26.19 19.34
N LYS D 234 -33.18 -27.06 18.42
CA LYS D 234 -33.24 -26.75 17.01
C LYS D 234 -34.63 -27.02 16.46
N LEU D 235 -35.11 -26.10 15.62
CA LEU D 235 -36.40 -26.23 14.95
C LEU D 235 -36.20 -26.00 13.45
N LEU D 236 -36.46 -27.04 12.65
CA LEU D 236 -36.23 -27.02 11.21
C LEU D 236 -37.58 -27.08 10.49
N PHE D 237 -37.88 -26.07 9.69
CA PHE D 237 -39.06 -26.06 8.83
C PHE D 237 -38.66 -26.45 7.42
N TRP D 238 -39.50 -27.21 6.75
CA TRP D 238 -39.16 -27.64 5.40
C TRP D 238 -40.41 -27.77 4.55
N GLY D 239 -40.24 -27.63 3.24
CA GLY D 239 -41.34 -27.75 2.32
C GLY D 239 -40.97 -28.61 1.12
N THR D 240 -41.97 -28.90 0.31
CA THR D 240 -41.81 -29.73 -0.88
C THR D 240 -42.13 -28.91 -2.12
N PRO D 241 -41.24 -28.87 -3.12
CA PRO D 241 -39.98 -29.64 -3.13
C PRO D 241 -38.83 -28.93 -2.41
N GLY D 242 -39.04 -27.70 -1.96
CA GLY D 242 -37.97 -26.90 -1.42
C GLY D 242 -37.00 -26.44 -2.50
N VAL D 243 -35.99 -25.69 -2.05
CA VAL D 243 -34.93 -25.22 -2.94
C VAL D 243 -33.58 -25.61 -2.36
N LEU D 244 -33.17 -24.95 -1.27
CA LEU D 244 -31.88 -25.24 -0.67
C LEU D 244 -31.90 -26.54 0.14
N ILE D 245 -33.02 -26.85 0.79
CA ILE D 245 -33.15 -28.03 1.62
C ILE D 245 -34.30 -28.88 1.07
N PRO D 246 -34.01 -29.83 0.19
CA PRO D 246 -35.05 -30.75 -0.29
C PRO D 246 -35.56 -31.63 0.85
N PRO D 247 -36.75 -32.21 0.72
CA PRO D 247 -37.29 -33.02 1.82
C PRO D 247 -36.35 -34.12 2.27
N ALA D 248 -35.60 -34.74 1.36
CA ALA D 248 -34.64 -35.76 1.74
C ALA D 248 -33.61 -35.22 2.72
N GLU D 249 -33.00 -34.08 2.40
CA GLU D 249 -32.00 -33.48 3.27
C GLU D 249 -32.62 -33.07 4.60
N ALA D 250 -33.83 -32.53 4.57
CA ALA D 250 -34.50 -32.16 5.81
C ALA D 250 -34.74 -33.36 6.71
N ALA D 251 -35.21 -34.47 6.12
CA ALA D 251 -35.43 -35.69 6.88
C ALA D 251 -34.12 -36.18 7.50
N ARG D 252 -33.06 -36.20 6.69
CA ARG D 252 -31.74 -36.57 7.20
C ARG D 252 -31.34 -35.70 8.39
N LEU D 253 -31.44 -34.38 8.23
CA LEU D 253 -31.01 -33.45 9.28
C LEU D 253 -31.86 -33.59 10.53
N ALA D 254 -33.15 -33.93 10.39
CA ALA D 254 -34.00 -34.10 11.55
C ALA D 254 -33.47 -35.16 12.50
N LYS D 255 -32.84 -36.21 11.96
CA LYS D 255 -32.27 -37.28 12.76
C LYS D 255 -30.81 -37.03 13.11
N SER D 256 -30.03 -36.48 12.17
CA SER D 256 -28.61 -36.30 12.38
C SER D 256 -28.29 -35.12 13.31
N LEU D 257 -29.19 -34.14 13.41
CA LEU D 257 -28.93 -32.99 14.26
C LEU D 257 -29.46 -33.25 15.66
N PRO D 258 -28.68 -32.99 16.71
CA PRO D 258 -29.18 -33.19 18.08
C PRO D 258 -30.25 -32.17 18.45
N ASN D 259 -31.19 -32.62 19.28
CA ASN D 259 -32.28 -31.79 19.80
C ASN D 259 -33.01 -31.05 18.68
N CYS D 260 -33.37 -31.78 17.63
CA CYS D 260 -33.94 -31.19 16.43
C CYS D 260 -35.38 -31.66 16.23
N LYS D 261 -36.30 -30.69 16.20
CA LYS D 261 -37.69 -30.91 15.84
C LYS D 261 -37.92 -30.37 14.43
N ALA D 262 -38.49 -31.19 13.56
CA ALA D 262 -38.79 -30.82 12.17
C ALA D 262 -40.28 -30.62 11.96
N VAL D 263 -40.61 -29.72 11.03
CA VAL D 263 -42.00 -29.39 10.72
C VAL D 263 -42.16 -29.27 9.21
N ASP D 264 -43.12 -30.00 8.66
CA ASP D 264 -43.50 -29.88 7.25
C ASP D 264 -44.55 -28.78 7.14
N ILE D 265 -44.21 -27.72 6.41
CA ILE D 265 -45.14 -26.60 6.20
C ILE D 265 -45.99 -26.79 4.96
N GLY D 266 -45.83 -27.91 4.24
CA GLY D 266 -46.61 -28.15 3.07
C GLY D 266 -45.84 -27.76 1.82
N PRO D 267 -46.55 -27.28 0.80
CA PRO D 267 -45.86 -26.80 -0.41
C PRO D 267 -44.95 -25.63 -0.07
N GLY D 268 -43.74 -25.68 -0.59
CA GLY D 268 -42.80 -24.60 -0.36
C GLY D 268 -41.64 -24.68 -1.32
N LEU D 269 -40.95 -23.55 -1.46
CA LEU D 269 -39.75 -23.49 -2.28
C LEU D 269 -38.60 -22.93 -1.46
N ASN D 270 -38.44 -21.62 -1.41
CA ASN D 270 -37.41 -21.00 -0.59
C ASN D 270 -37.98 -20.08 0.48
N LEU D 271 -38.87 -19.17 0.11
CA LEU D 271 -39.54 -18.31 1.08
C LEU D 271 -40.75 -19.06 1.65
N LEU D 272 -40.48 -19.97 2.58
CA LEU D 272 -41.57 -20.71 3.22
C LEU D 272 -42.49 -19.78 4.00
N GLN D 273 -41.95 -18.65 4.47
CA GLN D 273 -42.76 -17.69 5.23
C GLN D 273 -43.92 -17.14 4.41
N GLU D 274 -43.80 -17.14 3.09
CA GLU D 274 -44.87 -16.60 2.24
C GLU D 274 -45.92 -17.63 1.85
N ASP D 275 -45.61 -18.93 1.97
CA ASP D 275 -46.60 -19.97 1.64
C ASP D 275 -47.41 -20.44 2.83
N ASN D 276 -46.82 -20.47 4.04
CA ASN D 276 -47.54 -20.89 5.24
C ASN D 276 -46.96 -20.18 6.45
N PRO D 277 -47.20 -18.87 6.59
CA PRO D 277 -46.68 -18.16 7.77
C PRO D 277 -47.35 -18.55 9.07
N ASP D 278 -48.64 -18.86 9.04
CA ASP D 278 -49.37 -19.19 10.26
C ASP D 278 -48.76 -20.41 10.96
N LEU D 279 -48.55 -21.49 10.21
CA LEU D 279 -47.96 -22.69 10.81
C LEU D 279 -46.60 -22.39 11.41
N ILE D 280 -45.73 -21.69 10.66
CA ILE D 280 -44.39 -21.41 11.15
C ILE D 280 -44.44 -20.59 12.43
N GLY D 281 -45.28 -19.55 12.48
CA GLY D 281 -45.33 -18.71 13.66
C GLY D 281 -45.90 -19.42 14.87
N SER D 282 -47.02 -20.13 14.68
CA SER D 282 -47.63 -20.86 15.80
C SER D 282 -46.69 -21.95 16.32
N GLU D 283 -46.03 -22.67 15.41
CA GLU D 283 -45.11 -23.72 15.82
C GLU D 283 -43.91 -23.16 16.56
N ILE D 284 -43.37 -22.02 16.09
CA ILE D 284 -42.26 -21.39 16.80
C ILE D 284 -42.69 -20.97 18.21
N ALA D 285 -43.89 -20.40 18.35
CA ALA D 285 -44.36 -19.99 19.68
C ALA D 285 -44.50 -21.19 20.62
N ARG D 286 -45.17 -22.25 20.15
CA ARG D 286 -45.31 -23.46 20.94
C ARG D 286 -43.95 -24.05 21.30
N TRP D 287 -43.01 -24.02 20.35
CA TRP D 287 -41.66 -24.52 20.59
C TRP D 287 -40.94 -23.68 21.65
N LEU D 288 -41.19 -22.36 21.65
CA LEU D 288 -40.57 -21.48 22.62
C LEU D 288 -41.08 -21.74 24.03
N SER D 289 -42.35 -22.14 24.17
CA SER D 289 -42.89 -22.36 25.50
C SER D 289 -42.29 -23.58 26.20
N THR D 290 -41.59 -24.47 25.50
CA THR D 290 -40.96 -25.62 26.12
C THR D 290 -39.50 -25.39 26.49
N LEU D 291 -38.94 -24.22 26.20
CA LEU D 291 -37.55 -23.92 26.49
C LEU D 291 -37.35 -23.28 27.87
N GLU D 292 -36.11 -23.33 28.34
CA GLU D 292 -35.68 -22.68 29.59
C GLU D 292 -35.04 -21.33 29.26
N ILE D 293 -35.91 -20.37 28.92
CA ILE D 293 -35.47 -19.03 28.52
C ILE D 293 -36.04 -17.94 29.43
N GLY E 1 28.15 -10.66 11.33
CA GLY E 1 26.95 -11.28 11.88
C GLY E 1 26.41 -10.64 13.15
N ILE E 2 26.49 -11.40 14.25
CA ILE E 2 25.99 -10.97 15.55
C ILE E 2 27.06 -10.08 16.21
N GLY E 3 26.79 -8.79 16.27
CA GLY E 3 27.75 -7.85 16.82
C GLY E 3 28.27 -8.20 18.20
N THR E 4 29.59 -8.14 18.33
CA THR E 4 30.31 -8.49 19.56
C THR E 4 30.62 -7.28 20.44
N GLY E 5 30.51 -6.08 19.91
CA GLY E 5 30.86 -4.89 20.65
C GLY E 5 29.84 -4.55 21.73
N PHE E 6 30.24 -3.62 22.58
CA PHE E 6 29.40 -3.11 23.66
C PHE E 6 29.42 -1.59 23.63
N PRO E 7 28.67 -0.96 22.66
CA PRO E 7 28.66 0.49 22.52
C PRO E 7 27.65 1.18 23.45
N PHE E 8 27.77 0.89 24.74
CA PHE E 8 26.85 1.40 25.75
C PHE E 8 27.63 2.19 26.79
N ASP E 9 27.18 3.40 27.08
CA ASP E 9 27.86 4.26 28.04
C ASP E 9 27.88 3.62 29.42
N PRO E 10 29.02 3.61 30.12
CA PRO E 10 29.05 3.04 31.47
C PRO E 10 28.33 3.96 32.46
N HIS E 11 27.43 3.38 33.23
CA HIS E 11 26.75 4.08 34.32
C HIS E 11 27.02 3.31 35.61
N TYR E 12 27.25 4.02 36.72
CA TYR E 12 27.47 3.37 38.01
C TYR E 12 26.55 4.00 39.06
N VAL E 13 25.93 3.15 39.88
CA VAL E 13 25.07 3.63 40.97
C VAL E 13 25.45 2.91 42.26
N GLU E 14 25.40 3.63 43.37
CA GLU E 14 25.72 3.04 44.66
C GLU E 14 24.52 2.27 45.19
N VAL E 15 24.77 1.02 45.56
CA VAL E 15 23.77 0.06 45.98
C VAL E 15 24.36 -0.62 47.23
N LEU E 16 23.75 -0.37 48.39
CA LEU E 16 24.16 -0.98 49.66
C LEU E 16 25.67 -0.95 49.89
N GLY E 17 26.27 0.21 49.61
CA GLY E 17 27.68 0.44 49.84
C GLY E 17 28.64 -0.07 48.77
N GLU E 18 28.14 -0.70 47.72
CA GLU E 18 28.97 -1.15 46.60
C GLU E 18 28.47 -0.46 45.34
N ARG E 19 29.31 -0.40 44.32
CA ARG E 19 28.91 0.20 43.07
C ARG E 19 28.44 -0.88 42.09
N MET E 20 27.28 -0.63 41.47
CA MET E 20 26.71 -1.52 40.47
C MET E 20 26.69 -0.78 39.15
N HIS E 21 27.38 -1.36 38.16
CA HIS E 21 27.36 -0.86 36.80
C HIS E 21 26.03 -1.25 36.16
N TYR E 22 25.51 -0.38 35.32
CA TYR E 22 24.24 -0.65 34.66
C TYR E 22 24.18 0.07 33.33
N VAL E 23 23.51 -0.57 32.35
CA VAL E 23 23.20 0.07 31.08
C VAL E 23 21.88 0.82 31.24
N ASP E 24 21.83 2.04 30.71
CA ASP E 24 20.62 2.86 30.74
C ASP E 24 20.53 3.61 29.42
N VAL E 25 19.58 3.23 28.55
CA VAL E 25 19.36 3.94 27.30
C VAL E 25 17.87 4.07 27.04
N GLY E 26 17.53 4.97 26.12
CA GLY E 26 16.16 5.16 25.69
C GLY E 26 15.45 6.31 26.38
N PRO E 27 14.20 6.54 25.99
CA PRO E 27 13.42 7.61 26.63
C PRO E 27 13.07 7.28 28.07
N ARG E 28 13.05 8.31 28.91
CA ARG E 28 12.85 8.15 30.34
C ARG E 28 11.42 8.39 30.79
N ASP E 29 10.53 8.78 29.90
CA ASP E 29 9.23 9.25 30.39
C ASP E 29 8.18 8.15 30.53
N GLY E 30 8.37 7.00 29.88
CA GLY E 30 7.40 5.93 29.90
C GLY E 30 7.72 4.86 30.94
N THR E 31 7.24 3.64 30.67
CA THR E 31 7.55 2.49 31.51
C THR E 31 8.88 1.86 31.09
N PRO E 32 9.76 1.53 32.04
CA PRO E 32 11.05 0.95 31.68
C PRO E 32 11.04 -0.57 31.61
N VAL E 33 11.99 -1.08 30.82
CA VAL E 33 12.22 -2.51 30.65
C VAL E 33 13.52 -2.86 31.37
N LEU E 34 13.42 -3.75 32.35
CA LEU E 34 14.53 -4.14 33.20
C LEU E 34 15.02 -5.52 32.79
N PHE E 35 16.29 -5.60 32.41
CA PHE E 35 16.91 -6.83 31.91
C PHE E 35 17.76 -7.45 33.01
N LEU E 36 17.38 -8.63 33.47
CA LEU E 36 18.08 -9.32 34.55
C LEU E 36 18.82 -10.53 33.99
N HIS E 37 20.15 -10.44 33.96
CA HIS E 37 21.00 -11.54 33.54
C HIS E 37 21.26 -12.49 34.70
N GLY E 38 21.92 -13.60 34.41
CA GLY E 38 22.26 -14.60 35.38
C GLY E 38 23.73 -14.94 35.37
N ASN E 39 24.01 -16.19 35.68
CA ASN E 39 25.34 -16.77 35.84
C ASN E 39 25.74 -17.48 34.56
N PRO E 40 26.96 -17.28 34.05
CA PRO E 40 27.99 -16.37 34.53
C PRO E 40 28.04 -15.08 33.73
N THR E 41 26.88 -14.62 33.28
CA THR E 41 26.82 -13.50 32.36
C THR E 41 26.82 -12.17 33.09
N SER E 42 26.74 -11.11 32.31
CA SER E 42 26.57 -9.76 32.80
C SER E 42 25.52 -9.09 31.91
N SER E 43 25.41 -7.76 31.99
CA SER E 43 24.57 -7.06 31.04
C SER E 43 25.07 -7.22 29.61
N TYR E 44 26.31 -7.68 29.44
CA TYR E 44 26.87 -7.91 28.11
C TYR E 44 26.00 -8.84 27.27
N VAL E 45 25.23 -9.72 27.92
CA VAL E 45 24.40 -10.67 27.20
C VAL E 45 23.25 -9.94 26.47
N TRP E 46 22.83 -8.78 26.99
CA TRP E 46 21.75 -8.01 26.40
C TRP E 46 22.21 -7.04 25.31
N ARG E 47 23.48 -7.11 24.90
CA ARG E 47 24.05 -6.09 24.04
C ARG E 47 23.39 -6.06 22.66
N ASN E 48 22.89 -7.20 22.19
CA ASN E 48 22.28 -7.27 20.88
C ASN E 48 20.76 -7.35 20.94
N ILE E 49 20.18 -7.31 22.14
CA ILE E 49 18.74 -7.29 22.31
C ILE E 49 18.22 -5.89 22.61
N ILE E 50 19.01 -5.11 23.36
CA ILE E 50 18.59 -3.74 23.70
C ILE E 50 18.35 -2.85 22.50
N PRO E 51 19.18 -2.87 21.44
CA PRO E 51 18.91 -2.00 20.28
C PRO E 51 17.53 -2.20 19.63
N HIS E 52 16.85 -3.33 19.86
CA HIS E 52 15.49 -3.49 19.35
C HIS E 52 14.44 -2.78 20.20
N VAL E 53 14.71 -2.59 21.49
CA VAL E 53 13.71 -2.08 22.44
C VAL E 53 14.01 -0.62 22.76
N ALA E 54 15.29 -0.26 22.69
CA ALA E 54 15.71 1.11 22.98
C ALA E 54 14.98 2.19 22.17
N PRO E 55 14.68 2.01 20.88
CA PRO E 55 13.99 3.09 20.15
C PRO E 55 12.70 3.58 20.78
N THR E 56 11.95 2.70 21.44
CA THR E 56 10.64 3.09 21.96
C THR E 56 10.54 3.10 23.47
N HIS E 57 11.37 2.32 24.16
CA HIS E 57 11.29 2.20 25.61
C HIS E 57 12.70 2.23 26.20
N ARG E 58 12.75 2.58 27.49
CA ARG E 58 14.00 2.62 28.22
C ARG E 58 14.48 1.22 28.57
N CYS E 59 15.74 0.93 28.26
CA CYS E 59 16.38 -0.32 28.63
C CYS E 59 17.30 -0.05 29.82
N ILE E 60 17.08 -0.79 30.91
CA ILE E 60 17.92 -0.74 32.11
C ILE E 60 18.44 -2.15 32.36
N ALA E 61 19.76 -2.30 32.33
CA ALA E 61 20.40 -3.61 32.43
C ALA E 61 21.52 -3.60 33.46
N PRO E 62 21.23 -3.99 34.70
CA PRO E 62 22.28 -3.99 35.73
C PRO E 62 23.23 -5.17 35.61
N ASP E 63 24.45 -4.96 36.10
CA ASP E 63 25.38 -6.04 36.38
C ASP E 63 25.18 -6.48 37.82
N LEU E 64 24.92 -7.77 38.02
CA LEU E 64 24.75 -8.32 39.35
C LEU E 64 26.01 -8.11 40.19
N ILE E 65 25.82 -8.06 41.51
CA ILE E 65 26.96 -7.82 42.40
C ILE E 65 28.00 -8.91 42.24
N GLY E 66 29.26 -8.49 42.19
CA GLY E 66 30.35 -9.42 41.98
C GLY E 66 30.58 -9.81 40.54
N MET E 67 29.77 -9.31 39.60
CA MET E 67 29.84 -9.70 38.20
C MET E 67 29.90 -8.45 37.31
N GLY E 68 30.39 -8.66 36.09
CA GLY E 68 30.52 -7.57 35.14
C GLY E 68 31.47 -6.49 35.63
N LYS E 69 31.06 -5.23 35.43
CA LYS E 69 31.84 -4.08 35.85
C LYS E 69 31.43 -3.54 37.21
N SER E 70 30.63 -4.30 37.97
CA SER E 70 30.30 -3.93 39.33
C SER E 70 31.39 -4.37 40.31
N ASP E 71 31.37 -3.77 41.51
CA ASP E 71 32.30 -4.14 42.57
C ASP E 71 32.02 -5.57 43.04
N LYS E 72 33.02 -6.17 43.70
CA LYS E 72 32.98 -7.56 44.15
C LYS E 72 33.31 -7.64 45.63
N PRO E 73 32.37 -7.32 46.51
CA PRO E 73 32.63 -7.42 47.95
C PRO E 73 32.81 -8.86 48.40
N ASP E 74 33.36 -9.02 49.60
CA ASP E 74 33.63 -10.34 50.18
C ASP E 74 32.35 -10.86 50.84
N LEU E 75 31.40 -11.23 49.99
CA LEU E 75 30.12 -11.79 50.38
C LEU E 75 30.05 -13.26 49.94
N GLY E 76 29.08 -13.99 50.51
CA GLY E 76 28.86 -15.36 50.08
C GLY E 76 28.25 -15.51 48.69
N TYR E 77 27.63 -14.44 48.17
CA TYR E 77 26.97 -14.43 46.87
C TYR E 77 25.89 -15.51 46.78
N PHE E 78 25.23 -15.78 47.90
CA PHE E 78 24.05 -16.63 47.91
C PHE E 78 22.90 -15.94 47.17
N PHE E 79 21.82 -16.70 46.98
CA PHE E 79 20.64 -16.15 46.31
C PHE E 79 20.10 -14.93 47.05
N ASP E 80 20.04 -15.00 48.38
CA ASP E 80 19.49 -13.89 49.15
C ASP E 80 20.35 -12.63 49.00
N ASP E 81 21.67 -12.78 48.83
CA ASP E 81 22.53 -11.63 48.58
C ASP E 81 22.09 -10.88 47.31
N HIS E 82 21.86 -11.62 46.23
CA HIS E 82 21.40 -10.98 45.00
C HIS E 82 19.98 -10.43 45.14
N VAL E 83 19.14 -11.04 45.97
CA VAL E 83 17.81 -10.47 46.21
C VAL E 83 17.94 -9.08 46.83
N ARG E 84 18.75 -8.97 47.89
CA ARG E 84 18.97 -7.68 48.52
C ARG E 84 19.56 -6.67 47.54
N PHE E 85 20.60 -7.07 46.80
CA PHE E 85 21.29 -6.11 45.93
C PHE E 85 20.40 -5.65 44.78
N MET E 86 19.49 -6.49 44.29
CA MET E 86 18.60 -6.08 43.21
C MET E 86 17.43 -5.25 43.74
N ASP E 87 16.90 -5.59 44.91
CA ASP E 87 15.91 -4.72 45.54
C ASP E 87 16.47 -3.31 45.70
N ALA E 88 17.72 -3.21 46.19
CA ALA E 88 18.33 -1.90 46.40
C ALA E 88 18.70 -1.22 45.08
N PHE E 89 19.04 -1.98 44.04
CA PHE E 89 19.27 -1.35 42.73
C PHE E 89 17.96 -0.80 42.16
N ILE E 90 16.86 -1.49 42.40
CA ILE E 90 15.57 -1.02 41.90
C ILE E 90 15.11 0.23 42.65
N GLU E 91 15.35 0.27 43.97
CA GLU E 91 14.95 1.47 44.71
C GLU E 91 15.91 2.63 44.48
N ALA E 92 17.19 2.36 44.24
CA ALA E 92 18.18 3.41 43.98
C ALA E 92 17.92 4.12 42.67
N LEU E 93 17.39 3.42 41.67
CA LEU E 93 17.01 4.05 40.41
C LEU E 93 15.55 4.49 40.43
N GLY E 94 14.86 4.30 41.55
CA GLY E 94 13.50 4.79 41.72
C GLY E 94 12.48 4.30 40.70
N LEU E 95 12.53 3.03 40.34
CA LEU E 95 11.61 2.50 39.33
C LEU E 95 10.22 2.30 39.95
N GLU E 96 9.21 2.80 39.24
CA GLU E 96 7.82 2.74 39.74
C GLU E 96 7.18 1.46 39.22
N GLU E 97 6.83 1.45 37.94
CA GLU E 97 6.27 0.30 37.25
C GLU E 97 7.29 -0.15 36.20
N VAL E 98 7.39 -1.46 35.98
CA VAL E 98 8.40 -1.99 35.06
C VAL E 98 7.85 -3.17 34.26
N VAL E 99 8.56 -3.46 33.18
CA VAL E 99 8.43 -4.71 32.45
C VAL E 99 9.71 -5.50 32.67
N LEU E 100 9.58 -6.77 32.99
CA LEU E 100 10.71 -7.62 33.33
C LEU E 100 11.12 -8.45 32.11
N VAL E 101 12.42 -8.50 31.85
CA VAL E 101 13.00 -9.43 30.88
C VAL E 101 14.12 -10.15 31.61
N ILE E 102 13.88 -11.41 31.97
CA ILE E 102 14.68 -12.09 32.96
C ILE E 102 15.17 -13.44 32.44
N HIS E 103 16.39 -13.82 32.83
CA HIS E 103 16.97 -15.05 32.33
C HIS E 103 17.86 -15.69 33.39
N ASP E 104 17.86 -17.03 33.39
CA ASP E 104 18.70 -17.86 34.28
C ASP E 104 18.42 -17.41 35.71
N TRP E 105 19.43 -17.08 36.51
CA TRP E 105 19.18 -16.71 37.89
C TRP E 105 18.46 -15.37 37.99
N GLY E 106 18.71 -14.46 37.05
CA GLY E 106 17.92 -13.25 37.00
C GLY E 106 16.43 -13.53 36.97
N SER E 107 16.04 -14.61 36.27
CA SER E 107 14.63 -14.97 36.23
C SER E 107 14.11 -15.29 37.62
N ALA E 108 14.87 -16.09 38.38
CA ALA E 108 14.50 -16.38 39.77
C ALA E 108 14.38 -15.08 40.56
N LEU E 109 15.27 -14.13 40.30
CA LEU E 109 15.14 -12.82 40.92
C LEU E 109 13.83 -12.17 40.48
N GLY E 110 13.65 -11.99 39.17
CA GLY E 110 12.52 -11.25 38.65
C GLY E 110 11.22 -11.81 39.17
N PHE E 111 10.98 -13.09 38.89
CA PHE E 111 9.78 -13.75 39.38
C PHE E 111 9.58 -13.50 40.87
N HIS E 112 10.64 -13.70 41.66
CA HIS E 112 10.51 -13.50 43.10
C HIS E 112 10.09 -12.06 43.39
N TRP E 113 10.82 -11.10 42.82
CA TRP E 113 10.44 -9.70 42.98
C TRP E 113 9.02 -9.48 42.46
N ALA E 114 8.69 -10.12 41.33
CA ALA E 114 7.36 -9.97 40.75
C ALA E 114 6.30 -10.52 41.71
N LYS E 115 6.62 -11.61 42.40
CA LYS E 115 5.69 -12.13 43.41
C LYS E 115 5.50 -11.12 44.52
N ARG E 116 6.58 -10.43 44.92
CA ARG E 116 6.51 -9.47 46.01
C ARG E 116 5.99 -8.10 45.58
N ASN E 117 5.96 -7.83 44.27
CA ASN E 117 5.49 -6.55 43.73
C ASN E 117 4.58 -6.80 42.53
N PRO E 118 3.42 -7.44 42.74
CA PRO E 118 2.61 -7.83 41.57
C PRO E 118 2.05 -6.66 40.78
N GLU E 119 1.58 -5.62 41.45
CA GLU E 119 0.98 -4.46 40.78
C GLU E 119 1.99 -3.59 40.04
N ARG E 120 3.29 -3.74 40.30
CA ARG E 120 4.29 -2.88 39.69
C ARG E 120 4.92 -3.51 38.46
N VAL E 121 4.51 -4.71 38.10
CA VAL E 121 5.04 -5.44 36.95
C VAL E 121 3.94 -5.50 35.90
N LYS E 122 4.13 -4.78 34.79
CA LYS E 122 3.17 -4.75 33.70
C LYS E 122 3.32 -5.94 32.75
N GLY E 123 4.47 -6.62 32.79
CA GLY E 123 4.71 -7.76 31.93
C GLY E 123 6.02 -8.45 32.25
N ILE E 124 6.10 -9.74 31.97
CA ILE E 124 7.27 -10.56 32.27
C ILE E 124 7.64 -11.29 30.99
N ALA E 125 8.77 -10.92 30.40
CA ALA E 125 9.41 -11.74 29.39
C ALA E 125 10.46 -12.60 30.08
N PHE E 126 10.43 -13.90 29.83
CA PHE E 126 11.35 -14.81 30.50
C PHE E 126 11.81 -15.88 29.53
N MET E 127 12.97 -16.45 29.84
CA MET E 127 13.63 -17.42 28.98
C MET E 127 14.61 -18.20 29.82
N GLU E 128 14.65 -19.51 29.61
CA GLU E 128 15.52 -20.41 30.38
C GLU E 128 15.46 -20.06 31.86
N PHE E 129 14.24 -20.06 32.38
CA PHE E 129 14.00 -19.62 33.74
C PHE E 129 14.22 -20.76 34.72
N ILE E 130 14.23 -20.40 36.00
CA ILE E 130 14.44 -21.36 37.08
C ILE E 130 13.12 -21.99 37.45
N ARG E 131 13.01 -23.29 37.25
CA ARG E 131 11.88 -24.10 37.66
C ARG E 131 12.39 -25.19 38.58
N PRO E 132 11.52 -25.82 39.36
CA PRO E 132 11.95 -26.96 40.18
C PRO E 132 12.29 -28.14 39.28
N ILE E 133 13.53 -28.62 39.38
CA ILE E 133 13.97 -29.82 38.68
C ILE E 133 13.71 -30.97 39.63
N PRO E 134 12.67 -31.79 39.41
CA PRO E 134 12.26 -32.75 40.45
C PRO E 134 13.31 -33.81 40.77
N THR E 135 13.96 -34.39 39.76
CA THR E 135 15.03 -35.35 39.97
C THR E 135 16.22 -34.97 39.10
N TRP E 136 17.37 -35.60 39.36
CA TRP E 136 18.54 -35.38 38.52
C TRP E 136 18.35 -35.95 37.12
N ASP E 137 17.33 -36.77 36.91
CA ASP E 137 17.07 -37.31 35.59
C ASP E 137 16.59 -36.24 34.61
N GLU E 138 15.91 -35.20 35.10
CA GLU E 138 15.40 -34.11 34.27
C GLU E 138 16.45 -33.07 33.92
N TRP E 139 17.66 -33.20 34.44
CA TRP E 139 18.75 -32.33 34.04
C TRP E 139 19.38 -32.86 32.75
N PRO E 140 19.77 -31.98 31.84
CA PRO E 140 20.37 -32.44 30.57
C PRO E 140 21.56 -33.34 30.84
N GLU E 141 21.60 -34.46 30.12
CA GLU E 141 22.59 -35.50 30.42
C GLU E 141 24.01 -35.01 30.18
N PHE E 142 24.22 -34.24 29.11
CA PHE E 142 25.57 -33.83 28.75
C PHE E 142 26.25 -32.96 29.81
N ALA E 143 25.48 -32.29 30.66
CA ALA E 143 26.04 -31.53 31.76
C ALA E 143 25.82 -32.19 33.12
N ARG E 144 25.18 -33.36 33.15
CA ARG E 144 24.71 -33.93 34.41
C ARG E 144 25.87 -34.21 35.35
N GLU E 145 26.93 -34.83 34.85
CA GLU E 145 28.08 -35.07 35.70
C GLU E 145 28.63 -33.75 36.22
N THR E 146 28.83 -32.78 35.31
CA THR E 146 29.60 -31.59 35.66
C THR E 146 28.89 -30.79 36.75
N PHE E 147 27.59 -30.56 36.60
CA PHE E 147 26.91 -29.78 37.63
C PHE E 147 26.80 -30.57 38.93
N GLN E 148 26.69 -31.91 38.86
CA GLN E 148 26.77 -32.68 40.10
C GLN E 148 28.12 -32.48 40.76
N ALA E 149 29.19 -32.33 39.96
CA ALA E 149 30.49 -31.98 40.51
C ALA E 149 30.49 -30.55 41.06
N PHE E 150 29.80 -29.63 40.36
CA PHE E 150 29.75 -28.24 40.81
C PHE E 150 29.13 -28.11 42.19
N ARG E 151 28.19 -28.98 42.53
CA ARG E 151 27.48 -28.86 43.81
C ARG E 151 28.21 -29.60 44.93
N THR E 152 29.52 -29.38 44.99
CA THR E 152 30.37 -29.94 46.03
C THR E 152 31.43 -28.93 46.44
N THR E 153 31.73 -28.92 47.74
CA THR E 153 32.69 -27.99 48.33
C THR E 153 34.13 -28.33 47.95
N ASP E 154 34.40 -29.55 47.45
CA ASP E 154 35.76 -29.96 47.16
C ASP E 154 36.18 -29.88 45.70
N VAL E 155 35.61 -30.74 44.85
CA VAL E 155 35.96 -30.77 43.43
C VAL E 155 35.47 -29.52 42.71
N GLY E 156 34.25 -29.09 43.03
CA GLY E 156 33.65 -27.97 42.34
C GLY E 156 34.49 -26.71 42.42
N ARG E 157 35.04 -26.42 43.60
CA ARG E 157 35.87 -25.22 43.75
C ARG E 157 37.17 -25.32 42.96
N LYS E 158 37.75 -26.52 42.82
CA LYS E 158 38.91 -26.67 41.96
C LYS E 158 38.56 -26.37 40.52
N LEU E 159 37.38 -26.82 40.08
CA LEU E 159 36.97 -26.57 38.70
C LEU E 159 36.60 -25.11 38.46
N ILE E 160 35.73 -24.56 39.31
CA ILE E 160 35.10 -23.28 39.04
C ILE E 160 36.02 -22.12 39.39
N ILE E 161 36.72 -22.23 40.52
CA ILE E 161 37.51 -21.11 41.04
C ILE E 161 38.97 -21.20 40.58
N ASP E 162 39.59 -22.38 40.66
CA ASP E 162 41.00 -22.48 40.28
C ASP E 162 41.17 -22.58 38.76
N GLN E 163 40.37 -23.40 38.09
CA GLN E 163 40.52 -23.60 36.66
C GLN E 163 39.53 -22.78 35.83
N ASN E 164 38.56 -22.13 36.48
CA ASN E 164 37.63 -21.21 35.83
C ASN E 164 36.76 -21.92 34.79
N VAL E 165 36.27 -23.11 35.14
CA VAL E 165 35.53 -23.91 34.17
C VAL E 165 34.18 -23.28 33.86
N PHE E 166 33.54 -22.64 34.84
CA PHE E 166 32.23 -22.07 34.59
C PHE E 166 32.29 -20.97 33.53
N ILE E 167 33.44 -20.32 33.39
CA ILE E 167 33.64 -19.32 32.32
C ILE E 167 34.28 -19.95 31.09
N GLU E 168 35.34 -20.73 31.27
CA GLU E 168 36.07 -21.29 30.14
C GLU E 168 35.33 -22.46 29.48
N GLY E 169 34.73 -23.33 30.28
CA GLY E 169 34.04 -24.50 29.75
C GLY E 169 32.52 -24.39 29.70
N THR E 170 31.88 -24.17 30.85
CA THR E 170 30.42 -24.24 30.93
C THR E 170 29.76 -23.15 30.07
N LEU E 171 30.32 -21.94 30.08
CA LEU E 171 29.71 -20.84 29.33
C LEU E 171 29.62 -21.11 27.83
N PRO E 172 30.70 -21.46 27.12
CA PRO E 172 30.54 -21.80 25.69
C PRO E 172 29.64 -23.01 25.47
N MET E 173 29.63 -23.96 26.39
CA MET E 173 28.72 -25.10 26.29
C MET E 173 27.27 -24.70 26.55
N GLY E 174 27.03 -23.47 27.00
CA GLY E 174 25.69 -22.93 27.09
C GLY E 174 25.25 -22.12 25.88
N VAL E 175 26.03 -22.12 24.81
CA VAL E 175 25.71 -21.41 23.57
C VAL E 175 25.91 -22.37 22.40
N VAL E 176 24.94 -22.42 21.49
CA VAL E 176 25.05 -23.31 20.33
C VAL E 176 26.15 -22.83 19.40
N ARG E 177 26.06 -21.58 18.96
CA ARG E 177 27.07 -21.03 18.06
C ARG E 177 28.35 -20.69 18.84
N PRO E 178 29.50 -20.74 18.19
CA PRO E 178 30.76 -20.50 18.90
C PRO E 178 30.95 -19.02 19.23
N LEU E 179 31.41 -18.75 20.44
CA LEU E 179 31.77 -17.40 20.83
C LEU E 179 33.16 -17.09 20.28
N THR E 180 33.30 -15.93 19.62
CA THR E 180 34.60 -15.54 19.10
C THR E 180 35.53 -15.14 20.24
N GLU E 181 36.81 -14.94 19.90
CA GLU E 181 37.79 -14.61 20.93
C GLU E 181 37.45 -13.27 21.60
N VAL E 182 36.90 -12.32 20.84
CA VAL E 182 36.52 -11.03 21.42
C VAL E 182 35.41 -11.22 22.45
N GLU E 183 34.38 -12.01 22.11
CA GLU E 183 33.26 -12.25 23.02
C GLU E 183 33.73 -13.00 24.27
N MET E 184 34.54 -14.05 24.07
CA MET E 184 35.11 -14.76 25.20
C MET E 184 35.90 -13.84 26.10
N ASP E 185 36.71 -12.94 25.52
CA ASP E 185 37.49 -12.01 26.34
C ASP E 185 36.57 -11.07 27.11
N HIS E 186 35.47 -10.65 26.50
CA HIS E 186 34.51 -9.79 27.19
C HIS E 186 33.89 -10.49 28.39
N TYR E 187 33.58 -11.78 28.25
CA TYR E 187 33.04 -12.52 29.40
C TYR E 187 34.12 -12.87 30.42
N ARG E 188 35.37 -13.02 29.99
CA ARG E 188 36.44 -13.37 30.92
C ARG E 188 36.83 -12.18 31.78
N GLU E 189 36.79 -10.97 31.22
CA GLU E 189 37.31 -9.78 31.88
C GLU E 189 36.91 -9.63 33.34
N PRO E 190 35.63 -9.81 33.74
CA PRO E 190 35.28 -9.57 35.16
C PRO E 190 35.77 -10.65 36.11
N PHE E 191 36.36 -11.75 35.62
CA PHE E 191 36.79 -12.86 36.47
C PHE E 191 38.22 -13.28 36.15
N LEU E 192 39.10 -12.31 35.90
CA LEU E 192 40.51 -12.64 35.65
C LEU E 192 41.23 -13.00 36.95
N ASN E 193 40.87 -12.34 38.05
CA ASN E 193 41.51 -12.60 39.33
C ASN E 193 40.79 -13.77 40.00
N PRO E 194 41.49 -14.87 40.33
CA PRO E 194 40.81 -16.06 40.87
C PRO E 194 39.92 -15.80 42.08
N VAL E 195 40.34 -14.94 43.01
CA VAL E 195 39.53 -14.68 44.19
C VAL E 195 38.19 -14.06 43.80
N ASP E 196 38.11 -13.46 42.61
CA ASP E 196 36.91 -12.83 42.09
C ASP E 196 35.92 -13.83 41.49
N ARG E 197 36.16 -15.13 41.62
CA ARG E 197 35.29 -16.14 41.00
C ARG E 197 34.28 -16.75 41.98
N GLU E 198 34.07 -16.13 43.14
CA GLU E 198 33.12 -16.66 44.12
C GLU E 198 31.69 -16.80 43.62
N PRO E 199 31.09 -15.83 42.91
CA PRO E 199 29.68 -16.01 42.52
C PRO E 199 29.44 -17.18 41.57
N LEU E 200 30.41 -17.50 40.71
CA LEU E 200 30.29 -18.57 39.74
C LEU E 200 30.04 -19.94 40.37
N TRP E 201 30.40 -20.13 41.64
CA TRP E 201 30.29 -21.44 42.28
C TRP E 201 29.05 -21.60 43.15
N ARG E 202 28.57 -20.54 43.81
CA ARG E 202 27.45 -20.69 44.71
C ARG E 202 26.12 -20.92 43.96
N PHE E 203 25.93 -20.29 42.81
CA PHE E 203 24.66 -20.47 42.11
C PHE E 203 24.35 -21.94 41.82
N PRO E 204 25.23 -22.73 41.21
CA PRO E 204 24.87 -24.14 40.98
C PRO E 204 24.56 -24.88 42.25
N ASN E 205 25.09 -24.44 43.39
CA ASN E 205 24.70 -25.00 44.67
C ASN E 205 23.40 -24.40 45.18
N GLU E 206 22.86 -23.42 44.48
CA GLU E 206 21.55 -22.88 44.78
C GLU E 206 20.46 -23.35 43.83
N LEU E 207 20.83 -24.01 42.73
CA LEU E 207 19.83 -24.48 41.77
C LEU E 207 18.90 -25.49 42.44
N PRO E 208 17.58 -25.33 42.30
CA PRO E 208 16.61 -26.26 42.94
C PRO E 208 16.47 -27.58 42.20
N ILE E 209 17.39 -28.50 42.51
CA ILE E 209 17.48 -29.80 41.85
C ILE E 209 17.27 -30.87 42.91
N ALA E 210 16.22 -31.68 42.75
CA ALA E 210 15.96 -32.84 43.59
C ALA E 210 15.77 -32.45 45.05
N GLY E 211 15.19 -31.28 45.31
CA GLY E 211 14.93 -30.86 46.67
C GLY E 211 16.08 -30.17 47.37
N GLU E 212 17.15 -29.81 46.65
CA GLU E 212 18.32 -29.18 47.22
C GLU E 212 18.58 -27.87 46.49
N PRO E 213 18.71 -26.74 47.19
CA PRO E 213 18.47 -26.50 48.62
C PRO E 213 16.97 -26.43 48.89
N ALA E 214 16.49 -26.95 50.02
CA ALA E 214 15.06 -26.96 50.28
C ALA E 214 14.46 -25.56 50.27
N ASN E 215 15.19 -24.57 50.81
CA ASN E 215 14.68 -23.21 50.87
C ASN E 215 14.51 -22.61 49.47
N ILE E 216 15.49 -22.84 48.59
CA ILE E 216 15.39 -22.36 47.22
C ILE E 216 14.24 -23.05 46.50
N VAL E 217 14.05 -24.35 46.77
CA VAL E 217 12.95 -25.10 46.19
C VAL E 217 11.62 -24.47 46.58
N ALA E 218 11.43 -24.19 47.87
CA ALA E 218 10.19 -23.57 48.32
C ALA E 218 9.96 -22.23 47.64
N LEU E 219 11.01 -21.39 47.61
CA LEU E 219 10.90 -20.06 47.02
C LEU E 219 10.51 -20.14 45.55
N VAL E 220 11.06 -21.12 44.81
CA VAL E 220 10.79 -21.23 43.38
C VAL E 220 9.38 -21.79 43.13
N GLU E 221 9.02 -22.86 43.84
CA GLU E 221 7.67 -23.41 43.73
C GLU E 221 6.60 -22.35 43.98
N GLU E 222 6.85 -21.46 44.93
CA GLU E 222 5.82 -20.47 45.25
C GLU E 222 5.55 -19.54 44.07
N TYR E 223 6.60 -18.96 43.47
CA TYR E 223 6.32 -18.06 42.35
C TYR E 223 5.92 -18.81 41.09
N MET E 224 6.25 -20.09 40.95
CA MET E 224 5.68 -20.84 39.83
C MET E 224 4.17 -20.99 40.00
N ASP E 225 3.72 -21.22 41.22
CA ASP E 225 2.27 -21.30 41.45
C ASP E 225 1.62 -19.94 41.22
N TRP E 226 2.25 -18.86 41.69
CA TRP E 226 1.71 -17.52 41.47
C TRP E 226 1.63 -17.20 39.98
N LEU E 227 2.63 -17.65 39.20
CA LEU E 227 2.60 -17.44 37.76
C LEU E 227 1.42 -18.20 37.14
N HIS E 228 1.19 -19.44 37.60
CA HIS E 228 0.01 -20.16 37.12
C HIS E 228 -1.30 -19.49 37.52
N GLN E 229 -1.29 -18.57 38.49
CA GLN E 229 -2.52 -17.90 38.88
C GLN E 229 -2.57 -16.43 38.49
N SER E 230 -1.53 -15.88 37.89
CA SER E 230 -1.63 -14.46 37.59
C SER E 230 -2.07 -14.23 36.15
N PRO E 231 -2.89 -13.22 35.88
CA PRO E 231 -3.22 -12.86 34.50
C PRO E 231 -2.18 -11.97 33.83
N VAL E 232 -1.06 -11.68 34.48
CA VAL E 232 -0.02 -10.82 33.94
C VAL E 232 0.39 -11.32 32.56
N PRO E 233 0.59 -10.44 31.58
CA PRO E 233 1.06 -10.89 30.27
C PRO E 233 2.40 -11.60 30.39
N LYS E 234 2.51 -12.75 29.72
CA LYS E 234 3.71 -13.57 29.78
C LYS E 234 4.19 -13.86 28.37
N LEU E 235 5.50 -13.72 28.17
CA LEU E 235 6.14 -14.02 26.91
C LEU E 235 7.28 -14.98 27.21
N LEU E 236 7.18 -16.20 26.70
CA LEU E 236 8.14 -17.26 27.00
C LEU E 236 8.95 -17.57 25.75
N PHE E 237 10.26 -17.40 25.84
CA PHE E 237 11.18 -17.76 24.77
C PHE E 237 11.80 -19.10 25.09
N TRP E 238 11.98 -19.93 24.06
CA TRP E 238 12.58 -21.23 24.28
C TRP E 238 13.34 -21.68 23.05
N GLY E 239 14.34 -22.54 23.27
CA GLY E 239 15.15 -23.07 22.19
C GLY E 239 15.30 -24.57 22.31
N THR E 240 15.92 -25.15 21.28
CA THR E 240 16.14 -26.58 21.20
C THR E 240 17.63 -26.87 21.20
N PRO E 241 18.12 -27.76 22.08
CA PRO E 241 17.34 -28.56 23.03
C PRO E 241 17.06 -27.84 24.34
N GLY E 242 17.63 -26.65 24.53
CA GLY E 242 17.55 -25.96 25.81
C GLY E 242 18.40 -26.60 26.89
N VAL E 243 18.36 -25.99 28.07
CA VAL E 243 19.08 -26.50 29.24
C VAL E 243 18.11 -26.63 30.41
N LEU E 244 17.64 -25.49 30.93
CA LEU E 244 16.68 -25.52 32.03
C LEU E 244 15.26 -25.83 31.57
N ILE E 245 14.88 -25.39 30.37
CA ILE E 245 13.53 -25.56 29.86
C ILE E 245 13.57 -26.34 28.55
N PRO E 246 13.41 -27.67 28.59
CA PRO E 246 13.34 -28.45 27.35
C PRO E 246 12.10 -28.08 26.55
N PRO E 247 12.11 -28.31 25.24
CA PRO E 247 10.97 -27.88 24.40
C PRO E 247 9.62 -28.41 24.85
N ALA E 248 9.55 -29.64 25.35
CA ALA E 248 8.31 -30.20 25.87
C ALA E 248 7.76 -29.34 27.01
N GLU E 249 8.63 -28.96 27.95
CA GLU E 249 8.20 -28.15 29.08
C GLU E 249 7.69 -26.79 28.61
N ALA E 250 8.35 -26.19 27.63
CA ALA E 250 7.89 -24.92 27.08
C ALA E 250 6.50 -25.07 26.47
N ALA E 251 6.29 -26.15 25.72
CA ALA E 251 4.96 -26.40 25.15
C ALA E 251 3.92 -26.54 26.24
N ARG E 252 4.22 -27.30 27.30
CA ARG E 252 3.30 -27.39 28.43
C ARG E 252 2.96 -26.02 28.98
N LEU E 253 3.98 -25.24 29.34
CA LEU E 253 3.76 -23.97 30.01
C LEU E 253 2.99 -23.00 29.13
N ALA E 254 3.19 -23.07 27.81
CA ALA E 254 2.47 -22.18 26.90
C ALA E 254 0.96 -22.32 27.04
N LYS E 255 0.47 -23.53 27.33
CA LYS E 255 -0.96 -23.77 27.50
C LYS E 255 -1.40 -23.67 28.96
N SER E 256 -0.56 -24.10 29.91
CA SER E 256 -0.98 -24.14 31.31
C SER E 256 -1.00 -22.75 31.94
N LEU E 257 -0.18 -21.81 31.42
CA LEU E 257 -0.10 -20.46 32.00
C LEU E 257 -1.10 -19.53 31.35
N PRO E 258 -1.86 -18.74 32.11
CA PRO E 258 -2.80 -17.80 31.50
C PRO E 258 -2.08 -16.66 30.80
N ASN E 259 -2.69 -16.20 29.70
CA ASN E 259 -2.21 -15.07 28.92
C ASN E 259 -0.72 -15.17 28.60
N CYS E 260 -0.32 -16.35 28.09
CA CYS E 260 1.08 -16.65 27.81
C CYS E 260 1.25 -16.93 26.32
N LYS E 261 2.13 -16.17 25.67
CA LYS E 261 2.55 -16.43 24.30
C LYS E 261 3.96 -17.01 24.30
N ALA E 262 4.16 -18.11 23.58
CA ALA E 262 5.47 -18.75 23.48
C ALA E 262 6.10 -18.50 22.12
N VAL E 263 7.44 -18.42 22.09
CA VAL E 263 8.21 -18.14 20.88
C VAL E 263 9.41 -19.06 20.82
N ASP E 264 9.53 -19.77 19.70
CA ASP E 264 10.68 -20.62 19.40
C ASP E 264 11.78 -19.77 18.77
N ILE E 265 12.93 -19.69 19.44
CA ILE E 265 14.06 -18.92 18.92
C ILE E 265 14.97 -19.76 18.05
N GLY E 266 14.66 -21.04 17.86
CA GLY E 266 15.48 -21.92 17.07
C GLY E 266 16.41 -22.74 17.93
N PRO E 267 17.57 -23.10 17.40
CA PRO E 267 18.56 -23.82 18.21
C PRO E 267 19.06 -22.95 19.35
N GLY E 268 19.11 -23.54 20.55
CA GLY E 268 19.55 -22.82 21.72
C GLY E 268 19.83 -23.76 22.86
N LEU E 269 20.55 -23.26 23.86
CA LEU E 269 20.83 -24.04 25.06
C LEU E 269 20.39 -23.31 26.32
N ASN E 270 21.26 -22.47 26.88
CA ASN E 270 20.89 -21.68 28.04
C ASN E 270 20.96 -20.19 27.75
N LEU E 271 22.05 -19.72 27.13
CA LEU E 271 22.19 -18.33 26.72
C LEU E 271 21.49 -18.15 25.38
N LEU E 272 20.15 -18.09 25.43
CA LEU E 272 19.39 -17.88 24.21
C LEU E 272 19.71 -16.53 23.58
N GLN E 273 20.06 -15.55 24.40
CA GLN E 273 20.41 -14.22 23.92
C GLN E 273 21.60 -14.25 22.98
N GLU E 274 22.46 -15.23 23.13
CA GLU E 274 23.65 -15.33 22.29
C GLU E 274 23.41 -16.11 21.00
N ASP E 275 22.34 -16.90 20.95
CA ASP E 275 22.05 -17.70 19.77
C ASP E 275 21.11 -17.01 18.79
N ASN E 276 20.13 -16.25 19.28
CA ASN E 276 19.19 -15.53 18.41
C ASN E 276 18.71 -14.27 19.13
N PRO E 277 19.59 -13.27 19.27
CA PRO E 277 19.16 -12.03 19.93
C PRO E 277 18.21 -11.20 19.08
N ASP E 278 18.34 -11.26 17.76
CA ASP E 278 17.49 -10.45 16.89
C ASP E 278 16.02 -10.77 17.12
N LEU E 279 15.67 -12.05 17.06
CA LEU E 279 14.29 -12.47 17.27
C LEU E 279 13.80 -12.08 18.65
N ILE E 280 14.62 -12.30 19.68
CA ILE E 280 14.22 -11.99 21.05
C ILE E 280 13.91 -10.50 21.19
N GLY E 281 14.77 -9.65 20.63
CA GLY E 281 14.54 -8.21 20.70
C GLY E 281 13.32 -7.78 19.92
N SER E 282 13.16 -8.32 18.70
CA SER E 282 12.01 -7.97 17.88
C SER E 282 10.70 -8.37 18.55
N GLU E 283 10.67 -9.57 19.13
CA GLU E 283 9.45 -10.04 19.81
C GLU E 283 9.16 -9.24 21.06
N ILE E 284 10.19 -8.93 21.87
CA ILE E 284 9.94 -8.14 23.07
C ILE E 284 9.40 -6.76 22.69
N ALA E 285 10.01 -6.13 21.68
CA ALA E 285 9.57 -4.80 21.26
C ALA E 285 8.12 -4.81 20.78
N ARG E 286 7.78 -5.75 19.90
CA ARG E 286 6.40 -5.84 19.43
C ARG E 286 5.44 -6.19 20.57
N TRP E 287 5.87 -7.09 21.47
CA TRP E 287 5.03 -7.50 22.59
C TRP E 287 4.74 -6.34 23.53
N LEU E 288 5.70 -5.43 23.70
CA LEU E 288 5.52 -4.32 24.63
C LEU E 288 4.40 -3.39 24.19
N SER E 289 4.20 -3.20 22.88
CA SER E 289 3.16 -2.31 22.42
C SER E 289 1.74 -2.86 22.64
N THR E 290 1.59 -4.14 22.95
CA THR E 290 0.27 -4.70 23.25
C THR E 290 -0.03 -4.64 24.74
N LEU E 291 0.92 -4.15 25.54
CA LEU E 291 0.78 -3.99 26.97
C LEU E 291 0.22 -2.61 27.30
N GLU E 292 -0.26 -2.46 28.52
CA GLU E 292 -0.79 -1.19 29.01
C GLU E 292 0.28 -0.43 29.78
N ILE E 293 1.25 0.08 29.03
CA ILE E 293 2.34 0.85 29.60
C ILE E 293 2.43 2.22 28.93
N OEK F . -1.28 37.53 -4.62
N1 OEK F . -8.21 32.97 -10.93
C2 OEK F . -4.50 38.54 -6.06
O2 OEK F . -8.01 33.10 -8.70
C3 OEK F . -3.39 38.49 -5.23
C4 OEK F . -2.36 37.56 -5.45
C5 OEK F . -1.18 38.44 -3.50
C6 OEK F . 0.01 37.09 -5.14
C OEK F . -6.13 39.36 -4.35
O OEK F . -11.53 31.38 -10.83
C1 OEK F . -5.59 39.59 -5.77
C10 OEK F . -5.77 37.70 -8.02
C11 OEK F . -5.81 36.70 -9.14
C12 OEK F . -6.71 35.63 -9.03
C13 OEK F . -6.75 34.63 -9.99
C14 OEK F . -7.70 33.50 -9.82
C15 OEK F . -9.21 31.90 -10.90
C16 OEK F . -10.60 32.45 -10.80
C17 OEK F . -12.88 31.82 -10.76
C18 OEK F . -13.77 30.63 -10.61
C19 OEK F . -14.80 30.45 -8.48
C20 OEK F . -14.95 29.41 -7.39
C21 OEK F . -15.02 27.98 -7.91
C22 OEK F . -15.36 26.96 -6.84
C23 OEK F . -15.59 25.55 -7.37
C24 OEK F . -16.23 24.63 -6.36
C25 OEK F . -5.88 34.69 -11.08
C26 OEK F . -4.99 35.75 -11.20
C27 OEK F . -4.94 36.77 -10.25
C28 OEK F . -3.92 37.84 -10.50
C29 OEK F . -6.79 38.62 -7.84
C30 OEK F . -7.89 38.66 -8.72
C31 OEK F . -8.92 39.58 -8.55
C32 OEK F . -4.94 40.99 -5.83
C33 OEK F . -6.75 39.55 -6.76
C34 OEK F . -7.80 40.46 -6.60
C35 OEK F . -8.89 40.48 -7.48
C36 OEK F . -11.05 41.41 -8.22
C37 OEK F . -10.22 41.89 -5.98
C7 OEK F . -2.48 36.68 -6.51
C8 OEK F . -3.58 36.72 -7.33
C9 OEK F . -4.60 37.64 -7.13
N2 OEK F . -9.92 41.37 -7.30
O1 OEK F . -13.68 30.11 -9.29
O3 OEK F . -3.18 37.71 -11.52
O4 OEK F . -3.83 38.79 -9.70
CL CL G . -12.69 23.98 -4.99
N OEK H . 7.98 9.82 15.58
N1 OEK H . 4.27 -0.02 14.22
C2 OEK H . 9.36 6.41 15.60
O2 OEK H . 4.98 1.58 12.82
C3 OEK H . 9.27 7.80 15.54
C4 OEK H . 8.05 8.45 15.61
C5 OEK H . 9.19 10.62 15.46
C6 OEK H . 6.82 10.52 16.12
C OEK H . 11.35 6.18 14.12
O OEK H . 4.31 -2.59 11.62
C1 OEK H . 10.75 5.78 15.47
C10 OEK H . 8.30 4.18 15.88
C11 OEK H . 7.01 3.42 16.08
C12 OEK H . 6.53 2.66 15.02
C13 OEK H . 5.35 1.93 15.14
C14 OEK H . 4.85 1.15 13.96
C15 OEK H . 3.78 -0.86 13.14
C16 OEK H . 4.86 -1.76 12.62
C17 OEK H . 5.24 -3.51 11.08
C18 OEK H . 4.62 -4.23 9.93
C19 OEK H . 5.56 -3.79 7.83
C20 OEK H . 5.12 -3.40 6.45
C21 OEK H . 3.76 -3.95 6.05
C22 OEK H . 3.42 -3.66 4.59
C23 OEK H . 2.15 -4.31 4.09
C24 OEK H . 2.01 -4.24 2.59
C25 OEK H . 4.66 1.95 16.35
C26 OEK H . 5.13 2.69 17.41
C27 OEK H . 6.30 3.44 17.31
C28 OEK H . 6.66 4.24 18.54
C29 OEK H . 9.52 3.52 15.78
C30 OEK H . 9.59 2.10 15.83
C31 OEK H . 10.79 1.44 15.67
C32 OEK H . 11.66 6.31 16.60
C33 OEK H . 10.72 4.25 15.56
C34 OEK H . 11.93 3.55 15.40
C35 OEK H . 11.98 2.15 15.44
C36 OEK H . 13.22 0.03 15.27
C37 OEK H . 14.26 2.14 14.55
C7 OEK H . 6.89 7.69 15.75
C8 OEK H . 6.97 6.31 15.82
C9 OEK H . 8.20 5.65 15.75
N2 OEK H . 13.17 1.48 15.24
O1 OEK H . 4.56 -3.42 8.78
O3 OEK H . 5.86 4.18 19.50
O4 OEK H . 7.71 4.92 18.53
CL CL I . 0.82 -0.57 3.13
N OEK J . 49.16 -3.66 -38.47
N1 OEK J . 46.45 6.13 -41.34
C2 OEK J . 49.62 -0.29 -37.09
O2 OEK J . 45.42 4.50 -40.18
C3 OEK J . 49.54 -1.67 -37.19
C4 OEK J . 49.22 -2.31 -38.39
C5 OEK J . 49.41 -4.49 -37.30
C6 OEK J . 49.31 -4.34 -39.75
C OEK J . 48.89 -0.08 -34.71
O OEK J . 43.94 8.69 -40.50
C1 OEK J . 49.98 0.32 -35.73
C10 OEK J . 49.51 1.97 -38.13
C11 OEK J . 49.26 2.77 -39.38
C12 OEK J . 48.05 3.47 -39.47
C13 OEK J . 47.74 4.22 -40.60
C14 OEK J . 46.44 4.95 -40.69
C15 OEK J . 45.26 6.95 -41.46
C16 OEK J . 45.09 7.88 -40.29
C17 OEK J . 43.71 9.61 -39.45
C18 OEK J . 42.38 10.27 -39.66
C19 OEK J . 40.74 9.67 -38.08
C20 OEK J . 39.31 9.16 -38.01
C21 OEK J . 38.40 9.64 -39.12
C22 OEK J . 36.93 9.26 -38.90
C23 OEK J . 35.98 9.84 -39.93
C24 OEK J . 34.53 9.73 -39.53
C25 OEK J . 48.64 4.25 -41.66
C26 OEK J . 49.84 3.57 -41.58
C27 OEK J . 50.17 2.82 -40.44
C28 OEK J . 51.52 2.15 -40.48
C29 OEK J . 49.85 2.59 -36.95
C30 OEK J . 49.99 4.00 -36.91
C31 OEK J . 50.31 4.65 -35.73
C32 OEK J . 51.33 -0.25 -35.26
C33 OEK J . 50.08 1.85 -35.76
C34 OEK J . 50.40 2.54 -34.58
C35 OEK J . 50.51 3.93 -34.54
C36 OEK J . 50.91 6.03 -33.34
C37 OEK J . 51.46 3.88 -32.29
C7 OEK J . 48.98 -1.51 -39.51
C8 OEK J . 49.06 -0.13 -39.42
C9 OEK J . 49.39 0.50 -38.23
N2 OEK J . 50.80 4.58 -33.37
O1 OEK J . 41.33 9.36 -39.34
O3 OEK J . 52.20 2.26 -41.52
O4 OEK J . 51.89 1.50 -39.46
CL CL K . 34.71 6.30 -40.88
N OEK L . -34.77 -10.22 -18.01
N1 OEK L . -34.78 -18.88 -11.86
C2 OEK L . -37.23 -11.97 -15.91
O2 OEK L . -34.49 -16.74 -11.28
C3 OEK L . -36.61 -10.99 -16.67
C4 OEK L . -35.35 -11.18 -17.24
C5 OEK L . -35.46 -8.97 -18.26
C6 OEK L . -33.61 -10.52 -18.83
C OEK L . -38.47 -10.50 -14.35
O OEK L . -34.87 -19.98 -8.38
C1 OEK L . -38.61 -11.67 -15.33
C10 OEK L . -37.27 -14.28 -15.00
C11 OEK L . -36.56 -15.59 -14.87
C12 OEK L . -36.09 -15.97 -13.61
C13 OEK L . -35.39 -17.16 -13.43
C14 OEK L . -34.85 -17.57 -12.10
C15 OEK L . -34.30 -19.39 -10.60
C16 OEK L . -35.40 -19.50 -9.59
C17 OEK L . -35.88 -20.10 -7.37
C18 OEK L . -35.23 -20.38 -6.06
C19 OEK L . -35.40 -18.55 -4.56
C20 OEK L . -34.46 -17.74 -3.71
C21 OEK L . -33.25 -18.53 -3.20
C22 OEK L . -32.40 -17.80 -2.17
C23 OEK L . -31.32 -18.65 -1.55
C24 OEK L . -30.72 -18.04 -0.31
C25 OEK L . -35.13 -17.97 -14.53
C26 OEK L . -35.59 -17.61 -15.79
C27 OEK L . -36.30 -16.42 -15.98
C28 OEK L . -36.79 -16.20 -17.39
C29 OEK L . -38.55 -14.11 -14.48
C30 OEK L . -39.20 -15.18 -13.81
C31 OEK L . -40.46 -15.02 -13.28
C32 OEK L . -39.52 -11.25 -16.49
C33 OEK L . -39.23 -12.86 -14.59
C34 OEK L . -40.50 -12.73 -14.03
C35 OEK L . -41.13 -13.80 -13.37
C36 OEK L . -43.03 -14.75 -12.16
C37 OEK L . -42.84 -12.33 -12.38
C7 OEK L . -34.70 -12.40 -17.03
C8 OEK L . -35.31 -13.39 -16.27
C9 OEK L . -36.57 -13.20 -15.72
N2 OEK L . -42.38 -13.64 -12.83
O1 OEK L . -34.64 -19.17 -5.59
O3 OEK L . -36.40 -16.99 -18.26
O4 OEK L . -37.53 -15.20 -17.61
CL CL M . -28.43 -15.78 -2.76
N OEK N . 40.70 -28.15 32.51
N1 OEK N . 30.26 -29.36 31.17
C2 OEK N . 38.28 -27.56 29.79
O2 OEK N . 31.46 -27.66 32.02
C3 OEK N . 39.44 -27.51 30.56
C4 OEK N . 39.55 -28.20 31.77
C5 OEK N . 41.84 -27.36 32.05
C6 OEK N . 40.99 -29.17 33.51
C OEK N . 38.44 -25.27 28.81
O OEK N . 27.09 -27.47 30.87
C1 OEK N . 38.24 -26.77 28.49
C10 OEK N . 35.97 -28.42 29.41
C11 OEK N . 34.85 -29.28 29.92
C12 OEK N . 33.71 -28.65 30.43
C13 OEK N . 32.66 -29.40 30.95
C14 OEK N . 31.41 -28.73 31.43
C15 OEK N . 28.96 -28.80 31.55
C16 OEK N . 28.39 -27.91 30.48
C17 OEK N . 26.46 -26.65 29.90
C18 OEK N . 25.16 -26.10 30.42
C19 OEK N . 25.13 -23.76 30.74
C20 OEK N . 24.76 -22.74 31.79
C21 OEK N . 23.58 -23.12 32.68
C22 OEK N . 23.13 -21.99 33.60
C23 OEK N . 21.86 -22.28 34.41
C24 OEK N . 21.26 -21.05 35.06
C25 OEK N . 32.75 -30.79 30.96
C26 OEK N . 33.87 -31.43 30.46
C27 OEK N . 34.94 -30.69 29.93
C28 OEK N . 36.06 -31.53 29.36
C29 OEK N . 35.86 -27.75 28.21
C30 OEK N . 34.69 -27.85 27.43
C31 OEK N . 34.56 -27.18 26.23
C32 OEK N . 39.39 -27.24 27.59
C33 OEK N . 36.92 -26.92 27.72
C34 OEK N . 36.76 -26.25 26.52
C35 OEK N . 35.59 -26.35 25.76
C36 OEK N . 34.22 -25.74 23.81
C37 OEK N . 36.36 -24.57 24.26
C7 OEK N . 38.46 -28.95 32.21
C8 OEK N . 37.30 -29.01 31.46
C9 OEK N . 37.19 -28.33 30.25
N2 OEK N . 35.45 -25.65 24.59
O1 OEK N . 25.38 -25.03 31.33
O3 OEK N . 35.98 -32.77 29.49
O4 OEK N . 37.01 -30.95 28.76
CL CL O . 23.66 -21.57 38.05
#